data_3BY5
# 
_entry.id   3BY5 
# 
_audit_conform.dict_name       mmcif_pdbx.dic 
_audit_conform.dict_version    5.399 
_audit_conform.dict_location   http://mmcif.pdb.org/dictionaries/ascii/mmcif_pdbx.dic 
# 
loop_
_database_2.database_id 
_database_2.database_code 
_database_2.pdbx_database_accession 
_database_2.pdbx_DOI 
PDB   3BY5         pdb_00003by5 10.2210/pdb3by5/pdb 
RCSB  RCSB046102   ?            ?                   
WWPDB D_1000046102 ?            ?                   
# 
loop_
_pdbx_audit_revision_history.ordinal 
_pdbx_audit_revision_history.data_content_type 
_pdbx_audit_revision_history.major_revision 
_pdbx_audit_revision_history.minor_revision 
_pdbx_audit_revision_history.revision_date 
1 'Structure model' 1 0 2008-01-22 
2 'Structure model' 1 1 2011-07-13 
3 'Structure model' 1 2 2017-10-25 
4 'Structure model' 1 3 2018-11-14 
5 'Structure model' 1 4 2021-02-03 
6 'Structure model' 1 5 2024-11-20 
# 
_pdbx_audit_revision_details.ordinal             1 
_pdbx_audit_revision_details.revision_ordinal    1 
_pdbx_audit_revision_details.data_content_type   'Structure model' 
_pdbx_audit_revision_details.provider            repository 
_pdbx_audit_revision_details.type                'Initial release' 
_pdbx_audit_revision_details.description         ? 
_pdbx_audit_revision_details.details             ? 
# 
loop_
_pdbx_audit_revision_group.ordinal 
_pdbx_audit_revision_group.revision_ordinal 
_pdbx_audit_revision_group.data_content_type 
_pdbx_audit_revision_group.group 
1  2 'Structure model' 'Source and taxonomy'       
2  2 'Structure model' 'Version format compliance' 
3  3 'Structure model' 'Refinement description'    
4  4 'Structure model' 'Data collection'           
5  4 'Structure model' 'Structure summary'         
6  5 'Structure model' 'Database references'       
7  5 'Structure model' 'Derived calculations'      
8  5 'Structure model' 'Structure summary'         
9  6 'Structure model' 'Data collection'           
10 6 'Structure model' 'Database references'       
11 6 'Structure model' 'Structure summary'         
# 
loop_
_pdbx_audit_revision_category.ordinal 
_pdbx_audit_revision_category.revision_ordinal 
_pdbx_audit_revision_category.data_content_type 
_pdbx_audit_revision_category.category 
1  3 'Structure model' software                  
2  4 'Structure model' audit_author              
3  5 'Structure model' audit_author              
4  5 'Structure model' citation_author           
5  5 'Structure model' struct_conn               
6  5 'Structure model' struct_ref_seq_dif        
7  5 'Structure model' struct_site               
8  6 'Structure model' chem_comp_atom            
9  6 'Structure model' chem_comp_bond            
10 6 'Structure model' database_2                
11 6 'Structure model' pdbx_entry_details        
12 6 'Structure model' pdbx_modification_feature 
# 
loop_
_pdbx_audit_revision_item.ordinal 
_pdbx_audit_revision_item.revision_ordinal 
_pdbx_audit_revision_item.data_content_type 
_pdbx_audit_revision_item.item 
1  3 'Structure model' '_software.name'                      
2  4 'Structure model' '_audit_author.identifier_ORCID'      
3  5 'Structure model' '_audit_author.identifier_ORCID'      
4  5 'Structure model' '_citation_author.identifier_ORCID'   
5  5 'Structure model' '_struct_conn.pdbx_leaving_atom_flag' 
6  5 'Structure model' '_struct_ref_seq_dif.details'         
7  5 'Structure model' '_struct_site.pdbx_auth_asym_id'      
8  5 'Structure model' '_struct_site.pdbx_auth_comp_id'      
9  5 'Structure model' '_struct_site.pdbx_auth_seq_id'       
10 6 'Structure model' '_database_2.pdbx_DOI'                
11 6 'Structure model' '_database_2.pdbx_database_accession' 
# 
_pdbx_database_status.status_code                     REL 
_pdbx_database_status.entry_id                        3BY5 
_pdbx_database_status.recvd_initial_deposition_date   2008-01-15 
_pdbx_database_status.deposit_site                    RCSB 
_pdbx_database_status.process_site                    RCSB 
_pdbx_database_status.status_code_sf                  REL 
_pdbx_database_status.status_code_mr                  ? 
_pdbx_database_status.SG_entry                        Y 
_pdbx_database_status.pdb_format_compatible           Y 
_pdbx_database_status.status_code_cs                  ? 
_pdbx_database_status.methods_development_category    ? 
_pdbx_database_status.status_code_nmr_data            ? 
# 
_pdbx_database_related.db_name        TargetDB 
_pdbx_database_related.db_id          NYSGXRC-10037i 
_pdbx_database_related.details        . 
_pdbx_database_related.content_type   unspecified 
# 
loop_
_audit_author.name 
_audit_author.pdbx_ordinal 
_audit_author.identifier_ORCID 
'Patskovsky, Y.'                                                 1  ?                   
'Bonanno, J.B.'                                                  2  ?                   
'Sojitra, S.'                                                    3  ?                   
'Rutter, M.'                                                     4  ?                   
'Iizuka, M.'                                                     5  ?                   
'Maletic, M.'                                                    6  ?                   
'Wasserman, S.R.'                                                7  ?                   
'Sauder, J.M.'                                                   8  0000-0002-0254-4955 
'Burley, S.K.'                                                   9  0000-0002-2487-9713 
'Almo, S.C.'                                                     10 ?                   
'New York SGX Research Center for Structural Genomics (NYSGXRC)' 11 ?                   
# 
_citation.id                        primary 
_citation.title                     'Crystal structure of cobalamin biosynthesis protein from Agrobacterium tumefaciens str. C58.' 
_citation.journal_abbrev            'To be Published' 
_citation.journal_volume            ? 
_citation.page_first                ? 
_citation.page_last                 ? 
_citation.year                      ? 
_citation.journal_id_ASTM           ? 
_citation.country                   ? 
_citation.journal_id_ISSN           ? 
_citation.journal_id_CSD            0353 
_citation.book_publisher            ? 
_citation.pdbx_database_id_PubMed   ? 
_citation.pdbx_database_id_DOI      ? 
# 
loop_
_citation_author.citation_id 
_citation_author.name 
_citation_author.ordinal 
_citation_author.identifier_ORCID 
primary 'Patskovsky, Y.'  1  ?                   
primary 'Bonanno, J.B.'   2  ?                   
primary 'Sojitra, S.'     3  ?                   
primary 'Rutter, M.'      4  ?                   
primary 'Iizuka, M.'      5  ?                   
primary 'Maletic, M.'     6  ?                   
primary 'Wasserman, S.R.' 7  ?                   
primary 'Sauder, J.M.'    8  ?                   
primary 'Burley, S.K.'    9  0000-0002-2487-9713 
primary 'Almo, S.C.'      10 ?                   
# 
loop_
_entity.id 
_entity.type 
_entity.src_method 
_entity.pdbx_description 
_entity.formula_weight 
_entity.pdbx_number_of_molecules 
_entity.pdbx_ec 
_entity.pdbx_mutation 
_entity.pdbx_fragment 
_entity.details 
1 polymer     man 'Cobalamin biosynthesis protein' 15882.149 1  ? ? ? ? 
2 non-polymer syn 'SULFATE ION'                    96.063    1  ? ? ? ? 
3 water       nat water                            18.015    13 ? ? ? ? 
# 
_entity_name_com.entity_id   1 
_entity_name_com.name        'Protein AGR_C_5076p' 
# 
_entity_poly.entity_id                      1 
_entity_poly.type                           'polypeptide(L)' 
_entity_poly.nstd_linkage                   no 
_entity_poly.nstd_monomer                   yes 
_entity_poly.pdbx_seq_one_letter_code       
;(MSE)SLELGQA(MSE)VTVAGIGCRKGAASDAIIAAVRAAERAFGVTVDYLATAPLKADEAGLAEAAKGLSLSLEIVAQ
ERLEAVAAET(MSE)TFSQASLDHSGSPSVSEAAALAAAGAGARLVAPRLVVGDVTVAIA(MSE)TSDAPHGSRSAIEYG
EQEEGHHHHHH
;
_entity_poly.pdbx_seq_one_letter_code_can   
;MSLELGQAMVTVAGIGCRKGAASDAIIAAVRAAERAFGVTVDYLATAPLKADEAGLAEAAKGLSLSLEIVAQERLEAVAA
ETMTFSQASLDHSGSPSVSEAAALAAAGAGARLVAPRLVVGDVTVAIAMTSDAPHGSRSAIEYGEQEEGHHHHHH
;
_entity_poly.pdbx_strand_id                 A 
_entity_poly.pdbx_target_identifier         NYSGXRC-10037i 
# 
loop_
_pdbx_entity_nonpoly.entity_id 
_pdbx_entity_nonpoly.name 
_pdbx_entity_nonpoly.comp_id 
2 'SULFATE ION' SO4 
3 water         HOH 
# 
loop_
_entity_poly_seq.entity_id 
_entity_poly_seq.num 
_entity_poly_seq.mon_id 
_entity_poly_seq.hetero 
1 1   MSE n 
1 2   SER n 
1 3   LEU n 
1 4   GLU n 
1 5   LEU n 
1 6   GLY n 
1 7   GLN n 
1 8   ALA n 
1 9   MSE n 
1 10  VAL n 
1 11  THR n 
1 12  VAL n 
1 13  ALA n 
1 14  GLY n 
1 15  ILE n 
1 16  GLY n 
1 17  CYS n 
1 18  ARG n 
1 19  LYS n 
1 20  GLY n 
1 21  ALA n 
1 22  ALA n 
1 23  SER n 
1 24  ASP n 
1 25  ALA n 
1 26  ILE n 
1 27  ILE n 
1 28  ALA n 
1 29  ALA n 
1 30  VAL n 
1 31  ARG n 
1 32  ALA n 
1 33  ALA n 
1 34  GLU n 
1 35  ARG n 
1 36  ALA n 
1 37  PHE n 
1 38  GLY n 
1 39  VAL n 
1 40  THR n 
1 41  VAL n 
1 42  ASP n 
1 43  TYR n 
1 44  LEU n 
1 45  ALA n 
1 46  THR n 
1 47  ALA n 
1 48  PRO n 
1 49  LEU n 
1 50  LYS n 
1 51  ALA n 
1 52  ASP n 
1 53  GLU n 
1 54  ALA n 
1 55  GLY n 
1 56  LEU n 
1 57  ALA n 
1 58  GLU n 
1 59  ALA n 
1 60  ALA n 
1 61  LYS n 
1 62  GLY n 
1 63  LEU n 
1 64  SER n 
1 65  LEU n 
1 66  SER n 
1 67  LEU n 
1 68  GLU n 
1 69  ILE n 
1 70  VAL n 
1 71  ALA n 
1 72  GLN n 
1 73  GLU n 
1 74  ARG n 
1 75  LEU n 
1 76  GLU n 
1 77  ALA n 
1 78  VAL n 
1 79  ALA n 
1 80  ALA n 
1 81  GLU n 
1 82  THR n 
1 83  MSE n 
1 84  THR n 
1 85  PHE n 
1 86  SER n 
1 87  GLN n 
1 88  ALA n 
1 89  SER n 
1 90  LEU n 
1 91  ASP n 
1 92  HIS n 
1 93  SER n 
1 94  GLY n 
1 95  SER n 
1 96  PRO n 
1 97  SER n 
1 98  VAL n 
1 99  SER n 
1 100 GLU n 
1 101 ALA n 
1 102 ALA n 
1 103 ALA n 
1 104 LEU n 
1 105 ALA n 
1 106 ALA n 
1 107 ALA n 
1 108 GLY n 
1 109 ALA n 
1 110 GLY n 
1 111 ALA n 
1 112 ARG n 
1 113 LEU n 
1 114 VAL n 
1 115 ALA n 
1 116 PRO n 
1 117 ARG n 
1 118 LEU n 
1 119 VAL n 
1 120 VAL n 
1 121 GLY n 
1 122 ASP n 
1 123 VAL n 
1 124 THR n 
1 125 VAL n 
1 126 ALA n 
1 127 ILE n 
1 128 ALA n 
1 129 MSE n 
1 130 THR n 
1 131 SER n 
1 132 ASP n 
1 133 ALA n 
1 134 PRO n 
1 135 HIS n 
1 136 GLY n 
1 137 SER n 
1 138 ARG n 
1 139 SER n 
1 140 ALA n 
1 141 ILE n 
1 142 GLU n 
1 143 TYR n 
1 144 GLY n 
1 145 GLU n 
1 146 GLN n 
1 147 GLU n 
1 148 GLU n 
1 149 GLY n 
1 150 HIS n 
1 151 HIS n 
1 152 HIS n 
1 153 HIS n 
1 154 HIS n 
1 155 HIS n 
# 
_entity_src_gen.entity_id                          1 
_entity_src_gen.pdbx_src_id                        1 
_entity_src_gen.pdbx_alt_source_flag               sample 
_entity_src_gen.pdbx_seq_type                      ? 
_entity_src_gen.pdbx_beg_seq_num                   ? 
_entity_src_gen.pdbx_end_seq_num                   ? 
_entity_src_gen.gene_src_common_name               ? 
_entity_src_gen.gene_src_genus                     Agrobacterium 
_entity_src_gen.pdbx_gene_src_gene                 chiG 
_entity_src_gen.gene_src_species                   'Agrobacterium tumefaciens' 
_entity_src_gen.gene_src_strain                    C58 
_entity_src_gen.gene_src_tissue                    ? 
_entity_src_gen.gene_src_tissue_fraction           ? 
_entity_src_gen.gene_src_details                   ? 
_entity_src_gen.pdbx_gene_src_fragment             ? 
_entity_src_gen.pdbx_gene_src_scientific_name      'Agrobacterium tumefaciens str.' 
_entity_src_gen.pdbx_gene_src_ncbi_taxonomy_id     176299 
_entity_src_gen.pdbx_gene_src_variant              ? 
_entity_src_gen.pdbx_gene_src_cell_line            ? 
_entity_src_gen.pdbx_gene_src_atcc                 33970 
_entity_src_gen.pdbx_gene_src_organ                ? 
_entity_src_gen.pdbx_gene_src_organelle            ? 
_entity_src_gen.pdbx_gene_src_cell                 ? 
_entity_src_gen.pdbx_gene_src_cellular_location    ? 
_entity_src_gen.host_org_common_name               ? 
_entity_src_gen.pdbx_host_org_scientific_name      'Escherichia coli' 
_entity_src_gen.pdbx_host_org_ncbi_taxonomy_id     562 
_entity_src_gen.host_org_genus                     Escherichia 
_entity_src_gen.pdbx_host_org_gene                 ? 
_entity_src_gen.pdbx_host_org_organ                ? 
_entity_src_gen.host_org_species                   ? 
_entity_src_gen.pdbx_host_org_tissue               ? 
_entity_src_gen.pdbx_host_org_tissue_fraction      ? 
_entity_src_gen.pdbx_host_org_strain               ? 
_entity_src_gen.pdbx_host_org_variant              ? 
_entity_src_gen.pdbx_host_org_cell_line            ? 
_entity_src_gen.pdbx_host_org_atcc                 ? 
_entity_src_gen.pdbx_host_org_culture_collection   ? 
_entity_src_gen.pdbx_host_org_cell                 ? 
_entity_src_gen.pdbx_host_org_organelle            ? 
_entity_src_gen.pdbx_host_org_cellular_location    ? 
_entity_src_gen.pdbx_host_org_vector_type          Plasmid 
_entity_src_gen.pdbx_host_org_vector               pET 
_entity_src_gen.host_org_details                   ? 
_entity_src_gen.expression_system_id               ? 
_entity_src_gen.plasmid_name                       'BC-pSGX3(BC)' 
_entity_src_gen.plasmid_details                    ? 
_entity_src_gen.pdbx_description                   ? 
# 
loop_
_chem_comp.id 
_chem_comp.type 
_chem_comp.mon_nstd_flag 
_chem_comp.name 
_chem_comp.pdbx_synonyms 
_chem_comp.formula 
_chem_comp.formula_weight 
ALA 'L-peptide linking' y ALANINE          ? 'C3 H7 N O2'     89.093  
ARG 'L-peptide linking' y ARGININE         ? 'C6 H15 N4 O2 1' 175.209 
ASP 'L-peptide linking' y 'ASPARTIC ACID'  ? 'C4 H7 N O4'     133.103 
CYS 'L-peptide linking' y CYSTEINE         ? 'C3 H7 N O2 S'   121.158 
GLN 'L-peptide linking' y GLUTAMINE        ? 'C5 H10 N2 O3'   146.144 
GLU 'L-peptide linking' y 'GLUTAMIC ACID'  ? 'C5 H9 N O4'     147.129 
GLY 'peptide linking'   y GLYCINE          ? 'C2 H5 N O2'     75.067  
HIS 'L-peptide linking' y HISTIDINE        ? 'C6 H10 N3 O2 1' 156.162 
HOH non-polymer         . WATER            ? 'H2 O'           18.015  
ILE 'L-peptide linking' y ISOLEUCINE       ? 'C6 H13 N O2'    131.173 
LEU 'L-peptide linking' y LEUCINE          ? 'C6 H13 N O2'    131.173 
LYS 'L-peptide linking' y LYSINE           ? 'C6 H15 N2 O2 1' 147.195 
MSE 'L-peptide linking' n SELENOMETHIONINE ? 'C5 H11 N O2 Se' 196.106 
PHE 'L-peptide linking' y PHENYLALANINE    ? 'C9 H11 N O2'    165.189 
PRO 'L-peptide linking' y PROLINE          ? 'C5 H9 N O2'     115.130 
SER 'L-peptide linking' y SERINE           ? 'C3 H7 N O3'     105.093 
SO4 non-polymer         . 'SULFATE ION'    ? 'O4 S -2'        96.063  
THR 'L-peptide linking' y THREONINE        ? 'C4 H9 N O3'     119.119 
TYR 'L-peptide linking' y TYROSINE         ? 'C9 H11 N O3'    181.189 
VAL 'L-peptide linking' y VALINE           ? 'C5 H11 N O2'    117.146 
# 
loop_
_pdbx_poly_seq_scheme.asym_id 
_pdbx_poly_seq_scheme.entity_id 
_pdbx_poly_seq_scheme.seq_id 
_pdbx_poly_seq_scheme.mon_id 
_pdbx_poly_seq_scheme.ndb_seq_num 
_pdbx_poly_seq_scheme.pdb_seq_num 
_pdbx_poly_seq_scheme.auth_seq_num 
_pdbx_poly_seq_scheme.pdb_mon_id 
_pdbx_poly_seq_scheme.auth_mon_id 
_pdbx_poly_seq_scheme.pdb_strand_id 
_pdbx_poly_seq_scheme.pdb_ins_code 
_pdbx_poly_seq_scheme.hetero 
A 1 1   MSE 1   -1  ?   ?   ?   A . n 
A 1 2   SER 2   0   ?   ?   ?   A . n 
A 1 3   LEU 3   1   ?   ?   ?   A . n 
A 1 4   GLU 4   2   ?   ?   ?   A . n 
A 1 5   LEU 5   3   ?   ?   ?   A . n 
A 1 6   GLY 6   4   ?   ?   ?   A . n 
A 1 7   GLN 7   5   ?   ?   ?   A . n 
A 1 8   ALA 8   6   ?   ?   ?   A . n 
A 1 9   MSE 9   7   ?   ?   ?   A . n 
A 1 10  VAL 10  8   8   VAL VAL A . n 
A 1 11  THR 11  9   9   THR THR A . n 
A 1 12  VAL 12  10  10  VAL VAL A . n 
A 1 13  ALA 13  11  11  ALA ALA A . n 
A 1 14  GLY 14  12  12  GLY GLY A . n 
A 1 15  ILE 15  13  13  ILE ILE A . n 
A 1 16  GLY 16  14  14  GLY GLY A . n 
A 1 17  CYS 17  15  15  CYS CYS A . n 
A 1 18  ARG 18  16  16  ARG ARG A . n 
A 1 19  LYS 19  17  17  LYS LYS A . n 
A 1 20  GLY 20  18  18  GLY GLY A . n 
A 1 21  ALA 21  19  19  ALA ALA A . n 
A 1 22  ALA 22  20  20  ALA ALA A . n 
A 1 23  SER 23  21  21  SER SER A . n 
A 1 24  ASP 24  22  22  ASP ASP A . n 
A 1 25  ALA 25  23  23  ALA ALA A . n 
A 1 26  ILE 26  24  24  ILE ILE A . n 
A 1 27  ILE 27  25  25  ILE ILE A . n 
A 1 28  ALA 28  26  26  ALA ALA A . n 
A 1 29  ALA 29  27  27  ALA ALA A . n 
A 1 30  VAL 30  28  28  VAL VAL A . n 
A 1 31  ARG 31  29  29  ARG ARG A . n 
A 1 32  ALA 32  30  30  ALA ALA A . n 
A 1 33  ALA 33  31  31  ALA ALA A . n 
A 1 34  GLU 34  32  32  GLU GLU A . n 
A 1 35  ARG 35  33  33  ARG ARG A . n 
A 1 36  ALA 36  34  34  ALA ALA A . n 
A 1 37  PHE 37  35  35  PHE PHE A . n 
A 1 38  GLY 38  36  36  GLY GLY A . n 
A 1 39  VAL 39  37  37  VAL VAL A . n 
A 1 40  THR 40  38  38  THR THR A . n 
A 1 41  VAL 41  39  39  VAL VAL A . n 
A 1 42  ASP 42  40  40  ASP ASP A . n 
A 1 43  TYR 43  41  41  TYR TYR A . n 
A 1 44  LEU 44  42  42  LEU LEU A . n 
A 1 45  ALA 45  43  43  ALA ALA A . n 
A 1 46  THR 46  44  44  THR THR A . n 
A 1 47  ALA 47  45  45  ALA ALA A . n 
A 1 48  PRO 48  46  46  PRO PRO A . n 
A 1 49  LEU 49  47  47  LEU LEU A . n 
A 1 50  LYS 50  48  48  LYS LYS A . n 
A 1 51  ALA 51  49  49  ALA ALA A . n 
A 1 52  ASP 52  50  50  ASP ASP A . n 
A 1 53  GLU 53  51  51  GLU GLU A . n 
A 1 54  ALA 54  52  52  ALA ALA A . n 
A 1 55  GLY 55  53  53  GLY GLY A . n 
A 1 56  LEU 56  54  54  LEU LEU A . n 
A 1 57  ALA 57  55  55  ALA ALA A . n 
A 1 58  GLU 58  56  56  GLU GLU A . n 
A 1 59  ALA 59  57  57  ALA ALA A . n 
A 1 60  ALA 60  58  58  ALA ALA A . n 
A 1 61  LYS 61  59  59  LYS LYS A . n 
A 1 62  GLY 62  60  60  GLY GLY A . n 
A 1 63  LEU 63  61  61  LEU LEU A . n 
A 1 64  SER 64  62  62  SER SER A . n 
A 1 65  LEU 65  63  63  LEU LEU A . n 
A 1 66  SER 66  64  64  SER SER A . n 
A 1 67  LEU 67  65  65  LEU LEU A . n 
A 1 68  GLU 68  66  66  GLU GLU A . n 
A 1 69  ILE 69  67  67  ILE ILE A . n 
A 1 70  VAL 70  68  68  VAL VAL A . n 
A 1 71  ALA 71  69  69  ALA ALA A . n 
A 1 72  GLN 72  70  70  GLN GLN A . n 
A 1 73  GLU 73  71  71  GLU GLU A . n 
A 1 74  ARG 74  72  72  ARG ARG A . n 
A 1 75  LEU 75  73  73  LEU LEU A . n 
A 1 76  GLU 76  74  74  GLU GLU A . n 
A 1 77  ALA 77  75  75  ALA ALA A . n 
A 1 78  VAL 78  76  76  VAL VAL A . n 
A 1 79  ALA 79  77  77  ALA ALA A . n 
A 1 80  ALA 80  78  78  ALA ALA A . n 
A 1 81  GLU 81  79  79  GLU GLU A . n 
A 1 82  THR 82  80  80  THR THR A . n 
A 1 83  MSE 83  81  81  MSE MSE A . n 
A 1 84  THR 84  82  82  THR THR A . n 
A 1 85  PHE 85  83  83  PHE PHE A . n 
A 1 86  SER 86  84  84  SER SER A . n 
A 1 87  GLN 87  85  85  GLN GLN A . n 
A 1 88  ALA 88  86  86  ALA ALA A . n 
A 1 89  SER 89  87  87  SER SER A . n 
A 1 90  LEU 90  88  88  LEU LEU A . n 
A 1 91  ASP 91  89  89  ASP ASP A . n 
A 1 92  HIS 92  90  90  HIS HIS A . n 
A 1 93  SER 93  91  91  SER SER A . n 
A 1 94  GLY 94  92  92  GLY GLY A . n 
A 1 95  SER 95  93  93  SER SER A . n 
A 1 96  PRO 96  94  94  PRO PRO A . n 
A 1 97  SER 97  95  95  SER SER A . n 
A 1 98  VAL 98  96  96  VAL VAL A . n 
A 1 99  SER 99  97  97  SER SER A . n 
A 1 100 GLU 100 98  98  GLU GLU A . n 
A 1 101 ALA 101 99  99  ALA ALA A . n 
A 1 102 ALA 102 100 100 ALA ALA A . n 
A 1 103 ALA 103 101 101 ALA ALA A . n 
A 1 104 LEU 104 102 102 LEU LEU A . n 
A 1 105 ALA 105 103 103 ALA ALA A . n 
A 1 106 ALA 106 104 104 ALA ALA A . n 
A 1 107 ALA 107 105 105 ALA ALA A . n 
A 1 108 GLY 108 106 106 GLY GLY A . n 
A 1 109 ALA 109 107 107 ALA ALA A . n 
A 1 110 GLY 110 108 108 GLY GLY A . n 
A 1 111 ALA 111 109 109 ALA ALA A . n 
A 1 112 ARG 112 110 110 ARG ARG A . n 
A 1 113 LEU 113 111 111 LEU LEU A . n 
A 1 114 VAL 114 112 112 VAL VAL A . n 
A 1 115 ALA 115 113 113 ALA ALA A . n 
A 1 116 PRO 116 114 114 PRO PRO A . n 
A 1 117 ARG 117 115 115 ARG ARG A . n 
A 1 118 LEU 118 116 116 LEU LEU A . n 
A 1 119 VAL 119 117 117 VAL VAL A . n 
A 1 120 VAL 120 118 118 VAL VAL A . n 
A 1 121 GLY 121 119 119 GLY GLY A . n 
A 1 122 ASP 122 120 120 ASP ASP A . n 
A 1 123 VAL 123 121 121 VAL VAL A . n 
A 1 124 THR 124 122 122 THR THR A . n 
A 1 125 VAL 125 123 123 VAL VAL A . n 
A 1 126 ALA 126 124 124 ALA ALA A . n 
A 1 127 ILE 127 125 125 ILE ILE A . n 
A 1 128 ALA 128 126 126 ALA ALA A . n 
A 1 129 MSE 129 127 127 MSE MSE A . n 
A 1 130 THR 130 128 128 THR THR A . n 
A 1 131 SER 131 129 129 SER SER A . n 
A 1 132 ASP 132 130 130 ASP ASP A . n 
A 1 133 ALA 133 131 ?   ?   ?   A . n 
A 1 134 PRO 134 132 ?   ?   ?   A . n 
A 1 135 HIS 135 133 ?   ?   ?   A . n 
A 1 136 GLY 136 134 ?   ?   ?   A . n 
A 1 137 SER 137 135 ?   ?   ?   A . n 
A 1 138 ARG 138 136 ?   ?   ?   A . n 
A 1 139 SER 139 137 ?   ?   ?   A . n 
A 1 140 ALA 140 138 ?   ?   ?   A . n 
A 1 141 ILE 141 139 ?   ?   ?   A . n 
A 1 142 GLU 142 140 ?   ?   ?   A . n 
A 1 143 TYR 143 141 ?   ?   ?   A . n 
A 1 144 GLY 144 142 ?   ?   ?   A . n 
A 1 145 GLU 145 143 ?   ?   ?   A . n 
A 1 146 GLN 146 144 ?   ?   ?   A . n 
A 1 147 GLU 147 145 ?   ?   ?   A . n 
A 1 148 GLU 148 146 ?   ?   ?   A . n 
A 1 149 GLY 149 147 ?   ?   ?   A . n 
A 1 150 HIS 150 148 ?   ?   ?   A . n 
A 1 151 HIS 151 149 ?   ?   ?   A . n 
A 1 152 HIS 152 150 ?   ?   ?   A . n 
A 1 153 HIS 153 151 ?   ?   ?   A . n 
A 1 154 HIS 154 152 ?   ?   ?   A . n 
A 1 155 HIS 155 153 ?   ?   ?   A . n 
# 
loop_
_pdbx_nonpoly_scheme.asym_id 
_pdbx_nonpoly_scheme.entity_id 
_pdbx_nonpoly_scheme.mon_id 
_pdbx_nonpoly_scheme.ndb_seq_num 
_pdbx_nonpoly_scheme.pdb_seq_num 
_pdbx_nonpoly_scheme.auth_seq_num 
_pdbx_nonpoly_scheme.pdb_mon_id 
_pdbx_nonpoly_scheme.auth_mon_id 
_pdbx_nonpoly_scheme.pdb_strand_id 
_pdbx_nonpoly_scheme.pdb_ins_code 
B 2 SO4 1  201 1  SO4 SO4 A . 
C 3 HOH 1  301 1  HOH HOH A . 
C 3 HOH 2  302 2  HOH HOH A . 
C 3 HOH 3  304 4  HOH HOH A . 
C 3 HOH 4  305 5  HOH HOH A . 
C 3 HOH 5  306 6  HOH HOH A . 
C 3 HOH 6  307 7  HOH HOH A . 
C 3 HOH 7  308 8  HOH HOH A . 
C 3 HOH 8  309 9  HOH HOH A . 
C 3 HOH 9  310 10 HOH HOH A . 
C 3 HOH 10 311 11 HOH HOH A . 
C 3 HOH 11 312 12 HOH HOH A . 
C 3 HOH 12 313 13 HOH HOH A . 
C 3 HOH 13 314 14 HOH HOH A . 
# 
loop_
_software.name 
_software.classification 
_software.version 
_software.citation_id 
_software.pdbx_ordinal 
SHELX    'model building'  .        ? 1 
REFMAC   refinement        5.3.0034 ? 2 
MAR345   'data collection' CCD      ? 3 
HKL-2000 'data reduction'  .        ? 4 
HKL-2000 'data scaling'    .        ? 5 
SHELXD   phasing           .        ? 6 
# 
_cell.entry_id           3BY5 
_cell.length_a           72.023 
_cell.length_b           72.023 
_cell.length_c           141.069 
_cell.angle_alpha        90.00 
_cell.angle_beta         90.00 
_cell.angle_gamma        120.00 
_cell.Z_PDB              18 
_cell.pdbx_unique_axis   ? 
_cell.length_a_esd       ? 
_cell.length_b_esd       ? 
_cell.length_c_esd       ? 
_cell.angle_alpha_esd    ? 
_cell.angle_beta_esd     ? 
_cell.angle_gamma_esd    ? 
# 
_symmetry.entry_id                         3BY5 
_symmetry.space_group_name_H-M             'H 3 2' 
_symmetry.pdbx_full_space_group_name_H-M   ? 
_symmetry.cell_setting                     ? 
_symmetry.Int_Tables_number                155 
_symmetry.space_group_name_Hall            ? 
# 
_exptl.entry_id          3BY5 
_exptl.method            'X-RAY DIFFRACTION' 
_exptl.crystals_number   1 
# 
_exptl_crystal.id                    1 
_exptl_crystal.density_meas          ? 
_exptl_crystal.density_Matthews      2.22 
_exptl_crystal.density_percent_sol   44.51 
_exptl_crystal.description           ? 
_exptl_crystal.F_000                 ? 
_exptl_crystal.preparation           ? 
# 
_exptl_crystal_grow.crystal_id      1 
_exptl_crystal_grow.method          'VAPOR DIFFUSION, SITTING DROP' 
_exptl_crystal_grow.temp            294 
_exptl_crystal_grow.temp_details    ? 
_exptl_crystal_grow.pH              5.2 
_exptl_crystal_grow.pdbx_details    
'100mM Bis-Tris pH 5.2, 29% PEG 3350, 200mM Ammonium sulfate, 10% Glycerol, VAPOR DIFFUSION, SITTING DROP, temperature 294K' 
_exptl_crystal_grow.pdbx_pH_range   . 
# 
_diffrn.id                     1 
_diffrn.ambient_temp           77.0 
_diffrn.ambient_temp_details   ? 
_diffrn.crystal_id             1 
# 
_diffrn_detector.diffrn_id              1 
_diffrn_detector.detector               CCD 
_diffrn_detector.type                   'MAR CCD 165 mm' 
_diffrn_detector.pdbx_collection_date   2007-07-19 
_diffrn_detector.details                ? 
# 
_diffrn_radiation.diffrn_id                        1 
_diffrn_radiation.wavelength_id                    1 
_diffrn_radiation.pdbx_monochromatic_or_laue_m_l   M 
_diffrn_radiation.monochromator                    Diamond 
_diffrn_radiation.pdbx_diffrn_protocol             'SINGLE WAVELENGTH' 
_diffrn_radiation.pdbx_scattering_type             x-ray 
# 
_diffrn_radiation_wavelength.id           1 
_diffrn_radiation_wavelength.wavelength   0.9796 
_diffrn_radiation_wavelength.wt           1.0 
# 
_diffrn_source.diffrn_id                   1 
_diffrn_source.source                      SYNCHROTRON 
_diffrn_source.type                        'APS BEAMLINE 31-ID' 
_diffrn_source.pdbx_synchrotron_site       APS 
_diffrn_source.pdbx_synchrotron_beamline   31-ID 
_diffrn_source.pdbx_wavelength             ? 
_diffrn_source.pdbx_wavelength_list        0.9796 
# 
_reflns.entry_id                     3BY5 
_reflns.observed_criterion_sigma_I   -5.000 
_reflns.observed_criterion_sigma_F   ? 
_reflns.d_resolution_low             50.000 
_reflns.d_resolution_high            2.52 
_reflns.number_obs                   4985 
_reflns.number_all                   ? 
_reflns.percent_possible_obs         99.6 
_reflns.pdbx_Rmerge_I_obs            0.138 
_reflns.pdbx_Rsym_value              ? 
_reflns.pdbx_netI_over_sigmaI        3.7000 
_reflns.B_iso_Wilson_estimate        52.388 
_reflns.pdbx_redundancy              6.400 
_reflns.R_free_details               ? 
_reflns.limit_h_max                  ? 
_reflns.limit_h_min                  ? 
_reflns.limit_k_max                  ? 
_reflns.limit_k_min                  ? 
_reflns.limit_l_max                  ? 
_reflns.limit_l_min                  ? 
_reflns.observed_criterion_F_max     ? 
_reflns.observed_criterion_F_min     ? 
_reflns.pdbx_chi_squared             ? 
_reflns.pdbx_scaling_rejects         ? 
_reflns.pdbx_ordinal                 1 
_reflns.pdbx_diffrn_id               1 
# 
_reflns_shell.d_res_high             2.52 
_reflns_shell.d_res_low              2.61 
_reflns_shell.percent_possible_all   97.2 
_reflns_shell.Rmerge_I_obs           0.890 
_reflns_shell.pdbx_Rsym_value        ? 
_reflns_shell.meanI_over_sigI_obs    1.200 
_reflns_shell.pdbx_redundancy        5.30 
_reflns_shell.percent_possible_obs   ? 
_reflns_shell.number_unique_all      ? 
_reflns_shell.number_measured_all    ? 
_reflns_shell.number_measured_obs    ? 
_reflns_shell.number_unique_obs      ? 
_reflns_shell.pdbx_chi_squared       ? 
_reflns_shell.pdbx_ordinal           1 
_reflns_shell.pdbx_diffrn_id         1 
# 
_refine.entry_id                                 3BY5 
_refine.ls_number_reflns_obs                     4822 
_refine.ls_number_reflns_all                     ? 
_refine.pdbx_ls_sigma_I                          ? 
_refine.pdbx_ls_sigma_F                          ? 
_refine.pdbx_data_cutoff_high_absF               ? 
_refine.pdbx_data_cutoff_low_absF                ? 
_refine.pdbx_data_cutoff_high_rms_absF           ? 
_refine.ls_d_res_low                             20.00 
_refine.ls_d_res_high                            2.52 
_refine.ls_percent_reflns_obs                    99.78 
_refine.ls_R_factor_obs                          0.21289 
_refine.ls_R_factor_all                          ? 
_refine.ls_R_factor_R_work                       0.21144 
_refine.ls_R_factor_R_free                       0.27187 
_refine.ls_R_factor_R_free_error                 ? 
_refine.ls_R_factor_R_free_error_details         ? 
_refine.ls_percent_reflns_R_free                 2.7 
_refine.ls_number_reflns_R_free                  133 
_refine.ls_number_parameters                     ? 
_refine.ls_number_restraints                     ? 
_refine.occupancy_min                            ? 
_refine.occupancy_max                            ? 
_refine.correlation_coeff_Fo_to_Fc               0.951 
_refine.correlation_coeff_Fo_to_Fc_free          0.923 
_refine.B_iso_mean                               48.940 
_refine.aniso_B[1][1]                            2.97 
_refine.aniso_B[2][2]                            2.97 
_refine.aniso_B[3][3]                            -4.46 
_refine.aniso_B[1][2]                            1.49 
_refine.aniso_B[1][3]                            0.00 
_refine.aniso_B[2][3]                            0.00 
_refine.solvent_model_details                    MASK 
_refine.solvent_model_param_ksol                 ? 
_refine.solvent_model_param_bsol                 ? 
_refine.pdbx_solvent_vdw_probe_radii             1.20 
_refine.pdbx_solvent_ion_probe_radii             0.80 
_refine.pdbx_solvent_shrinkage_radii             0.80 
_refine.pdbx_ls_cross_valid_method               THROUGHOUT 
_refine.details                                  'HYDROGENS HAVE BEEN ADDED IN THE RIDING POSITIONS' 
_refine.pdbx_starting_model                      ? 
_refine.pdbx_method_to_determine_struct          SAD 
_refine.pdbx_isotropic_thermal_model             ? 
_refine.pdbx_stereochemistry_target_values       'MAXIMUM LIKELIHOOD' 
_refine.pdbx_stereochem_target_val_spec_case     ? 
_refine.pdbx_R_Free_selection_details            RANDOM 
_refine.pdbx_overall_ESU_R                       0.428 
_refine.pdbx_overall_ESU_R_Free                  0.293 
_refine.overall_SU_ML                            0.196 
_refine.overall_SU_B                             9.750 
_refine.ls_redundancy_reflns_obs                 ? 
_refine.B_iso_min                                ? 
_refine.B_iso_max                                ? 
_refine.overall_SU_R_Cruickshank_DPI             ? 
_refine.overall_SU_R_free                        ? 
_refine.ls_wR_factor_R_free                      ? 
_refine.ls_wR_factor_R_work                      ? 
_refine.overall_FOM_free_R_set                   ? 
_refine.overall_FOM_work_R_set                   ? 
_refine.pdbx_overall_phase_error                 ? 
_refine.pdbx_refine_id                           'X-RAY DIFFRACTION' 
_refine.pdbx_diffrn_id                           1 
_refine.pdbx_TLS_residual_ADP_flag               ? 
_refine.pdbx_overall_SU_R_free_Cruickshank_DPI   ? 
_refine.pdbx_overall_SU_R_Blow_DPI               ? 
_refine.pdbx_overall_SU_R_free_Blow_DPI          ? 
# 
_refine_hist.pdbx_refine_id                   'X-RAY DIFFRACTION' 
_refine_hist.cycle_id                         LAST 
_refine_hist.pdbx_number_atoms_protein        846 
_refine_hist.pdbx_number_atoms_nucleic_acid   0 
_refine_hist.pdbx_number_atoms_ligand         5 
_refine_hist.number_atoms_solvent             13 
_refine_hist.number_atoms_total               864 
_refine_hist.d_res_high                       2.52 
_refine_hist.d_res_low                        20.00 
# 
loop_
_refine_ls_restr.type 
_refine_ls_restr.dev_ideal 
_refine_ls_restr.dev_ideal_target 
_refine_ls_restr.weight 
_refine_ls_restr.number 
_refine_ls_restr.pdbx_refine_id 
_refine_ls_restr.pdbx_restraint_function 
r_bond_refined_d             0.007  0.022  ? 856  'X-RAY DIFFRACTION' ? 
r_bond_other_d               ?      ?      ? ?    'X-RAY DIFFRACTION' ? 
r_angle_refined_deg          1.132  1.979  ? 1165 'X-RAY DIFFRACTION' ? 
r_angle_other_deg            ?      ?      ? ?    'X-RAY DIFFRACTION' ? 
r_dihedral_angle_1_deg       5.232  5.000  ? 122  'X-RAY DIFFRACTION' ? 
r_dihedral_angle_2_deg       40.196 23.846 ? 26   'X-RAY DIFFRACTION' ? 
r_dihedral_angle_3_deg       17.874 15.000 ? 129  'X-RAY DIFFRACTION' ? 
r_dihedral_angle_4_deg       9.727  15.000 ? 6    'X-RAY DIFFRACTION' ? 
r_chiral_restr               0.067  0.200  ? 149  'X-RAY DIFFRACTION' ? 
r_gen_planes_refined         0.003  0.020  ? 622  'X-RAY DIFFRACTION' ? 
r_gen_planes_other           ?      ?      ? ?    'X-RAY DIFFRACTION' ? 
r_nbd_refined                0.132  0.300  ? 375  'X-RAY DIFFRACTION' ? 
r_nbd_other                  ?      ?      ? ?    'X-RAY DIFFRACTION' ? 
r_nbtor_refined              0.281  0.500  ? 613  'X-RAY DIFFRACTION' ? 
r_nbtor_other                ?      ?      ? ?    'X-RAY DIFFRACTION' ? 
r_xyhbond_nbd_refined        0.145  0.500  ? 44   'X-RAY DIFFRACTION' ? 
r_xyhbond_nbd_other          ?      ?      ? ?    'X-RAY DIFFRACTION' ? 
r_metal_ion_refined          ?      ?      ? ?    'X-RAY DIFFRACTION' ? 
r_metal_ion_other            ?      ?      ? ?    'X-RAY DIFFRACTION' ? 
r_symmetry_vdw_refined       0.100  0.300  ? 20   'X-RAY DIFFRACTION' ? 
r_symmetry_vdw_other         ?      ?      ? ?    'X-RAY DIFFRACTION' ? 
r_symmetry_hbond_refined     0.129  0.500  ? 4    'X-RAY DIFFRACTION' ? 
r_symmetry_hbond_other       ?      ?      ? ?    'X-RAY DIFFRACTION' ? 
r_symmetry_metal_ion_refined ?      ?      ? ?    'X-RAY DIFFRACTION' ? 
r_symmetry_metal_ion_other   ?      ?      ? ?    'X-RAY DIFFRACTION' ? 
r_mcbond_it                  2.953  2.000  ? 617  'X-RAY DIFFRACTION' ? 
r_mcbond_other               ?      ?      ? ?    'X-RAY DIFFRACTION' ? 
r_mcangle_it                 4.853  3.000  ? 953  'X-RAY DIFFRACTION' ? 
r_scbond_it                  5.286  3.000  ? 255  'X-RAY DIFFRACTION' ? 
r_scangle_it                 8.759  5.000  ? 212  'X-RAY DIFFRACTION' ? 
r_rigid_bond_restr           ?      ?      ? ?    'X-RAY DIFFRACTION' ? 
r_sphericity_free            ?      ?      ? ?    'X-RAY DIFFRACTION' ? 
r_sphericity_bonded          ?      ?      ? ?    'X-RAY DIFFRACTION' ? 
# 
_refine_ls_shell.pdbx_total_number_of_bins_used   20 
_refine_ls_shell.d_res_high                       2.520 
_refine_ls_shell.d_res_low                        2.585 
_refine_ls_shell.number_reflns_R_work             334 
_refine_ls_shell.R_factor_R_work                  0.372 
_refine_ls_shell.percent_reflns_obs               96.91 
_refine_ls_shell.R_factor_R_free                  0.349 
_refine_ls_shell.R_factor_R_free_error            ? 
_refine_ls_shell.percent_reflns_R_free            ? 
_refine_ls_shell.number_reflns_R_free             11 
_refine_ls_shell.number_reflns_all                ? 
_refine_ls_shell.R_factor_all                     ? 
_refine_ls_shell.number_reflns_obs                ? 
_refine_ls_shell.redundancy_reflns_obs            ? 
_refine_ls_shell.pdbx_refine_id                   'X-RAY DIFFRACTION' 
# 
_struct.entry_id                  3BY5 
_struct.title                     
'Crystal structure of cobalamin biosynthesis protein chiG from Agrobacterium tumefaciens str. C58' 
_struct.pdbx_model_details        ? 
_struct.pdbx_CASP_flag            ? 
_struct.pdbx_model_type_details   ? 
# 
_struct_keywords.entry_id        3BY5 
_struct_keywords.pdbx_keywords   'BIOSYNTHETIC PROTEIN' 
_struct_keywords.text            
;STRUCTURAL GENOMICS, UNKNOWN FUNCTION, UNCHARACTERIZED PROTEIN, COBALAMIN BIOSYNTHESIS PROTEIN, PROTEIN STRUCTURE INITIATIVE, PSI-2, New York SGX Research Center for Structural Genomics, NYSGXRC, BIOSYNTHETIC PROTEIN
;
# 
loop_
_struct_asym.id 
_struct_asym.pdbx_blank_PDB_chainid_flag 
_struct_asym.pdbx_modified 
_struct_asym.entity_id 
_struct_asym.details 
A N N 1 ? 
B N N 2 ? 
C N N 3 ? 
# 
_struct_ref.id                         1 
_struct_ref.db_name                    UNP 
_struct_ref.db_code                    Q8UBQ4_AGRT5 
_struct_ref.pdbx_db_accession          Q8UBQ4 
_struct_ref.entity_id                  1 
_struct_ref.pdbx_seq_one_letter_code   
;ELGQAMVTVAGIGCRKGAASDAIIAAVRAAERAFGVTVDYLATAPLKADEAGLAEAAKGLSLSLEIVAQERLEAVAAETM
TFSQASLDHSGSPSVSEAAALAAAGAGARLVAPRLVVGDVTVAIAMTSDAPHGSRSAIEYGEQE
;
_struct_ref.pdbx_align_begin           2 
_struct_ref.pdbx_db_isoform            ? 
# 
_struct_ref_seq.align_id                      1 
_struct_ref_seq.ref_id                        1 
_struct_ref_seq.pdbx_PDB_id_code              3BY5 
_struct_ref_seq.pdbx_strand_id                A 
_struct_ref_seq.seq_align_beg                 4 
_struct_ref_seq.pdbx_seq_align_beg_ins_code   ? 
_struct_ref_seq.seq_align_end                 147 
_struct_ref_seq.pdbx_seq_align_end_ins_code   ? 
_struct_ref_seq.pdbx_db_accession             Q8UBQ4 
_struct_ref_seq.db_align_beg                  2 
_struct_ref_seq.pdbx_db_align_beg_ins_code    ? 
_struct_ref_seq.db_align_end                  145 
_struct_ref_seq.pdbx_db_align_end_ins_code    ? 
_struct_ref_seq.pdbx_auth_seq_align_beg       2 
_struct_ref_seq.pdbx_auth_seq_align_end       145 
# 
loop_
_struct_ref_seq_dif.align_id 
_struct_ref_seq_dif.pdbx_pdb_id_code 
_struct_ref_seq_dif.mon_id 
_struct_ref_seq_dif.pdbx_pdb_strand_id 
_struct_ref_seq_dif.seq_num 
_struct_ref_seq_dif.pdbx_pdb_ins_code 
_struct_ref_seq_dif.pdbx_seq_db_name 
_struct_ref_seq_dif.pdbx_seq_db_accession_code 
_struct_ref_seq_dif.db_mon_id 
_struct_ref_seq_dif.pdbx_seq_db_seq_num 
_struct_ref_seq_dif.details 
_struct_ref_seq_dif.pdbx_auth_seq_num 
_struct_ref_seq_dif.pdbx_ordinal 
1 3BY5 MSE A 1   ? UNP Q8UBQ4 ? ? 'expression tag' -1  1  
1 3BY5 SER A 2   ? UNP Q8UBQ4 ? ? 'expression tag' 0   2  
1 3BY5 LEU A 3   ? UNP Q8UBQ4 ? ? 'expression tag' 1   3  
1 3BY5 GLU A 148 ? UNP Q8UBQ4 ? ? 'expression tag' 146 4  
1 3BY5 GLY A 149 ? UNP Q8UBQ4 ? ? 'expression tag' 147 5  
1 3BY5 HIS A 150 ? UNP Q8UBQ4 ? ? 'expression tag' 148 6  
1 3BY5 HIS A 151 ? UNP Q8UBQ4 ? ? 'expression tag' 149 7  
1 3BY5 HIS A 152 ? UNP Q8UBQ4 ? ? 'expression tag' 150 8  
1 3BY5 HIS A 153 ? UNP Q8UBQ4 ? ? 'expression tag' 151 9  
1 3BY5 HIS A 154 ? UNP Q8UBQ4 ? ? 'expression tag' 152 10 
1 3BY5 HIS A 155 ? UNP Q8UBQ4 ? ? 'expression tag' 153 11 
# 
_pdbx_struct_assembly.id                   1 
_pdbx_struct_assembly.details              software_defined_assembly 
_pdbx_struct_assembly.method_details       PISA 
_pdbx_struct_assembly.oligomeric_details   dimeric 
_pdbx_struct_assembly.oligomeric_count     2 
# 
_pdbx_struct_assembly_prop.biol_id   1 
_pdbx_struct_assembly_prop.type      'ABSA (A^2)' 
_pdbx_struct_assembly_prop.value     1170 
_pdbx_struct_assembly_prop.details   ? 
# 
_pdbx_struct_assembly_gen.assembly_id       1 
_pdbx_struct_assembly_gen.oper_expression   1,2 
_pdbx_struct_assembly_gen.asym_id_list      A,B,C 
# 
loop_
_pdbx_struct_oper_list.id 
_pdbx_struct_oper_list.type 
_pdbx_struct_oper_list.name 
_pdbx_struct_oper_list.symmetry_operation 
_pdbx_struct_oper_list.matrix[1][1] 
_pdbx_struct_oper_list.matrix[1][2] 
_pdbx_struct_oper_list.matrix[1][3] 
_pdbx_struct_oper_list.vector[1] 
_pdbx_struct_oper_list.matrix[2][1] 
_pdbx_struct_oper_list.matrix[2][2] 
_pdbx_struct_oper_list.matrix[2][3] 
_pdbx_struct_oper_list.vector[2] 
_pdbx_struct_oper_list.matrix[3][1] 
_pdbx_struct_oper_list.matrix[3][2] 
_pdbx_struct_oper_list.matrix[3][3] 
_pdbx_struct_oper_list.vector[3] 
1 'identity operation'         1_555  x,y,z                 1.0000000000 0.0000000000  0.0000000000 0.0000000000  0.0000000000  1.0000000000  0.0000000000  0.0000000000   0.0000000000 0.0000000000  1.0000000000  0.0000000000  
2 'crystal symmetry operation' 17_555 x-y+1/3,-y+2/3,-z+2/3 0.8537414063 -0.3360450650 0.3977427880 -3.6522203732 -0.3360450650 -0.9390819640 -0.0721025600 -22.9288260073 0.3977427880 -0.0721025600 -0.9146594423 -2.3503800029 
# 
_struct_biol.id        1 
_struct_biol.details   ? 
# 
loop_
_struct_conf.conf_type_id 
_struct_conf.id 
_struct_conf.pdbx_PDB_helix_id 
_struct_conf.beg_label_comp_id 
_struct_conf.beg_label_asym_id 
_struct_conf.beg_label_seq_id 
_struct_conf.pdbx_beg_PDB_ins_code 
_struct_conf.end_label_comp_id 
_struct_conf.end_label_asym_id 
_struct_conf.end_label_seq_id 
_struct_conf.pdbx_end_PDB_ins_code 
_struct_conf.beg_auth_comp_id 
_struct_conf.beg_auth_asym_id 
_struct_conf.beg_auth_seq_id 
_struct_conf.end_auth_comp_id 
_struct_conf.end_auth_asym_id 
_struct_conf.end_auth_seq_id 
_struct_conf.pdbx_PDB_helix_class 
_struct_conf.details 
_struct_conf.pdbx_PDB_helix_length 
HELX_P HELX_P1 1 ALA A 22 ? GLY A 38  ? ALA A 20 GLY A 36  1 ? 17 
HELX_P HELX_P2 2 GLU A 53 ? LEU A 63  ? GLU A 51 LEU A 61  1 ? 11 
HELX_P HELX_P3 3 ALA A 71 ? PHE A 85  ? ALA A 69 PHE A 83  1 ? 15 
HELX_P HELX_P4 4 SER A 86 ? LEU A 90  ? SER A 84 LEU A 88  5 ? 5  
HELX_P HELX_P5 5 SER A 97 ? GLY A 108 ? SER A 95 GLY A 106 1 ? 12 
# 
_struct_conf_type.id          HELX_P 
_struct_conf_type.criteria    ? 
_struct_conf_type.reference   ? 
# 
loop_
_struct_conn.id 
_struct_conn.conn_type_id 
_struct_conn.pdbx_leaving_atom_flag 
_struct_conn.pdbx_PDB_id 
_struct_conn.ptnr1_label_asym_id 
_struct_conn.ptnr1_label_comp_id 
_struct_conn.ptnr1_label_seq_id 
_struct_conn.ptnr1_label_atom_id 
_struct_conn.pdbx_ptnr1_label_alt_id 
_struct_conn.pdbx_ptnr1_PDB_ins_code 
_struct_conn.pdbx_ptnr1_standard_comp_id 
_struct_conn.ptnr1_symmetry 
_struct_conn.ptnr2_label_asym_id 
_struct_conn.ptnr2_label_comp_id 
_struct_conn.ptnr2_label_seq_id 
_struct_conn.ptnr2_label_atom_id 
_struct_conn.pdbx_ptnr2_label_alt_id 
_struct_conn.pdbx_ptnr2_PDB_ins_code 
_struct_conn.ptnr1_auth_asym_id 
_struct_conn.ptnr1_auth_comp_id 
_struct_conn.ptnr1_auth_seq_id 
_struct_conn.ptnr2_auth_asym_id 
_struct_conn.ptnr2_auth_comp_id 
_struct_conn.ptnr2_auth_seq_id 
_struct_conn.ptnr2_symmetry 
_struct_conn.pdbx_ptnr3_label_atom_id 
_struct_conn.pdbx_ptnr3_label_seq_id 
_struct_conn.pdbx_ptnr3_label_comp_id 
_struct_conn.pdbx_ptnr3_label_asym_id 
_struct_conn.pdbx_ptnr3_label_alt_id 
_struct_conn.pdbx_ptnr3_PDB_ins_code 
_struct_conn.details 
_struct_conn.pdbx_dist_value 
_struct_conn.pdbx_value_order 
_struct_conn.pdbx_role 
covale1 covale both ? A THR 82  C ? ? ? 1_555 A MSE 83  N ? ? A THR 80  A MSE 81  1_555 ? ? ? ? ? ? ? 1.329 ? ? 
covale2 covale both ? A MSE 83  C ? ? ? 1_555 A THR 84  N ? ? A MSE 81  A THR 82  1_555 ? ? ? ? ? ? ? 1.332 ? ? 
covale3 covale both ? A ALA 128 C ? ? ? 1_555 A MSE 129 N ? ? A ALA 126 A MSE 127 1_555 ? ? ? ? ? ? ? 1.331 ? ? 
covale4 covale both ? A MSE 129 C ? ? ? 1_555 A THR 130 N ? ? A MSE 127 A THR 128 1_555 ? ? ? ? ? ? ? 1.328 ? ? 
# 
_struct_conn_type.id          covale 
_struct_conn_type.criteria    ? 
_struct_conn_type.reference   ? 
# 
loop_
_pdbx_modification_feature.ordinal 
_pdbx_modification_feature.label_comp_id 
_pdbx_modification_feature.label_asym_id 
_pdbx_modification_feature.label_seq_id 
_pdbx_modification_feature.label_alt_id 
_pdbx_modification_feature.modified_residue_label_comp_id 
_pdbx_modification_feature.modified_residue_label_asym_id 
_pdbx_modification_feature.modified_residue_label_seq_id 
_pdbx_modification_feature.modified_residue_label_alt_id 
_pdbx_modification_feature.auth_comp_id 
_pdbx_modification_feature.auth_asym_id 
_pdbx_modification_feature.auth_seq_id 
_pdbx_modification_feature.PDB_ins_code 
_pdbx_modification_feature.symmetry 
_pdbx_modification_feature.modified_residue_auth_comp_id 
_pdbx_modification_feature.modified_residue_auth_asym_id 
_pdbx_modification_feature.modified_residue_auth_seq_id 
_pdbx_modification_feature.modified_residue_PDB_ins_code 
_pdbx_modification_feature.modified_residue_symmetry 
_pdbx_modification_feature.comp_id_linking_atom 
_pdbx_modification_feature.modified_residue_id_linking_atom 
_pdbx_modification_feature.modified_residue_id 
_pdbx_modification_feature.ref_pcm_id 
_pdbx_modification_feature.ref_comp_id 
_pdbx_modification_feature.type 
_pdbx_modification_feature.category 
1 MSE A 83  ? . . . . MSE A 81  ? 1_555 . . . . . . . MET 1 MSE Selenomethionine 'Named protein modification' 
2 MSE A 129 ? . . . . MSE A 127 ? 1_555 . . . . . . . MET 1 MSE Selenomethionine 'Named protein modification' 
# 
loop_
_struct_sheet.id 
_struct_sheet.type 
_struct_sheet.number_strands 
_struct_sheet.details 
A ? 5 ? 
B ? 5 ? 
# 
loop_
_struct_sheet_order.sheet_id 
_struct_sheet_order.range_id_1 
_struct_sheet_order.range_id_2 
_struct_sheet_order.offset 
_struct_sheet_order.sense 
A 1 2 ? parallel      
A 2 3 ? parallel      
A 3 4 ? anti-parallel 
A 4 5 ? anti-parallel 
B 1 2 ? parallel      
B 2 3 ? parallel      
B 3 4 ? anti-parallel 
B 4 5 ? anti-parallel 
# 
loop_
_struct_sheet_range.sheet_id 
_struct_sheet_range.id 
_struct_sheet_range.beg_label_comp_id 
_struct_sheet_range.beg_label_asym_id 
_struct_sheet_range.beg_label_seq_id 
_struct_sheet_range.pdbx_beg_PDB_ins_code 
_struct_sheet_range.end_label_comp_id 
_struct_sheet_range.end_label_asym_id 
_struct_sheet_range.end_label_seq_id 
_struct_sheet_range.pdbx_end_PDB_ins_code 
_struct_sheet_range.beg_auth_comp_id 
_struct_sheet_range.beg_auth_asym_id 
_struct_sheet_range.beg_auth_seq_id 
_struct_sheet_range.end_auth_comp_id 
_struct_sheet_range.end_auth_asym_id 
_struct_sheet_range.end_auth_seq_id 
A 1 LEU A 67  ? ILE A 69  ? LEU A 65  ILE A 67  
A 2 TYR A 43  ? THR A 46  ? TYR A 41  THR A 44  
A 3 THR A 11  ? CYS A 17  ? THR A 9   CYS A 15  
A 4 VAL A 123 ? MSE A 129 ? VAL A 121 MSE A 127 
A 5 ARG A 112 ? LEU A 113 ? ARG A 110 LEU A 111 
B 1 LEU A 67  ? ILE A 69  ? LEU A 65  ILE A 67  
B 2 TYR A 43  ? THR A 46  ? TYR A 41  THR A 44  
B 3 THR A 11  ? CYS A 17  ? THR A 9   CYS A 15  
B 4 VAL A 123 ? MSE A 129 ? VAL A 121 MSE A 127 
B 5 LEU A 118 ? VAL A 120 ? LEU A 116 VAL A 118 
# 
loop_
_pdbx_struct_sheet_hbond.sheet_id 
_pdbx_struct_sheet_hbond.range_id_1 
_pdbx_struct_sheet_hbond.range_id_2 
_pdbx_struct_sheet_hbond.range_1_label_atom_id 
_pdbx_struct_sheet_hbond.range_1_label_comp_id 
_pdbx_struct_sheet_hbond.range_1_label_asym_id 
_pdbx_struct_sheet_hbond.range_1_label_seq_id 
_pdbx_struct_sheet_hbond.range_1_PDB_ins_code 
_pdbx_struct_sheet_hbond.range_1_auth_atom_id 
_pdbx_struct_sheet_hbond.range_1_auth_comp_id 
_pdbx_struct_sheet_hbond.range_1_auth_asym_id 
_pdbx_struct_sheet_hbond.range_1_auth_seq_id 
_pdbx_struct_sheet_hbond.range_2_label_atom_id 
_pdbx_struct_sheet_hbond.range_2_label_comp_id 
_pdbx_struct_sheet_hbond.range_2_label_asym_id 
_pdbx_struct_sheet_hbond.range_2_label_seq_id 
_pdbx_struct_sheet_hbond.range_2_PDB_ins_code 
_pdbx_struct_sheet_hbond.range_2_auth_atom_id 
_pdbx_struct_sheet_hbond.range_2_auth_comp_id 
_pdbx_struct_sheet_hbond.range_2_auth_asym_id 
_pdbx_struct_sheet_hbond.range_2_auth_seq_id 
A 1 2 O GLU A 68  ? O GLU A 66  N THR A 46  ? N THR A 44  
A 2 3 O ALA A 45  ? O ALA A 43  N ILE A 15  ? N ILE A 13  
A 3 4 N GLY A 14  ? N GLY A 12  O ALA A 126 ? O ALA A 124 
A 4 5 O MSE A 129 ? O MSE A 127 N ARG A 112 ? N ARG A 110 
B 1 2 O GLU A 68  ? O GLU A 66  N THR A 46  ? N THR A 44  
B 2 3 O ALA A 45  ? O ALA A 43  N ILE A 15  ? N ILE A 13  
B 3 4 N GLY A 14  ? N GLY A 12  O ALA A 126 ? O ALA A 124 
B 4 5 O VAL A 125 ? O VAL A 123 N LEU A 118 ? N LEU A 116 
# 
_struct_site.id                   AC1 
_struct_site.pdbx_evidence_code   Software 
_struct_site.pdbx_auth_asym_id    A 
_struct_site.pdbx_auth_comp_id    SO4 
_struct_site.pdbx_auth_seq_id     201 
_struct_site.pdbx_auth_ins_code   ? 
_struct_site.pdbx_num_residues    3 
_struct_site.details              'BINDING SITE FOR RESIDUE SO4 A 201' 
# 
loop_
_struct_site_gen.id 
_struct_site_gen.site_id 
_struct_site_gen.pdbx_num_res 
_struct_site_gen.label_comp_id 
_struct_site_gen.label_asym_id 
_struct_site_gen.label_seq_id 
_struct_site_gen.pdbx_auth_ins_code 
_struct_site_gen.auth_comp_id 
_struct_site_gen.auth_asym_id 
_struct_site_gen.auth_seq_id 
_struct_site_gen.label_atom_id 
_struct_site_gen.label_alt_id 
_struct_site_gen.symmetry 
_struct_site_gen.details 
1 AC1 3 SER A 97  ? SER A 95  . ? 1_555 ? 
2 AC1 3 SER A 99  ? SER A 97  . ? 1_555 ? 
3 AC1 3 THR A 124 ? THR A 122 . ? 1_555 ? 
# 
_pdbx_entry_details.entry_id                   3BY5 
_pdbx_entry_details.compound_details           ? 
_pdbx_entry_details.source_details             ? 
_pdbx_entry_details.nonpolymer_details         ? 
_pdbx_entry_details.sequence_details           ? 
_pdbx_entry_details.has_ligand_of_interest     ? 
_pdbx_entry_details.has_protein_modification   Y 
# 
loop_
_pdbx_validate_torsion.id 
_pdbx_validate_torsion.PDB_model_num 
_pdbx_validate_torsion.auth_comp_id 
_pdbx_validate_torsion.auth_asym_id 
_pdbx_validate_torsion.auth_seq_id 
_pdbx_validate_torsion.PDB_ins_code 
_pdbx_validate_torsion.label_alt_id 
_pdbx_validate_torsion.phi 
_pdbx_validate_torsion.psi 
1 1 LYS A 48 ? ? -103.77 -95.29 
2 1 GLU A 51 ? ? -142.88 -14.05 
3 1 THR A 82 ? ? -105.08 -78.58 
4 1 SER A 84 ? ? -99.97  42.09  
# 
loop_
_pdbx_validate_peptide_omega.id 
_pdbx_validate_peptide_omega.PDB_model_num 
_pdbx_validate_peptide_omega.auth_comp_id_1 
_pdbx_validate_peptide_omega.auth_asym_id_1 
_pdbx_validate_peptide_omega.auth_seq_id_1 
_pdbx_validate_peptide_omega.PDB_ins_code_1 
_pdbx_validate_peptide_omega.label_alt_id_1 
_pdbx_validate_peptide_omega.auth_comp_id_2 
_pdbx_validate_peptide_omega.auth_asym_id_2 
_pdbx_validate_peptide_omega.auth_seq_id_2 
_pdbx_validate_peptide_omega.PDB_ins_code_2 
_pdbx_validate_peptide_omega.label_alt_id_2 
_pdbx_validate_peptide_omega.omega 
1 1 LEU A 47  ? ? LYS A 48  ? ? -146.02 
2 1 ALA A 107 ? ? GLY A 108 ? ? -68.00  
# 
_pdbx_SG_project.id                    1 
_pdbx_SG_project.project_name          'PSI, Protein Structure Initiative' 
_pdbx_SG_project.full_name_of_center   'New York SGX Research Center for Structural Genomics' 
_pdbx_SG_project.initial_of_center     NYSGXRC 
# 
loop_
_pdbx_struct_mod_residue.id 
_pdbx_struct_mod_residue.label_asym_id 
_pdbx_struct_mod_residue.label_comp_id 
_pdbx_struct_mod_residue.label_seq_id 
_pdbx_struct_mod_residue.auth_asym_id 
_pdbx_struct_mod_residue.auth_comp_id 
_pdbx_struct_mod_residue.auth_seq_id 
_pdbx_struct_mod_residue.PDB_ins_code 
_pdbx_struct_mod_residue.parent_comp_id 
_pdbx_struct_mod_residue.details 
1 A MSE 83  A MSE 81  ? MET SELENOMETHIONINE 
2 A MSE 129 A MSE 127 ? MET SELENOMETHIONINE 
# 
loop_
_pdbx_unobs_or_zero_occ_residues.id 
_pdbx_unobs_or_zero_occ_residues.PDB_model_num 
_pdbx_unobs_or_zero_occ_residues.polymer_flag 
_pdbx_unobs_or_zero_occ_residues.occupancy_flag 
_pdbx_unobs_or_zero_occ_residues.auth_asym_id 
_pdbx_unobs_or_zero_occ_residues.auth_comp_id 
_pdbx_unobs_or_zero_occ_residues.auth_seq_id 
_pdbx_unobs_or_zero_occ_residues.PDB_ins_code 
_pdbx_unobs_or_zero_occ_residues.label_asym_id 
_pdbx_unobs_or_zero_occ_residues.label_comp_id 
_pdbx_unobs_or_zero_occ_residues.label_seq_id 
1  1 Y 1 A MSE -1  ? A MSE 1   
2  1 Y 1 A SER 0   ? A SER 2   
3  1 Y 1 A LEU 1   ? A LEU 3   
4  1 Y 1 A GLU 2   ? A GLU 4   
5  1 Y 1 A LEU 3   ? A LEU 5   
6  1 Y 1 A GLY 4   ? A GLY 6   
7  1 Y 1 A GLN 5   ? A GLN 7   
8  1 Y 1 A ALA 6   ? A ALA 8   
9  1 Y 1 A MSE 7   ? A MSE 9   
10 1 Y 1 A ALA 131 ? A ALA 133 
11 1 Y 1 A PRO 132 ? A PRO 134 
12 1 Y 1 A HIS 133 ? A HIS 135 
13 1 Y 1 A GLY 134 ? A GLY 136 
14 1 Y 1 A SER 135 ? A SER 137 
15 1 Y 1 A ARG 136 ? A ARG 138 
16 1 Y 1 A SER 137 ? A SER 139 
17 1 Y 1 A ALA 138 ? A ALA 140 
18 1 Y 1 A ILE 139 ? A ILE 141 
19 1 Y 1 A GLU 140 ? A GLU 142 
20 1 Y 1 A TYR 141 ? A TYR 143 
21 1 Y 1 A GLY 142 ? A GLY 144 
22 1 Y 1 A GLU 143 ? A GLU 145 
23 1 Y 1 A GLN 144 ? A GLN 146 
24 1 Y 1 A GLU 145 ? A GLU 147 
25 1 Y 1 A GLU 146 ? A GLU 148 
26 1 Y 1 A GLY 147 ? A GLY 149 
27 1 Y 1 A HIS 148 ? A HIS 150 
28 1 Y 1 A HIS 149 ? A HIS 151 
29 1 Y 1 A HIS 150 ? A HIS 152 
30 1 Y 1 A HIS 151 ? A HIS 153 
31 1 Y 1 A HIS 152 ? A HIS 154 
32 1 Y 1 A HIS 153 ? A HIS 155 
# 
loop_
_chem_comp_atom.comp_id 
_chem_comp_atom.atom_id 
_chem_comp_atom.type_symbol 
_chem_comp_atom.pdbx_aromatic_flag 
_chem_comp_atom.pdbx_stereo_config 
_chem_comp_atom.pdbx_ordinal 
ALA N    N  N N 1   
ALA CA   C  N S 2   
ALA C    C  N N 3   
ALA O    O  N N 4   
ALA CB   C  N N 5   
ALA OXT  O  N N 6   
ALA H    H  N N 7   
ALA H2   H  N N 8   
ALA HA   H  N N 9   
ALA HB1  H  N N 10  
ALA HB2  H  N N 11  
ALA HB3  H  N N 12  
ALA HXT  H  N N 13  
ARG N    N  N N 14  
ARG CA   C  N S 15  
ARG C    C  N N 16  
ARG O    O  N N 17  
ARG CB   C  N N 18  
ARG CG   C  N N 19  
ARG CD   C  N N 20  
ARG NE   N  N N 21  
ARG CZ   C  N N 22  
ARG NH1  N  N N 23  
ARG NH2  N  N N 24  
ARG OXT  O  N N 25  
ARG H    H  N N 26  
ARG H2   H  N N 27  
ARG HA   H  N N 28  
ARG HB2  H  N N 29  
ARG HB3  H  N N 30  
ARG HG2  H  N N 31  
ARG HG3  H  N N 32  
ARG HD2  H  N N 33  
ARG HD3  H  N N 34  
ARG HE   H  N N 35  
ARG HH11 H  N N 36  
ARG HH12 H  N N 37  
ARG HH21 H  N N 38  
ARG HH22 H  N N 39  
ARG HXT  H  N N 40  
ASP N    N  N N 41  
ASP CA   C  N S 42  
ASP C    C  N N 43  
ASP O    O  N N 44  
ASP CB   C  N N 45  
ASP CG   C  N N 46  
ASP OD1  O  N N 47  
ASP OD2  O  N N 48  
ASP OXT  O  N N 49  
ASP H    H  N N 50  
ASP H2   H  N N 51  
ASP HA   H  N N 52  
ASP HB2  H  N N 53  
ASP HB3  H  N N 54  
ASP HD2  H  N N 55  
ASP HXT  H  N N 56  
CYS N    N  N N 57  
CYS CA   C  N R 58  
CYS C    C  N N 59  
CYS O    O  N N 60  
CYS CB   C  N N 61  
CYS SG   S  N N 62  
CYS OXT  O  N N 63  
CYS H    H  N N 64  
CYS H2   H  N N 65  
CYS HA   H  N N 66  
CYS HB2  H  N N 67  
CYS HB3  H  N N 68  
CYS HG   H  N N 69  
CYS HXT  H  N N 70  
GLN N    N  N N 71  
GLN CA   C  N S 72  
GLN C    C  N N 73  
GLN O    O  N N 74  
GLN CB   C  N N 75  
GLN CG   C  N N 76  
GLN CD   C  N N 77  
GLN OE1  O  N N 78  
GLN NE2  N  N N 79  
GLN OXT  O  N N 80  
GLN H    H  N N 81  
GLN H2   H  N N 82  
GLN HA   H  N N 83  
GLN HB2  H  N N 84  
GLN HB3  H  N N 85  
GLN HG2  H  N N 86  
GLN HG3  H  N N 87  
GLN HE21 H  N N 88  
GLN HE22 H  N N 89  
GLN HXT  H  N N 90  
GLU N    N  N N 91  
GLU CA   C  N S 92  
GLU C    C  N N 93  
GLU O    O  N N 94  
GLU CB   C  N N 95  
GLU CG   C  N N 96  
GLU CD   C  N N 97  
GLU OE1  O  N N 98  
GLU OE2  O  N N 99  
GLU OXT  O  N N 100 
GLU H    H  N N 101 
GLU H2   H  N N 102 
GLU HA   H  N N 103 
GLU HB2  H  N N 104 
GLU HB3  H  N N 105 
GLU HG2  H  N N 106 
GLU HG3  H  N N 107 
GLU HE2  H  N N 108 
GLU HXT  H  N N 109 
GLY N    N  N N 110 
GLY CA   C  N N 111 
GLY C    C  N N 112 
GLY O    O  N N 113 
GLY OXT  O  N N 114 
GLY H    H  N N 115 
GLY H2   H  N N 116 
GLY HA2  H  N N 117 
GLY HA3  H  N N 118 
GLY HXT  H  N N 119 
HIS N    N  N N 120 
HIS CA   C  N S 121 
HIS C    C  N N 122 
HIS O    O  N N 123 
HIS CB   C  N N 124 
HIS CG   C  Y N 125 
HIS ND1  N  Y N 126 
HIS CD2  C  Y N 127 
HIS CE1  C  Y N 128 
HIS NE2  N  Y N 129 
HIS OXT  O  N N 130 
HIS H    H  N N 131 
HIS H2   H  N N 132 
HIS HA   H  N N 133 
HIS HB2  H  N N 134 
HIS HB3  H  N N 135 
HIS HD1  H  N N 136 
HIS HD2  H  N N 137 
HIS HE1  H  N N 138 
HIS HE2  H  N N 139 
HIS HXT  H  N N 140 
HOH O    O  N N 141 
HOH H1   H  N N 142 
HOH H2   H  N N 143 
ILE N    N  N N 144 
ILE CA   C  N S 145 
ILE C    C  N N 146 
ILE O    O  N N 147 
ILE CB   C  N S 148 
ILE CG1  C  N N 149 
ILE CG2  C  N N 150 
ILE CD1  C  N N 151 
ILE OXT  O  N N 152 
ILE H    H  N N 153 
ILE H2   H  N N 154 
ILE HA   H  N N 155 
ILE HB   H  N N 156 
ILE HG12 H  N N 157 
ILE HG13 H  N N 158 
ILE HG21 H  N N 159 
ILE HG22 H  N N 160 
ILE HG23 H  N N 161 
ILE HD11 H  N N 162 
ILE HD12 H  N N 163 
ILE HD13 H  N N 164 
ILE HXT  H  N N 165 
LEU N    N  N N 166 
LEU CA   C  N S 167 
LEU C    C  N N 168 
LEU O    O  N N 169 
LEU CB   C  N N 170 
LEU CG   C  N N 171 
LEU CD1  C  N N 172 
LEU CD2  C  N N 173 
LEU OXT  O  N N 174 
LEU H    H  N N 175 
LEU H2   H  N N 176 
LEU HA   H  N N 177 
LEU HB2  H  N N 178 
LEU HB3  H  N N 179 
LEU HG   H  N N 180 
LEU HD11 H  N N 181 
LEU HD12 H  N N 182 
LEU HD13 H  N N 183 
LEU HD21 H  N N 184 
LEU HD22 H  N N 185 
LEU HD23 H  N N 186 
LEU HXT  H  N N 187 
LYS N    N  N N 188 
LYS CA   C  N S 189 
LYS C    C  N N 190 
LYS O    O  N N 191 
LYS CB   C  N N 192 
LYS CG   C  N N 193 
LYS CD   C  N N 194 
LYS CE   C  N N 195 
LYS NZ   N  N N 196 
LYS OXT  O  N N 197 
LYS H    H  N N 198 
LYS H2   H  N N 199 
LYS HA   H  N N 200 
LYS HB2  H  N N 201 
LYS HB3  H  N N 202 
LYS HG2  H  N N 203 
LYS HG3  H  N N 204 
LYS HD2  H  N N 205 
LYS HD3  H  N N 206 
LYS HE2  H  N N 207 
LYS HE3  H  N N 208 
LYS HZ1  H  N N 209 
LYS HZ2  H  N N 210 
LYS HZ3  H  N N 211 
LYS HXT  H  N N 212 
MSE N    N  N N 213 
MSE CA   C  N S 214 
MSE C    C  N N 215 
MSE O    O  N N 216 
MSE OXT  O  N N 217 
MSE CB   C  N N 218 
MSE CG   C  N N 219 
MSE SE   SE N N 220 
MSE CE   C  N N 221 
MSE H    H  N N 222 
MSE H2   H  N N 223 
MSE HA   H  N N 224 
MSE HXT  H  N N 225 
MSE HB2  H  N N 226 
MSE HB3  H  N N 227 
MSE HG2  H  N N 228 
MSE HG3  H  N N 229 
MSE HE1  H  N N 230 
MSE HE2  H  N N 231 
MSE HE3  H  N N 232 
PHE N    N  N N 233 
PHE CA   C  N S 234 
PHE C    C  N N 235 
PHE O    O  N N 236 
PHE CB   C  N N 237 
PHE CG   C  Y N 238 
PHE CD1  C  Y N 239 
PHE CD2  C  Y N 240 
PHE CE1  C  Y N 241 
PHE CE2  C  Y N 242 
PHE CZ   C  Y N 243 
PHE OXT  O  N N 244 
PHE H    H  N N 245 
PHE H2   H  N N 246 
PHE HA   H  N N 247 
PHE HB2  H  N N 248 
PHE HB3  H  N N 249 
PHE HD1  H  N N 250 
PHE HD2  H  N N 251 
PHE HE1  H  N N 252 
PHE HE2  H  N N 253 
PHE HZ   H  N N 254 
PHE HXT  H  N N 255 
PRO N    N  N N 256 
PRO CA   C  N S 257 
PRO C    C  N N 258 
PRO O    O  N N 259 
PRO CB   C  N N 260 
PRO CG   C  N N 261 
PRO CD   C  N N 262 
PRO OXT  O  N N 263 
PRO H    H  N N 264 
PRO HA   H  N N 265 
PRO HB2  H  N N 266 
PRO HB3  H  N N 267 
PRO HG2  H  N N 268 
PRO HG3  H  N N 269 
PRO HD2  H  N N 270 
PRO HD3  H  N N 271 
PRO HXT  H  N N 272 
SER N    N  N N 273 
SER CA   C  N S 274 
SER C    C  N N 275 
SER O    O  N N 276 
SER CB   C  N N 277 
SER OG   O  N N 278 
SER OXT  O  N N 279 
SER H    H  N N 280 
SER H2   H  N N 281 
SER HA   H  N N 282 
SER HB2  H  N N 283 
SER HB3  H  N N 284 
SER HG   H  N N 285 
SER HXT  H  N N 286 
SO4 S    S  N N 287 
SO4 O1   O  N N 288 
SO4 O2   O  N N 289 
SO4 O3   O  N N 290 
SO4 O4   O  N N 291 
THR N    N  N N 292 
THR CA   C  N S 293 
THR C    C  N N 294 
THR O    O  N N 295 
THR CB   C  N R 296 
THR OG1  O  N N 297 
THR CG2  C  N N 298 
THR OXT  O  N N 299 
THR H    H  N N 300 
THR H2   H  N N 301 
THR HA   H  N N 302 
THR HB   H  N N 303 
THR HG1  H  N N 304 
THR HG21 H  N N 305 
THR HG22 H  N N 306 
THR HG23 H  N N 307 
THR HXT  H  N N 308 
TYR N    N  N N 309 
TYR CA   C  N S 310 
TYR C    C  N N 311 
TYR O    O  N N 312 
TYR CB   C  N N 313 
TYR CG   C  Y N 314 
TYR CD1  C  Y N 315 
TYR CD2  C  Y N 316 
TYR CE1  C  Y N 317 
TYR CE2  C  Y N 318 
TYR CZ   C  Y N 319 
TYR OH   O  N N 320 
TYR OXT  O  N N 321 
TYR H    H  N N 322 
TYR H2   H  N N 323 
TYR HA   H  N N 324 
TYR HB2  H  N N 325 
TYR HB3  H  N N 326 
TYR HD1  H  N N 327 
TYR HD2  H  N N 328 
TYR HE1  H  N N 329 
TYR HE2  H  N N 330 
TYR HH   H  N N 331 
TYR HXT  H  N N 332 
VAL N    N  N N 333 
VAL CA   C  N S 334 
VAL C    C  N N 335 
VAL O    O  N N 336 
VAL CB   C  N N 337 
VAL CG1  C  N N 338 
VAL CG2  C  N N 339 
VAL OXT  O  N N 340 
VAL H    H  N N 341 
VAL H2   H  N N 342 
VAL HA   H  N N 343 
VAL HB   H  N N 344 
VAL HG11 H  N N 345 
VAL HG12 H  N N 346 
VAL HG13 H  N N 347 
VAL HG21 H  N N 348 
VAL HG22 H  N N 349 
VAL HG23 H  N N 350 
VAL HXT  H  N N 351 
# 
loop_
_chem_comp_bond.comp_id 
_chem_comp_bond.atom_id_1 
_chem_comp_bond.atom_id_2 
_chem_comp_bond.value_order 
_chem_comp_bond.pdbx_aromatic_flag 
_chem_comp_bond.pdbx_stereo_config 
_chem_comp_bond.pdbx_ordinal 
ALA N   CA   sing N N 1   
ALA N   H    sing N N 2   
ALA N   H2   sing N N 3   
ALA CA  C    sing N N 4   
ALA CA  CB   sing N N 5   
ALA CA  HA   sing N N 6   
ALA C   O    doub N N 7   
ALA C   OXT  sing N N 8   
ALA CB  HB1  sing N N 9   
ALA CB  HB2  sing N N 10  
ALA CB  HB3  sing N N 11  
ALA OXT HXT  sing N N 12  
ARG N   CA   sing N N 13  
ARG N   H    sing N N 14  
ARG N   H2   sing N N 15  
ARG CA  C    sing N N 16  
ARG CA  CB   sing N N 17  
ARG CA  HA   sing N N 18  
ARG C   O    doub N N 19  
ARG C   OXT  sing N N 20  
ARG CB  CG   sing N N 21  
ARG CB  HB2  sing N N 22  
ARG CB  HB3  sing N N 23  
ARG CG  CD   sing N N 24  
ARG CG  HG2  sing N N 25  
ARG CG  HG3  sing N N 26  
ARG CD  NE   sing N N 27  
ARG CD  HD2  sing N N 28  
ARG CD  HD3  sing N N 29  
ARG NE  CZ   sing N N 30  
ARG NE  HE   sing N N 31  
ARG CZ  NH1  sing N N 32  
ARG CZ  NH2  doub N N 33  
ARG NH1 HH11 sing N N 34  
ARG NH1 HH12 sing N N 35  
ARG NH2 HH21 sing N N 36  
ARG NH2 HH22 sing N N 37  
ARG OXT HXT  sing N N 38  
ASP N   CA   sing N N 39  
ASP N   H    sing N N 40  
ASP N   H2   sing N N 41  
ASP CA  C    sing N N 42  
ASP CA  CB   sing N N 43  
ASP CA  HA   sing N N 44  
ASP C   O    doub N N 45  
ASP C   OXT  sing N N 46  
ASP CB  CG   sing N N 47  
ASP CB  HB2  sing N N 48  
ASP CB  HB3  sing N N 49  
ASP CG  OD1  doub N N 50  
ASP CG  OD2  sing N N 51  
ASP OD2 HD2  sing N N 52  
ASP OXT HXT  sing N N 53  
CYS N   CA   sing N N 54  
CYS N   H    sing N N 55  
CYS N   H2   sing N N 56  
CYS CA  C    sing N N 57  
CYS CA  CB   sing N N 58  
CYS CA  HA   sing N N 59  
CYS C   O    doub N N 60  
CYS C   OXT  sing N N 61  
CYS CB  SG   sing N N 62  
CYS CB  HB2  sing N N 63  
CYS CB  HB3  sing N N 64  
CYS SG  HG   sing N N 65  
CYS OXT HXT  sing N N 66  
GLN N   CA   sing N N 67  
GLN N   H    sing N N 68  
GLN N   H2   sing N N 69  
GLN CA  C    sing N N 70  
GLN CA  CB   sing N N 71  
GLN CA  HA   sing N N 72  
GLN C   O    doub N N 73  
GLN C   OXT  sing N N 74  
GLN CB  CG   sing N N 75  
GLN CB  HB2  sing N N 76  
GLN CB  HB3  sing N N 77  
GLN CG  CD   sing N N 78  
GLN CG  HG2  sing N N 79  
GLN CG  HG3  sing N N 80  
GLN CD  OE1  doub N N 81  
GLN CD  NE2  sing N N 82  
GLN NE2 HE21 sing N N 83  
GLN NE2 HE22 sing N N 84  
GLN OXT HXT  sing N N 85  
GLU N   CA   sing N N 86  
GLU N   H    sing N N 87  
GLU N   H2   sing N N 88  
GLU CA  C    sing N N 89  
GLU CA  CB   sing N N 90  
GLU CA  HA   sing N N 91  
GLU C   O    doub N N 92  
GLU C   OXT  sing N N 93  
GLU CB  CG   sing N N 94  
GLU CB  HB2  sing N N 95  
GLU CB  HB3  sing N N 96  
GLU CG  CD   sing N N 97  
GLU CG  HG2  sing N N 98  
GLU CG  HG3  sing N N 99  
GLU CD  OE1  doub N N 100 
GLU CD  OE2  sing N N 101 
GLU OE2 HE2  sing N N 102 
GLU OXT HXT  sing N N 103 
GLY N   CA   sing N N 104 
GLY N   H    sing N N 105 
GLY N   H2   sing N N 106 
GLY CA  C    sing N N 107 
GLY CA  HA2  sing N N 108 
GLY CA  HA3  sing N N 109 
GLY C   O    doub N N 110 
GLY C   OXT  sing N N 111 
GLY OXT HXT  sing N N 112 
HIS N   CA   sing N N 113 
HIS N   H    sing N N 114 
HIS N   H2   sing N N 115 
HIS CA  C    sing N N 116 
HIS CA  CB   sing N N 117 
HIS CA  HA   sing N N 118 
HIS C   O    doub N N 119 
HIS C   OXT  sing N N 120 
HIS CB  CG   sing N N 121 
HIS CB  HB2  sing N N 122 
HIS CB  HB3  sing N N 123 
HIS CG  ND1  sing Y N 124 
HIS CG  CD2  doub Y N 125 
HIS ND1 CE1  doub Y N 126 
HIS ND1 HD1  sing N N 127 
HIS CD2 NE2  sing Y N 128 
HIS CD2 HD2  sing N N 129 
HIS CE1 NE2  sing Y N 130 
HIS CE1 HE1  sing N N 131 
HIS NE2 HE2  sing N N 132 
HIS OXT HXT  sing N N 133 
HOH O   H1   sing N N 134 
HOH O   H2   sing N N 135 
ILE N   CA   sing N N 136 
ILE N   H    sing N N 137 
ILE N   H2   sing N N 138 
ILE CA  C    sing N N 139 
ILE CA  CB   sing N N 140 
ILE CA  HA   sing N N 141 
ILE C   O    doub N N 142 
ILE C   OXT  sing N N 143 
ILE CB  CG1  sing N N 144 
ILE CB  CG2  sing N N 145 
ILE CB  HB   sing N N 146 
ILE CG1 CD1  sing N N 147 
ILE CG1 HG12 sing N N 148 
ILE CG1 HG13 sing N N 149 
ILE CG2 HG21 sing N N 150 
ILE CG2 HG22 sing N N 151 
ILE CG2 HG23 sing N N 152 
ILE CD1 HD11 sing N N 153 
ILE CD1 HD12 sing N N 154 
ILE CD1 HD13 sing N N 155 
ILE OXT HXT  sing N N 156 
LEU N   CA   sing N N 157 
LEU N   H    sing N N 158 
LEU N   H2   sing N N 159 
LEU CA  C    sing N N 160 
LEU CA  CB   sing N N 161 
LEU CA  HA   sing N N 162 
LEU C   O    doub N N 163 
LEU C   OXT  sing N N 164 
LEU CB  CG   sing N N 165 
LEU CB  HB2  sing N N 166 
LEU CB  HB3  sing N N 167 
LEU CG  CD1  sing N N 168 
LEU CG  CD2  sing N N 169 
LEU CG  HG   sing N N 170 
LEU CD1 HD11 sing N N 171 
LEU CD1 HD12 sing N N 172 
LEU CD1 HD13 sing N N 173 
LEU CD2 HD21 sing N N 174 
LEU CD2 HD22 sing N N 175 
LEU CD2 HD23 sing N N 176 
LEU OXT HXT  sing N N 177 
LYS N   CA   sing N N 178 
LYS N   H    sing N N 179 
LYS N   H2   sing N N 180 
LYS CA  C    sing N N 181 
LYS CA  CB   sing N N 182 
LYS CA  HA   sing N N 183 
LYS C   O    doub N N 184 
LYS C   OXT  sing N N 185 
LYS CB  CG   sing N N 186 
LYS CB  HB2  sing N N 187 
LYS CB  HB3  sing N N 188 
LYS CG  CD   sing N N 189 
LYS CG  HG2  sing N N 190 
LYS CG  HG3  sing N N 191 
LYS CD  CE   sing N N 192 
LYS CD  HD2  sing N N 193 
LYS CD  HD3  sing N N 194 
LYS CE  NZ   sing N N 195 
LYS CE  HE2  sing N N 196 
LYS CE  HE3  sing N N 197 
LYS NZ  HZ1  sing N N 198 
LYS NZ  HZ2  sing N N 199 
LYS NZ  HZ3  sing N N 200 
LYS OXT HXT  sing N N 201 
MSE N   CA   sing N N 202 
MSE N   H    sing N N 203 
MSE N   H2   sing N N 204 
MSE CA  C    sing N N 205 
MSE CA  CB   sing N N 206 
MSE CA  HA   sing N N 207 
MSE C   O    doub N N 208 
MSE C   OXT  sing N N 209 
MSE OXT HXT  sing N N 210 
MSE CB  CG   sing N N 211 
MSE CB  HB2  sing N N 212 
MSE CB  HB3  sing N N 213 
MSE CG  SE   sing N N 214 
MSE CG  HG2  sing N N 215 
MSE CG  HG3  sing N N 216 
MSE SE  CE   sing N N 217 
MSE CE  HE1  sing N N 218 
MSE CE  HE2  sing N N 219 
MSE CE  HE3  sing N N 220 
PHE N   CA   sing N N 221 
PHE N   H    sing N N 222 
PHE N   H2   sing N N 223 
PHE CA  C    sing N N 224 
PHE CA  CB   sing N N 225 
PHE CA  HA   sing N N 226 
PHE C   O    doub N N 227 
PHE C   OXT  sing N N 228 
PHE CB  CG   sing N N 229 
PHE CB  HB2  sing N N 230 
PHE CB  HB3  sing N N 231 
PHE CG  CD1  doub Y N 232 
PHE CG  CD2  sing Y N 233 
PHE CD1 CE1  sing Y N 234 
PHE CD1 HD1  sing N N 235 
PHE CD2 CE2  doub Y N 236 
PHE CD2 HD2  sing N N 237 
PHE CE1 CZ   doub Y N 238 
PHE CE1 HE1  sing N N 239 
PHE CE2 CZ   sing Y N 240 
PHE CE2 HE2  sing N N 241 
PHE CZ  HZ   sing N N 242 
PHE OXT HXT  sing N N 243 
PRO N   CA   sing N N 244 
PRO N   CD   sing N N 245 
PRO N   H    sing N N 246 
PRO CA  C    sing N N 247 
PRO CA  CB   sing N N 248 
PRO CA  HA   sing N N 249 
PRO C   O    doub N N 250 
PRO C   OXT  sing N N 251 
PRO CB  CG   sing N N 252 
PRO CB  HB2  sing N N 253 
PRO CB  HB3  sing N N 254 
PRO CG  CD   sing N N 255 
PRO CG  HG2  sing N N 256 
PRO CG  HG3  sing N N 257 
PRO CD  HD2  sing N N 258 
PRO CD  HD3  sing N N 259 
PRO OXT HXT  sing N N 260 
SER N   CA   sing N N 261 
SER N   H    sing N N 262 
SER N   H2   sing N N 263 
SER CA  C    sing N N 264 
SER CA  CB   sing N N 265 
SER CA  HA   sing N N 266 
SER C   O    doub N N 267 
SER C   OXT  sing N N 268 
SER CB  OG   sing N N 269 
SER CB  HB2  sing N N 270 
SER CB  HB3  sing N N 271 
SER OG  HG   sing N N 272 
SER OXT HXT  sing N N 273 
SO4 S   O1   doub N N 274 
SO4 S   O2   doub N N 275 
SO4 S   O3   sing N N 276 
SO4 S   O4   sing N N 277 
THR N   CA   sing N N 278 
THR N   H    sing N N 279 
THR N   H2   sing N N 280 
THR CA  C    sing N N 281 
THR CA  CB   sing N N 282 
THR CA  HA   sing N N 283 
THR C   O    doub N N 284 
THR C   OXT  sing N N 285 
THR CB  OG1  sing N N 286 
THR CB  CG2  sing N N 287 
THR CB  HB   sing N N 288 
THR OG1 HG1  sing N N 289 
THR CG2 HG21 sing N N 290 
THR CG2 HG22 sing N N 291 
THR CG2 HG23 sing N N 292 
THR OXT HXT  sing N N 293 
TYR N   CA   sing N N 294 
TYR N   H    sing N N 295 
TYR N   H2   sing N N 296 
TYR CA  C    sing N N 297 
TYR CA  CB   sing N N 298 
TYR CA  HA   sing N N 299 
TYR C   O    doub N N 300 
TYR C   OXT  sing N N 301 
TYR CB  CG   sing N N 302 
TYR CB  HB2  sing N N 303 
TYR CB  HB3  sing N N 304 
TYR CG  CD1  doub Y N 305 
TYR CG  CD2  sing Y N 306 
TYR CD1 CE1  sing Y N 307 
TYR CD1 HD1  sing N N 308 
TYR CD2 CE2  doub Y N 309 
TYR CD2 HD2  sing N N 310 
TYR CE1 CZ   doub Y N 311 
TYR CE1 HE1  sing N N 312 
TYR CE2 CZ   sing Y N 313 
TYR CE2 HE2  sing N N 314 
TYR CZ  OH   sing N N 315 
TYR OH  HH   sing N N 316 
TYR OXT HXT  sing N N 317 
VAL N   CA   sing N N 318 
VAL N   H    sing N N 319 
VAL N   H2   sing N N 320 
VAL CA  C    sing N N 321 
VAL CA  CB   sing N N 322 
VAL CA  HA   sing N N 323 
VAL C   O    doub N N 324 
VAL C   OXT  sing N N 325 
VAL CB  CG1  sing N N 326 
VAL CB  CG2  sing N N 327 
VAL CB  HB   sing N N 328 
VAL CG1 HG11 sing N N 329 
VAL CG1 HG12 sing N N 330 
VAL CG1 HG13 sing N N 331 
VAL CG2 HG21 sing N N 332 
VAL CG2 HG22 sing N N 333 
VAL CG2 HG23 sing N N 334 
VAL OXT HXT  sing N N 335 
# 
_atom_sites.entry_id                    3BY5 
_atom_sites.fract_transf_matrix[1][1]   -0.01502190 
_atom_sites.fract_transf_matrix[1][2]   0.00257399 
_atom_sites.fract_transf_matrix[1][3]   0.00497381 
_atom_sites.fract_transf_matrix[2][1]   -0.00331040 
_atom_sites.fract_transf_matrix[2][2]   0.00030177 
_atom_sites.fract_transf_matrix[2][3]   0.01568360 
_atom_sites.fract_transf_matrix[3][1]   0.00123789 
_atom_sites.fract_transf_matrix[3][2]   0.00697893 
_atom_sites.fract_transf_matrix[3][3]   0.00012700 
_atom_sites.fract_transf_vector[1]      0.254709 
_atom_sites.fract_transf_vector[2]      0.349171 
_atom_sites.fract_transf_vector[3]      0.415765 
# 
loop_
_atom_type.symbol 
C  
N  
O  
S  
SE 
# 
loop_
_atom_site.group_PDB 
_atom_site.id 
_atom_site.type_symbol 
_atom_site.label_atom_id 
_atom_site.label_alt_id 
_atom_site.label_comp_id 
_atom_site.label_asym_id 
_atom_site.label_entity_id 
_atom_site.label_seq_id 
_atom_site.pdbx_PDB_ins_code 
_atom_site.Cartn_x 
_atom_site.Cartn_y 
_atom_site.Cartn_z 
_atom_site.occupancy 
_atom_site.B_iso_or_equiv 
_atom_site.pdbx_formal_charge 
_atom_site.auth_seq_id 
_atom_site.auth_comp_id 
_atom_site.auth_asym_id 
_atom_site.auth_atom_id 
_atom_site.pdbx_PDB_model_num 
ATOM   1   N  N   . VAL A 1 10  ? 12.520  -5.180  -4.395  1.00 54.57  ? 8   VAL A N   1 
ATOM   2   C  CA  . VAL A 1 10  ? 11.042  -5.391  -4.465  1.00 54.88  ? 8   VAL A CA  1 
ATOM   3   C  C   . VAL A 1 10  ? 10.278  -4.195  -3.865  1.00 52.88  ? 8   VAL A C   1 
ATOM   4   O  O   . VAL A 1 10  ? 10.569  -3.745  -2.755  1.00 50.35  ? 8   VAL A O   1 
ATOM   5   C  CB  . VAL A 1 10  ? 10.634  -6.758  -3.824  1.00 56.61  ? 8   VAL A CB  1 
ATOM   6   C  CG1 . VAL A 1 10  ? 9.125   -6.847  -3.543  1.00 60.66  ? 8   VAL A CG1 1 
ATOM   7   C  CG2 . VAL A 1 10  ? 11.077  -7.916  -4.717  1.00 55.93  ? 8   VAL A CG2 1 
ATOM   8   N  N   . THR A 1 11  ? 9.317   -3.680  -4.633  1.00 50.68  ? 9   THR A N   1 
ATOM   9   C  CA  . THR A 1 11  ? 8.510   -2.522  -4.242  1.00 46.56  ? 9   THR A CA  1 
ATOM   10  C  C   . THR A 1 11  ? 6.992   -2.793  -4.248  1.00 42.45  ? 9   THR A C   1 
ATOM   11  O  O   . THR A 1 11  ? 6.417   -3.242  -5.246  1.00 40.51  ? 9   THR A O   1 
ATOM   12  C  CB  . THR A 1 11  ? 8.898   -1.237  -5.049  1.00 48.33  ? 9   THR A CB  1 
ATOM   13  O  OG1 . THR A 1 11  ? 7.727   -0.492  -5.401  1.00 52.18  ? 9   THR A OG1 1 
ATOM   14  C  CG2 . THR A 1 11  ? 9.678   -1.587  -6.307  1.00 50.59  ? 9   THR A CG2 1 
ATOM   15  N  N   . VAL A 1 12  ? 6.373   -2.507  -3.104  1.00 36.73  ? 10  VAL A N   1 
ATOM   16  C  CA  . VAL A 1 12  ? 4.970   -2.804  -2.838  1.00 33.33  ? 10  VAL A CA  1 
ATOM   17  C  C   . VAL A 1 12  ? 4.173   -1.509  -2.765  1.00 34.14  ? 10  VAL A C   1 
ATOM   18  O  O   . VAL A 1 12  ? 4.598   -0.566  -2.100  1.00 40.18  ? 10  VAL A O   1 
ATOM   19  C  CB  . VAL A 1 12  ? 4.820   -3.582  -1.492  1.00 31.75  ? 10  VAL A CB  1 
ATOM   20  C  CG1 . VAL A 1 12  ? 3.364   -3.863  -1.162  1.00 28.39  ? 10  VAL A CG1 1 
ATOM   21  C  CG2 . VAL A 1 12  ? 5.593   -4.883  -1.541  1.00 34.35  ? 10  VAL A CG2 1 
ATOM   22  N  N   . ALA A 1 13  ? 3.031   -1.453  -3.448  1.00 32.10  ? 11  ALA A N   1 
ATOM   23  C  CA  . ALA A 1 13  ? 2.104   -0.332  -3.299  1.00 28.22  ? 11  ALA A CA  1 
ATOM   24  C  C   . ALA A 1 13  ? 0.884   -0.725  -2.481  1.00 30.88  ? 11  ALA A C   1 
ATOM   25  O  O   . ALA A 1 13  ? 0.102   -1.577  -2.899  1.00 33.20  ? 11  ALA A O   1 
ATOM   26  C  CB  . ALA A 1 13  ? 1.679   0.204   -4.642  1.00 29.01  ? 11  ALA A CB  1 
ATOM   27  N  N   . GLY A 1 14  ? 0.733   -0.110  -1.313  1.00 30.82  ? 12  GLY A N   1 
ATOM   28  C  CA  . GLY A 1 14  ? -0.451  -0.299  -0.475  1.00 31.09  ? 12  GLY A CA  1 
ATOM   29  C  C   . GLY A 1 14  ? -1.586  0.569   -0.974  1.00 33.24  ? 12  GLY A C   1 
ATOM   30  O  O   . GLY A 1 14  ? -1.406  1.769   -1.177  1.00 34.77  ? 12  GLY A O   1 
ATOM   31  N  N   . ILE A 1 15  ? -2.753  -0.035  -1.180  1.00 33.87  ? 13  ILE A N   1 
ATOM   32  C  CA  . ILE A 1 15  ? -3.900  0.669   -1.768  1.00 33.24  ? 13  ILE A CA  1 
ATOM   33  C  C   . ILE A 1 15  ? -5.061  0.811   -0.787  1.00 34.56  ? 13  ILE A C   1 
ATOM   34  O  O   . ILE A 1 15  ? -5.502  -0.163  -0.181  1.00 33.01  ? 13  ILE A O   1 
ATOM   35  C  CB  . ILE A 1 15  ? -4.416  -0.025  -3.060  1.00 31.17  ? 13  ILE A CB  1 
ATOM   36  C  CG1 . ILE A 1 15  ? -3.272  -0.343  -4.033  1.00 32.58  ? 13  ILE A CG1 1 
ATOM   37  C  CG2 . ILE A 1 15  ? -5.492  0.821   -3.744  1.00 34.90  ? 13  ILE A CG2 1 
ATOM   38  C  CD1 . ILE A 1 15  ? -2.499  0.869   -4.531  1.00 34.57  ? 13  ILE A CD1 1 
ATOM   39  N  N   . GLY A 1 16  ? -5.536  2.041   -0.635  1.00 39.21  ? 14  GLY A N   1 
ATOM   40  C  CA  . GLY A 1 16  ? -6.757  2.322   0.103   1.00 44.55  ? 14  GLY A CA  1 
ATOM   41  C  C   . GLY A 1 16  ? -7.687  3.121   -0.782  1.00 49.37  ? 14  GLY A C   1 
ATOM   42  O  O   . GLY A 1 16  ? -7.237  3.947   -1.571  1.00 49.14  ? 14  GLY A O   1 
ATOM   43  N  N   . CYS A 1 17  ? -8.984  2.857   -0.669  1.00 56.78  ? 15  CYS A N   1 
ATOM   44  C  CA  . CYS A 1 17  ? -9.996  3.621   -1.397  1.00 65.07  ? 15  CYS A CA  1 
ATOM   45  C  C   . CYS A 1 17  ? -11.326 3.606   -0.665  1.00 69.83  ? 15  CYS A C   1 
ATOM   46  O  O   . CYS A 1 17  ? -11.556 2.760   0.204   1.00 70.25  ? 15  CYS A O   1 
ATOM   47  C  CB  . CYS A 1 17  ? -10.169 3.104   -2.832  1.00 65.72  ? 15  CYS A CB  1 
ATOM   48  S  SG  . CYS A 1 17  ? -10.285 1.315   -2.994  1.00 70.17  ? 15  CYS A SG  1 
ATOM   49  N  N   . ARG A 1 18  ? -12.192 4.558   -1.011  1.00 76.56  ? 16  ARG A N   1 
ATOM   50  C  CA  . ARG A 1 18  ? -13.538 4.617   -0.452  1.00 82.29  ? 16  ARG A CA  1 
ATOM   51  C  C   . ARG A 1 18  ? -14.406 3.546   -1.121  1.00 84.80  ? 16  ARG A C   1 
ATOM   52  O  O   . ARG A 1 18  ? -14.125 3.136   -2.255  1.00 84.97  ? 16  ARG A O   1 
ATOM   53  C  CB  . ARG A 1 18  ? -14.143 6.019   -0.634  1.00 82.79  ? 16  ARG A CB  1 
ATOM   54  C  CG  . ARG A 1 18  ? -14.681 6.656   0.657   1.00 86.27  ? 16  ARG A CG  1 
ATOM   55  C  CD  . ARG A 1 18  ? -15.993 6.022   1.122   1.00 89.53  ? 16  ARG A CD  1 
ATOM   56  N  NE  . ARG A 1 18  ? -16.064 5.890   2.578   1.00 93.38  ? 16  ARG A NE  1 
ATOM   57  C  CZ  . ARG A 1 18  ? -15.604 4.850   3.275   1.00 96.92  ? 16  ARG A CZ  1 
ATOM   58  N  NH1 . ARG A 1 18  ? -15.723 4.833   4.596   1.00 98.79  ? 16  ARG A NH1 1 
ATOM   59  N  NH2 . ARG A 1 18  ? -15.021 3.824   2.665   1.00 97.14  ? 16  ARG A NH2 1 
ATOM   60  N  N   . LYS A 1 19  ? -15.429 3.082   -0.400  1.00 87.39  ? 17  LYS A N   1 
ATOM   61  C  CA  . LYS A 1 19  ? -16.388 2.086   -0.894  1.00 88.30  ? 17  LYS A CA  1 
ATOM   62  C  C   . LYS A 1 19  ? -16.988 2.530   -2.223  1.00 86.11  ? 17  LYS A C   1 
ATOM   63  O  O   . LYS A 1 19  ? -17.656 3.565   -2.303  1.00 86.98  ? 17  LYS A O   1 
ATOM   64  C  CB  . LYS A 1 19  ? -17.515 1.855   0.125   1.00 89.27  ? 17  LYS A CB  1 
ATOM   65  C  CG  . LYS A 1 19  ? -17.091 1.284   1.478   1.00 91.27  ? 17  LYS A CG  1 
ATOM   66  C  CD  . LYS A 1 19  ? -18.231 1.413   2.486   1.00 91.35  ? 17  LYS A CD  1 
ATOM   67  C  CE  . LYS A 1 19  ? -17.804 1.044   3.899   1.00 92.70  ? 17  LYS A CE  1 
ATOM   68  N  NZ  . LYS A 1 19  ? -18.871 1.372   4.888   1.00 91.95  ? 17  LYS A NZ  1 
ATOM   69  N  N   . GLY A 1 20  ? -16.720 1.751   -3.265  1.00 83.34  ? 18  GLY A N   1 
ATOM   70  C  CA  . GLY A 1 20  ? -17.190 2.059   -4.606  1.00 81.45  ? 18  GLY A CA  1 
ATOM   71  C  C   . GLY A 1 20  ? -16.144 2.856   -5.351  1.00 81.49  ? 18  GLY A C   1 
ATOM   72  O  O   . GLY A 1 20  ? -16.270 4.074   -5.507  1.00 84.12  ? 18  GLY A O   1 
ATOM   73  N  N   . ALA A 1 21  ? -15.095 2.164   -5.787  1.00 78.46  ? 19  ALA A N   1 
ATOM   74  C  CA  . ALA A 1 21  ? -14.037 2.764   -6.586  1.00 73.30  ? 19  ALA A CA  1 
ATOM   75  C  C   . ALA A 1 21  ? -13.856 1.937   -7.849  1.00 70.24  ? 19  ALA A C   1 
ATOM   76  O  O   . ALA A 1 21  ? -13.754 0.711   -7.777  1.00 69.97  ? 19  ALA A O   1 
ATOM   77  C  CB  . ALA A 1 21  ? -12.742 2.829   -5.795  1.00 72.61  ? 19  ALA A CB  1 
ATOM   78  N  N   . ALA A 1 22  ? -13.844 2.610   -8.998  1.00 67.21  ? 20  ALA A N   1 
ATOM   79  C  CA  . ALA A 1 22  ? -13.662 1.952   -10.292 1.00 64.28  ? 20  ALA A CA  1 
ATOM   80  C  C   . ALA A 1 22  ? -12.238 1.427   -10.424 1.00 61.70  ? 20  ALA A C   1 
ATOM   81  O  O   . ALA A 1 22  ? -11.301 2.037   -9.911  1.00 61.33  ? 20  ALA A O   1 
ATOM   82  C  CB  . ALA A 1 22  ? -13.986 2.912   -11.431 1.00 64.01  ? 20  ALA A CB  1 
ATOM   83  N  N   . SER A 1 23  ? -12.088 0.293   -11.107 1.00 58.86  ? 21  SER A N   1 
ATOM   84  C  CA  . SER A 1 23  ? -10.789 -0.348  -11.294 1.00 58.27  ? 21  SER A CA  1 
ATOM   85  C  C   . SER A 1 23  ? -9.798  0.567   -12.001 1.00 57.86  ? 21  SER A C   1 
ATOM   86  O  O   . SER A 1 23  ? -8.617  0.587   -11.671 1.00 57.79  ? 21  SER A O   1 
ATOM   87  C  CB  . SER A 1 23  ? -10.941 -1.663  -12.066 1.00 58.61  ? 21  SER A CB  1 
ATOM   88  O  OG  . SER A 1 23  ? -11.343 -1.438  -13.405 1.00 63.35  ? 21  SER A OG  1 
ATOM   89  N  N   . ASP A 1 24  ? -10.306 1.345   -12.955 1.00 59.27  ? 22  ASP A N   1 
ATOM   90  C  CA  . ASP A 1 24  ? -9.506  2.300   -13.721 1.00 59.00  ? 22  ASP A CA  1 
ATOM   91  C  C   . ASP A 1 24  ? -9.013  3.497   -12.896 1.00 52.31  ? 22  ASP A C   1 
ATOM   92  O  O   . ASP A 1 24  ? -8.006  4.111   -13.243 1.00 51.82  ? 22  ASP A O   1 
ATOM   93  C  CB  . ASP A 1 24  ? -10.276 2.764   -14.967 1.00 62.60  ? 22  ASP A CB  1 
ATOM   94  C  CG  . ASP A 1 24  ? -11.762 2.954   -14.699 1.00 73.43  ? 22  ASP A CG  1 
ATOM   95  O  OD1 . ASP A 1 24  ? -12.143 3.999   -14.121 1.00 75.11  ? 22  ASP A OD1 1 
ATOM   96  O  OD2 . ASP A 1 24  ? -12.550 2.051   -15.068 1.00 81.71  ? 22  ASP A OD2 1 
ATOM   97  N  N   . ALA A 1 25  ? -9.719  3.816   -11.811 1.00 45.60  ? 23  ALA A N   1 
ATOM   98  C  CA  . ALA A 1 25  ? -9.284  4.854   -10.879 1.00 41.66  ? 23  ALA A CA  1 
ATOM   99  C  C   . ALA A 1 25  ? -8.081  4.380   -10.078 1.00 42.43  ? 23  ALA A C   1 
ATOM   100 O  O   . ALA A 1 25  ? -7.130  5.135   -9.872  1.00 45.33  ? 23  ALA A O   1 
ATOM   101 C  CB  . ALA A 1 25  ? -10.411 5.252   -9.951  1.00 39.21  ? 23  ALA A CB  1 
ATOM   102 N  N   . ILE A 1 26  ? -8.138  3.126   -9.633  1.00 40.15  ? 24  ILE A N   1 
ATOM   103 C  CA  . ILE A 1 26  ? -7.032  2.479   -8.934  1.00 35.82  ? 24  ILE A CA  1 
ATOM   104 C  C   . ILE A 1 26  ? -5.810  2.383   -9.846  1.00 37.44  ? 24  ILE A C   1 
ATOM   105 O  O   . ILE A 1 26  ? -4.700  2.699   -9.423  1.00 39.73  ? 24  ILE A O   1 
ATOM   106 C  CB  . ILE A 1 26  ? -7.399  1.046   -8.460  1.00 34.57  ? 24  ILE A CB  1 
ATOM   107 C  CG1 . ILE A 1 26  ? -8.854  0.937   -7.953  1.00 37.13  ? 24  ILE A CG1 1 
ATOM   108 C  CG2 . ILE A 1 26  ? -6.371  0.513   -7.469  1.00 35.80  ? 24  ILE A CG2 1 
ATOM   109 C  CD1 . ILE A 1 26  ? -9.146  1.551   -6.609  1.00 35.46  ? 24  ILE A CD1 1 
ATOM   110 N  N   . ILE A 1 27  ? -6.031  1.956   -11.094 1.00 37.53  ? 25  ILE A N   1 
ATOM   111 C  CA  . ILE A 1 27  ? -4.962  1.791   -12.093 1.00 35.52  ? 25  ILE A CA  1 
ATOM   112 C  C   . ILE A 1 27  ? -4.249  3.113   -12.363 1.00 35.66  ? 25  ILE A C   1 
ATOM   113 O  O   . ILE A 1 27  ? -3.019  3.173   -12.332 1.00 42.37  ? 25  ILE A O   1 
ATOM   114 C  CB  . ILE A 1 27  ? -5.496  1.172   -13.416 1.00 36.40  ? 25  ILE A CB  1 
ATOM   115 C  CG1 . ILE A 1 27  ? -5.870  -0.297  -13.213 1.00 34.45  ? 25  ILE A CG1 1 
ATOM   116 C  CG2 . ILE A 1 27  ? -4.458  1.277   -14.538 1.00 40.62  ? 25  ILE A CG2 1 
ATOM   117 C  CD1 . ILE A 1 27  ? -6.679  -0.896  -14.346 1.00 35.29  ? 25  ILE A CD1 1 
ATOM   118 N  N   . ALA A 1 28  ? -5.036  4.162   -12.597 1.00 33.70  ? 26  ALA A N   1 
ATOM   119 C  CA  . ALA A 1 28  ? -4.535  5.521   -12.781 1.00 31.57  ? 26  ALA A CA  1 
ATOM   120 C  C   . ALA A 1 28  ? -3.688  5.986   -11.604 1.00 34.58  ? 26  ALA A C   1 
ATOM   121 O  O   . ALA A 1 28  ? -2.625  6.570   -11.800 1.00 38.27  ? 26  ALA A O   1 
ATOM   122 C  CB  . ALA A 1 28  ? -5.694  6.475   -12.991 1.00 31.13  ? 26  ALA A CB  1 
ATOM   123 N  N   . ALA A 1 29  ? -4.167  5.709   -10.392 1.00 33.40  ? 27  ALA A N   1 
ATOM   124 C  CA  . ALA A 1 29  ? -3.486  6.072   -9.153  1.00 33.52  ? 27  ALA A CA  1 
ATOM   125 C  C   . ALA A 1 29  ? -2.130  5.382   -8.966  1.00 35.41  ? 27  ALA A C   1 
ATOM   126 O  O   . ALA A 1 29  ? -1.194  5.984   -8.437  1.00 37.82  ? 27  ALA A O   1 
ATOM   127 C  CB  . ALA A 1 29  ? -4.385  5.781   -7.967  1.00 31.07  ? 27  ALA A CB  1 
ATOM   128 N  N   . VAL A 1 30  ? -2.038  4.122   -9.385  1.00 36.01  ? 28  VAL A N   1 
ATOM   129 C  CA  . VAL A 1 30  ? -0.801  3.356   -9.261  1.00 33.26  ? 28  VAL A CA  1 
ATOM   130 C  C   . VAL A 1 30  ? 0.225   3.850   -10.282 1.00 34.51  ? 28  VAL A C   1 
ATOM   131 O  O   . VAL A 1 30  ? 1.372   4.100   -9.933  1.00 39.08  ? 28  VAL A O   1 
ATOM   132 C  CB  . VAL A 1 30  ? -1.051  1.821   -9.376  1.00 34.27  ? 28  VAL A CB  1 
ATOM   133 C  CG1 . VAL A 1 30  ? 0.261   1.039   -9.358  1.00 35.50  ? 28  VAL A CG1 1 
ATOM   134 C  CG2 . VAL A 1 30  ? -1.940  1.337   -8.245  1.00 23.45  ? 28  VAL A CG2 1 
ATOM   135 N  N   . ARG A 1 31  ? -0.201  4.034   -11.529 1.00 36.34  ? 29  ARG A N   1 
ATOM   136 C  CA  . ARG A 1 31  ? 0.694   4.523   -12.580 1.00 38.57  ? 29  ARG A CA  1 
ATOM   137 C  C   . ARG A 1 31  ? 1.159   5.967   -12.371 1.00 37.41  ? 29  ARG A C   1 
ATOM   138 O  O   . ARG A 1 31  ? 2.270   6.321   -12.768 1.00 41.67  ? 29  ARG A O   1 
ATOM   139 C  CB  . ARG A 1 31  ? 0.067   4.363   -13.966 1.00 41.29  ? 29  ARG A CB  1 
ATOM   140 C  CG  . ARG A 1 31  ? -0.003  2.928   -14.468 1.00 48.10  ? 29  ARG A CG  1 
ATOM   141 C  CD  . ARG A 1 31  ? -0.092  2.895   -15.985 1.00 61.09  ? 29  ARG A CD  1 
ATOM   142 N  NE  . ARG A 1 31  ? -0.857  1.747   -16.475 1.00 71.92  ? 29  ARG A NE  1 
ATOM   143 C  CZ  . ARG A 1 31  ? -0.342  0.551   -16.760 1.00 75.81  ? 29  ARG A CZ  1 
ATOM   144 N  NH1 . ARG A 1 31  ? 0.958   0.317   -16.607 1.00 75.52  ? 29  ARG A NH1 1 
ATOM   145 N  NH2 . ARG A 1 31  ? -1.136  -0.416  -17.201 1.00 73.21  ? 29  ARG A NH2 1 
ATOM   146 N  N   . ALA A 1 32  ? 0.314   6.785   -11.745 1.00 36.55  ? 30  ALA A N   1 
ATOM   147 C  CA  . ALA A 1 32  ? 0.688   8.151   -11.374 1.00 33.73  ? 30  ALA A CA  1 
ATOM   148 C  C   . ALA A 1 32  ? 1.725   8.154   -10.256 1.00 33.18  ? 30  ALA A C   1 
ATOM   149 O  O   . ALA A 1 32  ? 2.636   8.972   -10.269 1.00 34.43  ? 30  ALA A O   1 
ATOM   150 C  CB  . ALA A 1 32  ? -0.533  8.967   -10.977 1.00 32.91  ? 30  ALA A CB  1 
ATOM   151 N  N   . ALA A 1 33  ? 1.577   7.232   -9.303  1.00 33.00  ? 31  ALA A N   1 
ATOM   152 C  CA  . ALA A 1 33  ? 2.544   7.028   -8.224  1.00 31.62  ? 31  ALA A CA  1 
ATOM   153 C  C   . ALA A 1 33  ? 3.904   6.604   -8.763  1.00 35.17  ? 31  ALA A C   1 
ATOM   154 O  O   . ALA A 1 33  ? 4.941   7.101   -8.319  1.00 36.94  ? 31  ALA A O   1 
ATOM   155 C  CB  . ALA A 1 33  ? 2.025   5.992   -7.249  1.00 31.23  ? 31  ALA A CB  1 
ATOM   156 N  N   . GLU A 1 34  ? 3.882   5.690   -9.729  1.00 36.47  ? 32  GLU A N   1 
ATOM   157 C  CA  . GLU A 1 34  ? 5.086   5.212   -10.389 1.00 38.20  ? 32  GLU A CA  1 
ATOM   158 C  C   . GLU A 1 34  ? 5.851   6.346   -11.060 1.00 38.82  ? 32  GLU A C   1 
ATOM   159 O  O   . GLU A 1 34  ? 7.062   6.472   -10.882 1.00 42.13  ? 32  GLU A O   1 
ATOM   160 C  CB  . GLU A 1 34  ? 4.728   4.124   -11.401 1.00 38.40  ? 32  GLU A CB  1 
ATOM   161 C  CG  . GLU A 1 34  ? 4.367   2.813   -10.743 1.00 41.23  ? 32  GLU A CG  1 
ATOM   162 C  CD  . GLU A 1 34  ? 4.028   1.727   -11.729 1.00 48.97  ? 32  GLU A CD  1 
ATOM   163 O  OE1 . GLU A 1 34  ? 4.608   0.628   -11.613 1.00 56.51  ? 32  GLU A OE1 1 
ATOM   164 O  OE2 . GLU A 1 34  ? 3.182   1.962   -12.617 1.00 54.62  ? 32  GLU A OE2 1 
ATOM   165 N  N   . ARG A 1 35  ? 5.127   7.180   -11.803 1.00 38.87  ? 33  ARG A N   1 
ATOM   166 C  CA  . ARG A 1 35  ? 5.711   8.334   -12.483 1.00 37.35  ? 33  ARG A CA  1 
ATOM   167 C  C   . ARG A 1 35  ? 6.193   9.420   -11.526 1.00 36.81  ? 33  ARG A C   1 
ATOM   168 O  O   . ARG A 1 35  ? 7.288   9.949   -11.699 1.00 41.78  ? 33  ARG A O   1 
ATOM   169 C  CB  . ARG A 1 35  ? 4.725   8.923   -13.494 1.00 36.36  ? 33  ARG A CB  1 
ATOM   170 C  CG  . ARG A 1 35  ? 4.506   8.047   -14.710 1.00 41.87  ? 33  ARG A CG  1 
ATOM   171 C  CD  . ARG A 1 35  ? 3.740   8.772   -15.806 1.00 46.92  ? 33  ARG A CD  1 
ATOM   172 N  NE  . ARG A 1 35  ? 2.369   9.080   -15.416 1.00 49.64  ? 33  ARG A NE  1 
ATOM   173 C  CZ  . ARG A 1 35  ? 1.334   8.257   -15.557 1.00 53.46  ? 33  ARG A CZ  1 
ATOM   174 N  NH1 . ARG A 1 35  ? 1.496   7.048   -16.087 1.00 54.35  ? 33  ARG A NH1 1 
ATOM   175 N  NH2 . ARG A 1 35  ? 0.130   8.648   -15.161 1.00 51.78  ? 33  ARG A NH2 1 
ATOM   176 N  N   . ALA A 1 36  ? 5.382   9.733   -10.514 1.00 36.83  ? 34  ALA A N   1 
ATOM   177 C  CA  . ALA A 1 36  ? 5.702   10.782  -9.540  1.00 34.38  ? 34  ALA A CA  1 
ATOM   178 C  C   . ALA A 1 36  ? 6.899   10.469  -8.661  1.00 35.26  ? 34  ALA A C   1 
ATOM   179 O  O   . ALA A 1 36  ? 7.574   11.385  -8.199  1.00 42.60  ? 34  ALA A O   1 
ATOM   180 C  CB  . ALA A 1 36  ? 4.499   11.093  -8.667  1.00 33.74  ? 34  ALA A CB  1 
ATOM   181 N  N   . PHE A 1 37  ? 7.165   9.187   -8.427  1.00 34.95  ? 35  PHE A N   1 
ATOM   182 C  CA  . PHE A 1 37  ? 8.204   8.799   -7.481  1.00 34.05  ? 35  PHE A CA  1 
ATOM   183 C  C   . PHE A 1 37  ? 9.389   8.068   -8.108  1.00 38.00  ? 35  PHE A C   1 
ATOM   184 O  O   . PHE A 1 37  ? 10.408  7.848   -7.450  1.00 38.79  ? 35  PHE A O   1 
ATOM   185 C  CB  . PHE A 1 37  ? 7.601   7.992   -6.334  1.00 33.63  ? 35  PHE A CB  1 
ATOM   186 C  CG  . PHE A 1 37  ? 6.590   8.760   -5.525  1.00 40.52  ? 35  PHE A CG  1 
ATOM   187 C  CD1 . PHE A 1 37  ? 6.904   10.019  -5.006  1.00 42.19  ? 35  PHE A CD1 1 
ATOM   188 C  CD2 . PHE A 1 37  ? 5.328   8.228   -5.274  1.00 36.99  ? 35  PHE A CD2 1 
ATOM   189 C  CE1 . PHE A 1 37  ? 5.975   10.738  -4.257  1.00 43.69  ? 35  PHE A CE1 1 
ATOM   190 C  CE2 . PHE A 1 37  ? 4.392   8.935   -4.521  1.00 42.58  ? 35  PHE A CE2 1 
ATOM   191 C  CZ  . PHE A 1 37  ? 4.716   10.195  -4.012  1.00 42.47  ? 35  PHE A CZ  1 
ATOM   192 N  N   . GLY A 1 38  ? 9.262   7.709   -9.380  1.00 36.03  ? 36  GLY A N   1 
ATOM   193 C  CA  . GLY A 1 38  ? 10.348  7.054   -10.089 1.00 38.96  ? 36  GLY A CA  1 
ATOM   194 C  C   . GLY A 1 38  ? 10.507  5.620   -9.647  1.00 43.44  ? 36  GLY A C   1 
ATOM   195 O  O   . GLY A 1 38  ? 11.624  5.128   -9.502  1.00 48.06  ? 36  GLY A O   1 
ATOM   196 N  N   . VAL A 1 39  ? 9.379   4.955   -9.417  1.00 45.84  ? 37  VAL A N   1 
ATOM   197 C  CA  . VAL A 1 39  ? 9.367   3.556   -8.995  1.00 45.36  ? 37  VAL A CA  1 
ATOM   198 C  C   . VAL A 1 39  ? 8.605   2.701   -10.001 1.00 47.31  ? 37  VAL A C   1 
ATOM   199 O  O   . VAL A 1 39  ? 7.951   3.223   -10.910 1.00 47.43  ? 37  VAL A O   1 
ATOM   200 C  CB  . VAL A 1 39  ? 8.757   3.370   -7.571  1.00 43.44  ? 37  VAL A CB  1 
ATOM   201 C  CG1 . VAL A 1 39  ? 9.614   4.065   -6.518  1.00 41.13  ? 37  VAL A CG1 1 
ATOM   202 C  CG2 . VAL A 1 39  ? 7.310   3.862   -7.514  1.00 38.55  ? 37  VAL A CG2 1 
ATOM   203 N  N   . THR A 1 40  ? 8.712   1.387   -9.843  1.00 48.31  ? 38  THR A N   1 
ATOM   204 C  CA  . THR A 1 40  ? 7.915   0.455   -10.622 1.00 48.66  ? 38  THR A CA  1 
ATOM   205 C  C   . THR A 1 40  ? 7.370   -0.576  -9.657  1.00 44.89  ? 38  THR A C   1 
ATOM   206 O  O   . THR A 1 40  ? 8.127   -1.356  -9.090  1.00 44.51  ? 38  THR A O   1 
ATOM   207 C  CB  . THR A 1 40  ? 8.730   -0.245  -11.738 1.00 50.81  ? 38  THR A CB  1 
ATOM   208 O  OG1 . THR A 1 40  ? 9.817   0.595   -12.157 1.00 55.85  ? 38  THR A OG1 1 
ATOM   209 C  CG2 . THR A 1 40  ? 7.831   -0.553  -12.933 1.00 51.30  ? 38  THR A CG2 1 
ATOM   210 N  N   . VAL A 1 41  ? 6.055   -0.550  -9.464  1.00 41.62  ? 39  VAL A N   1 
ATOM   211 C  CA  . VAL A 1 41  ? 5.365   -1.432  -8.528  1.00 38.74  ? 39  VAL A CA  1 
ATOM   212 C  C   . VAL A 1 41  ? 5.345   -2.860  -9.065  1.00 39.67  ? 39  VAL A C   1 
ATOM   213 O  O   . VAL A 1 41  ? 4.950   -3.095  -10.208 1.00 42.67  ? 39  VAL A O   1 
ATOM   214 C  CB  . VAL A 1 41  ? 3.912   -0.945  -8.288  1.00 37.44  ? 39  VAL A CB  1 
ATOM   215 C  CG1 . VAL A 1 41  ? 3.185   -1.859  -7.331  1.00 32.16  ? 39  VAL A CG1 1 
ATOM   216 C  CG2 . VAL A 1 41  ? 3.908   0.481   -7.763  1.00 38.05  ? 39  VAL A CG2 1 
ATOM   217 N  N   . ASP A 1 42  ? 5.783   -3.809  -8.245  1.00 40.34  ? 40  ASP A N   1 
ATOM   218 C  CA  . ASP A 1 42  ? 5.729   -5.213  -8.633  1.00 42.78  ? 40  ASP A CA  1 
ATOM   219 C  C   . ASP A 1 42  ? 4.832   -6.061  -7.733  1.00 41.81  ? 40  ASP A C   1 
ATOM   220 O  O   . ASP A 1 42  ? 4.726   -7.272  -7.917  1.00 41.21  ? 40  ASP A O   1 
ATOM   221 C  CB  . ASP A 1 42  ? 7.136   -5.815  -8.781  1.00 48.52  ? 40  ASP A CB  1 
ATOM   222 C  CG  . ASP A 1 42  ? 8.106   -5.314  -7.733  1.00 53.85  ? 40  ASP A CG  1 
ATOM   223 O  OD1 . ASP A 1 42  ? 7.803   -5.470  -6.534  1.00 64.33  ? 40  ASP A OD1 1 
ATOM   224 O  OD2 . ASP A 1 42  ? 9.172   -4.776  -8.109  1.00 52.13  ? 40  ASP A OD2 1 
ATOM   225 N  N   . TYR A 1 43  ? 4.150   -5.408  -6.793  1.00 40.44  ? 41  TYR A N   1 
ATOM   226 C  CA  . TYR A 1 43  ? 3.262   -6.096  -5.861  1.00 37.65  ? 41  TYR A CA  1 
ATOM   227 C  C   . TYR A 1 43  ? 2.253   -5.121  -5.239  1.00 32.63  ? 41  TYR A C   1 
ATOM   228 O  O   . TYR A 1 43  ? 2.614   -4.023  -4.840  1.00 32.25  ? 41  TYR A O   1 
ATOM   229 C  CB  . TYR A 1 43  ? 4.110   -6.774  -4.776  1.00 43.56  ? 41  TYR A CB  1 
ATOM   230 C  CG  . TYR A 1 43  ? 3.429   -7.886  -4.030  1.00 44.88  ? 41  TYR A CG  1 
ATOM   231 C  CD1 . TYR A 1 43  ? 3.002   -7.697  -2.723  1.00 48.70  ? 41  TYR A CD1 1 
ATOM   232 C  CD2 . TYR A 1 43  ? 3.224   -9.133  -4.620  1.00 46.81  ? 41  TYR A CD2 1 
ATOM   233 C  CE1 . TYR A 1 43  ? 2.376   -8.709  -2.019  1.00 49.18  ? 41  TYR A CE1 1 
ATOM   234 C  CE2 . TYR A 1 43  ? 2.596   -10.159 -3.922  1.00 48.81  ? 41  TYR A CE2 1 
ATOM   235 C  CZ  . TYR A 1 43  ? 2.175   -9.933  -2.618  1.00 48.33  ? 41  TYR A CZ  1 
ATOM   236 O  OH  . TYR A 1 43  ? 1.553   -10.922 -1.898  1.00 48.59  ? 41  TYR A OH  1 
ATOM   237 N  N   . LEU A 1 44  ? 0.989   -5.519  -5.174  1.00 30.15  ? 42  LEU A N   1 
ATOM   238 C  CA  . LEU A 1 44  ? -0.053  -4.689  -4.559  1.00 31.45  ? 42  LEU A CA  1 
ATOM   239 C  C   . LEU A 1 44  ? -0.496  -5.239  -3.211  1.00 32.91  ? 42  LEU A C   1 
ATOM   240 O  O   . LEU A 1 44  ? -0.426  -6.443  -2.975  1.00 35.53  ? 42  LEU A O   1 
ATOM   241 C  CB  . LEU A 1 44  ? -1.276  -4.576  -5.471  1.00 30.63  ? 42  LEU A CB  1 
ATOM   242 C  CG  . LEU A 1 44  ? -1.207  -3.739  -6.741  1.00 31.68  ? 42  LEU A CG  1 
ATOM   243 C  CD1 . LEU A 1 44  ? -2.562  -3.756  -7.403  1.00 31.13  ? 42  LEU A CD1 1 
ATOM   244 C  CD2 . LEU A 1 44  ? -0.782  -2.316  -6.436  1.00 29.17  ? 42  LEU A CD2 1 
ATOM   245 N  N   . ALA A 1 45  ? -0.963  -4.351  -2.336  1.00 33.93  ? 43  ALA A N   1 
ATOM   246 C  CA  . ALA A 1 45  ? -1.411  -4.740  -0.996  1.00 34.09  ? 43  ALA A CA  1 
ATOM   247 C  C   . ALA A 1 45  ? -2.558  -3.871  -0.493  1.00 35.42  ? 43  ALA A C   1 
ATOM   248 O  O   . ALA A 1 45  ? -2.689  -2.710  -0.886  1.00 33.54  ? 43  ALA A O   1 
ATOM   249 C  CB  . ALA A 1 45  ? -0.257  -4.712  -0.010  1.00 29.63  ? 43  ALA A CB  1 
ATOM   250 N  N   . THR A 1 46  ? -3.380  -4.446  0.382   1.00 33.58  ? 44  THR A N   1 
ATOM   251 C  CA  . THR A 1 46  ? -4.532  -3.746  0.937   1.00 36.03  ? 44  THR A CA  1 
ATOM   252 C  C   . THR A 1 46  ? -4.911  -4.251  2.321   1.00 35.96  ? 44  THR A C   1 
ATOM   253 O  O   . THR A 1 46  ? -4.473  -5.311  2.756   1.00 40.10  ? 44  THR A O   1 
ATOM   254 C  CB  . THR A 1 46  ? -5.768  -3.800  -0.015  1.00 35.56  ? 44  THR A CB  1 
ATOM   255 O  OG1 . THR A 1 46  ? -6.763  -2.873  0.431   1.00 41.67  ? 44  THR A OG1 1 
ATOM   256 C  CG2 . THR A 1 46  ? -6.375  -5.195  -0.093  1.00 33.95  ? 44  THR A CG2 1 
ATOM   257 N  N   . ALA A 1 47  ? -5.724  -3.459  3.004   1.00 39.37  ? 45  ALA A N   1 
ATOM   258 C  CA  . ALA A 1 47  ? -6.305  -3.821  4.284   1.00 41.13  ? 45  ALA A CA  1 
ATOM   259 C  C   . ALA A 1 47  ? -7.549  -4.652  3.995   1.00 43.56  ? 45  ALA A C   1 
ATOM   260 O  O   . ALA A 1 47  ? -7.978  -4.694  2.842   1.00 44.44  ? 45  ALA A O   1 
ATOM   261 C  CB  . ALA A 1 47  ? -6.667  -2.567  5.018   1.00 41.10  ? 45  ALA A CB  1 
ATOM   262 N  N   . PRO A 1 48  ? -8.110  -5.291  5.016   1.00 47.60  ? 46  PRO A N   1 
ATOM   263 C  CA  . PRO A 1 48  ? -9.360  -6.044  4.862   1.00 50.65  ? 46  PRO A CA  1 
ATOM   264 C  C   . PRO A 1 48  ? -10.451 -5.202  4.210   1.00 54.09  ? 46  PRO A C   1 
ATOM   265 O  O   . PRO A 1 48  ? -10.879 -4.199  4.781   1.00 55.82  ? 46  PRO A O   1 
ATOM   266 C  CB  . PRO A 1 48  ? -9.743  -6.375  6.306   1.00 50.98  ? 46  PRO A CB  1 
ATOM   267 C  CG  . PRO A 1 48  ? -8.446  -6.416  7.032   1.00 48.42  ? 46  PRO A CG  1 
ATOM   268 C  CD  . PRO A 1 48  ? -7.581  -5.371  6.389   1.00 47.34  ? 46  PRO A CD  1 
ATOM   269 N  N   . LEU A 1 49  ? -10.892 -5.610  3.025   1.00 59.25  ? 47  LEU A N   1 
ATOM   270 C  CA  . LEU A 1 49  ? -11.727 -4.762  2.184   1.00 64.59  ? 47  LEU A CA  1 
ATOM   271 C  C   . LEU A 1 49  ? -13.187 -4.816  2.623   1.00 69.67  ? 47  LEU A C   1 
ATOM   272 O  O   . LEU A 1 49  ? -13.630 -5.799  3.218   1.00 68.27  ? 47  LEU A O   1 
ATOM   273 C  CB  . LEU A 1 49  ? -11.605 -5.175  0.716   1.00 62.60  ? 47  LEU A CB  1 
ATOM   274 C  CG  . LEU A 1 49  ? -11.114 -6.600  0.451   1.00 56.57  ? 47  LEU A CG  1 
ATOM   275 C  CD1 . LEU A 1 49  ? -12.226 -7.606  0.711   1.00 55.89  ? 47  LEU A CD1 1 
ATOM   276 C  CD2 . LEU A 1 49  ? -10.586 -6.732  -0.968  1.00 54.42  ? 47  LEU A CD2 1 
ATOM   277 N  N   . LYS A 1 50  ? -13.930 -3.755  2.326   1.00 75.84  ? 48  LYS A N   1 
ATOM   278 C  CA  . LYS A 1 50  ? -15.001 -3.300  3.205   1.00 83.13  ? 48  LYS A CA  1 
ATOM   279 C  C   . LYS A 1 50  ? -16.369 -3.688  2.654   1.00 87.12  ? 48  LYS A C   1 
ATOM   280 O  O   . LYS A 1 50  ? -16.845 -4.801  2.877   1.00 86.02  ? 48  LYS A O   1 
ATOM   281 C  CB  . LYS A 1 50  ? -14.924 -1.784  3.401   1.00 83.47  ? 48  LYS A CB  1 
ATOM   282 C  CG  . LYS A 1 50  ? -14.148 -1.357  4.636   1.00 83.36  ? 48  LYS A CG  1 
ATOM   283 C  CD  . LYS A 1 50  ? -14.291 0.135   4.890   1.00 83.95  ? 48  LYS A CD  1 
ATOM   284 C  CE  . LYS A 1 50  ? -13.133 0.911   4.286   1.00 85.90  ? 48  LYS A CE  1 
ATOM   285 N  NZ  . LYS A 1 50  ? -13.288 1.086   2.815   1.00 83.38  ? 48  LYS A NZ  1 
ATOM   286 N  N   . ALA A 1 51  ? -16.995 -2.763  1.933   1.00 93.48  ? 49  ALA A N   1 
ATOM   287 C  CA  . ALA A 1 51  ? -18.259 -3.042  1.263   1.00 97.75  ? 49  ALA A CA  1 
ATOM   288 C  C   . ALA A 1 51  ? -18.051 -3.288  -0.227  1.00 99.83  ? 49  ALA A C   1 
ATOM   289 O  O   . ALA A 1 51  ? -18.611 -4.226  -0.795  1.00 100.66 ? 49  ALA A O   1 
ATOM   290 C  CB  . ALA A 1 51  ? -19.238 -1.899  1.482   1.00 98.37  ? 49  ALA A CB  1 
ATOM   291 N  N   . ASP A 1 52  ? -17.241 -2.441  -0.854  1.00 101.72 ? 50  ASP A N   1 
ATOM   292 C  CA  . ASP A 1 52  ? -16.782 -2.687  -2.217  1.00 102.94 ? 50  ASP A CA  1 
ATOM   293 C  C   . ASP A 1 52  ? -15.381 -3.288  -2.226  1.00 100.67 ? 50  ASP A C   1 
ATOM   294 O  O   . ASP A 1 52  ? -14.504 -2.853  -1.479  1.00 99.74  ? 50  ASP A O   1 
ATOM   295 C  CB  . ASP A 1 52  ? -16.806 -1.392  -3.032  1.00 105.10 ? 50  ASP A CB  1 
ATOM   296 C  CG  . ASP A 1 52  ? -16.710 -1.641  -4.523  1.00 110.05 ? 50  ASP A CG  1 
ATOM   297 O  OD1 . ASP A 1 52  ? -17.727 -2.035  -5.129  1.00 113.43 ? 50  ASP A OD1 1 
ATOM   298 O  OD2 . ASP A 1 52  ? -15.615 -1.442  -5.091  1.00 111.85 ? 50  ASP A OD2 1 
ATOM   299 N  N   . GLU A 1 53  ? -15.176 -4.287  -3.078  1.00 97.86  ? 51  GLU A N   1 
ATOM   300 C  CA  . GLU A 1 53  ? -13.945 -5.068  -3.062  1.00 95.74  ? 51  GLU A CA  1 
ATOM   301 C  C   . GLU A 1 53  ? -13.511 -5.441  -4.475  1.00 91.65  ? 51  GLU A C   1 
ATOM   302 O  O   . GLU A 1 53  ? -12.378 -5.871  -4.693  1.00 91.68  ? 51  GLU A O   1 
ATOM   303 C  CB  . GLU A 1 53  ? -14.122 -6.330  -2.216  1.00 98.56  ? 51  GLU A CB  1 
ATOM   304 C  CG  . GLU A 1 53  ? -14.863 -7.452  -2.923  1.00 102.81 ? 51  GLU A CG  1 
ATOM   305 C  CD  . GLU A 1 53  ? -16.362 -7.234  -2.952  1.00 104.54 ? 51  GLU A CD  1 
ATOM   306 O  OE1 . GLU A 1 53  ? -16.795 -6.064  -2.884  1.00 104.50 ? 51  GLU A OE1 1 
ATOM   307 O  OE2 . GLU A 1 53  ? -17.109 -8.231  -3.043  1.00 103.00 ? 51  GLU A OE2 1 
ATOM   308 N  N   . ALA A 1 54  ? -14.418 -5.274  -5.431  1.00 84.57  ? 52  ALA A N   1 
ATOM   309 C  CA  . ALA A 1 54  ? -14.208 -5.777  -6.779  1.00 78.49  ? 52  ALA A CA  1 
ATOM   310 C  C   . ALA A 1 54  ? -13.310 -4.863  -7.593  1.00 73.50  ? 52  ALA A C   1 
ATOM   311 O  O   . ALA A 1 54  ? -12.552 -5.337  -8.434  1.00 74.27  ? 52  ALA A O   1 
ATOM   312 C  CB  . ALA A 1 54  ? -15.542 -5.976  -7.480  1.00 81.14  ? 52  ALA A CB  1 
ATOM   313 N  N   . GLY A 1 55  ? -13.394 -3.559  -7.327  1.00 66.33  ? 53  GLY A N   1 
ATOM   314 C  CA  . GLY A 1 55  ? -12.620 -2.558  -8.053  1.00 57.82  ? 53  GLY A CA  1 
ATOM   315 C  C   . GLY A 1 55  ? -11.128 -2.754  -7.901  1.00 52.71  ? 53  GLY A C   1 
ATOM   316 O  O   . GLY A 1 55  ? -10.384 -2.658  -8.869  1.00 51.30  ? 53  GLY A O   1 
ATOM   317 N  N   . LEU A 1 56  ? -10.707 -3.061  -6.680  1.00 50.55  ? 54  LEU A N   1 
ATOM   318 C  CA  . LEU A 1 56  ? -9.302  -3.266  -6.354  1.00 49.61  ? 54  LEU A CA  1 
ATOM   319 C  C   . LEU A 1 56  ? -8.752  -4.579  -6.914  1.00 50.89  ? 54  LEU A C   1 
ATOM   320 O  O   . LEU A 1 56  ? -7.606  -4.635  -7.370  1.00 51.00  ? 54  LEU A O   1 
ATOM   321 C  CB  . LEU A 1 56  ? -9.121  -3.199  -4.838  1.00 49.62  ? 54  LEU A CB  1 
ATOM   322 C  CG  . LEU A 1 56  ? -7.758  -3.252  -4.141  1.00 52.22  ? 54  LEU A CG  1 
ATOM   323 C  CD1 . LEU A 1 56  ? -6.645  -2.556  -4.910  1.00 51.28  ? 54  LEU A CD1 1 
ATOM   324 C  CD2 . LEU A 1 56  ? -7.922  -2.615  -2.777  1.00 53.92  ? 54  LEU A CD2 1 
ATOM   325 N  N   . ALA A 1 57  ? -9.572  -5.625  -6.883  1.00 50.42  ? 55  ALA A N   1 
ATOM   326 C  CA  . ALA A 1 57  ? -9.179  -6.929  -7.402  1.00 48.98  ? 55  ALA A CA  1 
ATOM   327 C  C   . ALA A 1 57  ? -9.082  -6.922  -8.926  1.00 49.04  ? 55  ALA A C   1 
ATOM   328 O  O   . ALA A 1 57  ? -8.213  -7.584  -9.494  1.00 50.07  ? 55  ALA A O   1 
ATOM   329 C  CB  . ALA A 1 57  ? -10.145 -7.996  -6.929  1.00 51.76  ? 55  ALA A CB  1 
ATOM   330 N  N   . GLU A 1 58  ? -9.966  -6.163  -9.572  1.00 49.04  ? 56  GLU A N   1 
ATOM   331 C  CA  . GLU A 1 58  ? -9.960  -6.008  -11.030 1.00 49.80  ? 56  GLU A CA  1 
ATOM   332 C  C   . GLU A 1 58  ? -8.790  -5.158  -11.530 1.00 46.80  ? 56  GLU A C   1 
ATOM   333 O  O   . GLU A 1 58  ? -8.332  -5.340  -12.657 1.00 45.77  ? 56  GLU A O   1 
ATOM   334 C  CB  . GLU A 1 58  ? -11.286 -5.408  -11.524 1.00 52.75  ? 56  GLU A CB  1 
ATOM   335 C  CG  . GLU A 1 58  ? -12.468 -6.375  -11.532 1.00 66.56  ? 56  GLU A CG  1 
ATOM   336 C  CD  . GLU A 1 58  ? -12.358 -7.444  -12.608 1.00 80.83  ? 56  GLU A CD  1 
ATOM   337 O  OE1 . GLU A 1 58  ? -12.562 -7.120  -13.800 1.00 86.55  ? 56  GLU A OE1 1 
ATOM   338 O  OE2 . GLU A 1 58  ? -12.078 -8.612  -12.258 1.00 84.36  ? 56  GLU A OE2 1 
ATOM   339 N  N   . ALA A 1 59  ? -8.321  -4.235  -10.690 1.00 45.88  ? 57  ALA A N   1 
ATOM   340 C  CA  . ALA A 1 59  ? -7.218  -3.331  -11.035 1.00 41.86  ? 57  ALA A CA  1 
ATOM   341 C  C   . ALA A 1 59  ? -5.881  -4.038  -10.987 1.00 42.53  ? 57  ALA A C   1 
ATOM   342 O  O   . ALA A 1 59  ? -5.003  -3.769  -11.805 1.00 46.06  ? 57  ALA A O   1 
ATOM   343 C  CB  . ALA A 1 59  ? -7.201  -2.153  -10.115 1.00 38.23  ? 57  ALA A CB  1 
ATOM   344 N  N   . ALA A 1 60  ? -5.734  -4.935  -10.013 1.00 41.42  ? 58  ALA A N   1 
ATOM   345 C  CA  . ALA A 1 60  ? -4.582  -5.820  -9.920  1.00 39.32  ? 58  ALA A CA  1 
ATOM   346 C  C   . ALA A 1 60  ? -4.482  -6.714  -11.154 1.00 42.54  ? 58  ALA A C   1 
ATOM   347 O  O   . ALA A 1 60  ? -3.383  -7.010  -11.610 1.00 45.03  ? 58  ALA A O   1 
ATOM   348 C  CB  . ALA A 1 60  ? -4.667  -6.657  -8.661  1.00 37.28  ? 58  ALA A CB  1 
ATOM   349 N  N   . LYS A 1 61  ? -5.632  -7.126  -11.691 1.00 45.17  ? 59  LYS A N   1 
ATOM   350 C  CA  . LYS A 1 61  ? -5.699  -7.932  -12.911 1.00 46.31  ? 59  LYS A CA  1 
ATOM   351 C  C   . LYS A 1 61  ? -5.288  -7.094  -14.113 1.00 45.98  ? 59  LYS A C   1 
ATOM   352 O  O   . LYS A 1 61  ? -4.557  -7.567  -14.985 1.00 48.52  ? 59  LYS A O   1 
ATOM   353 C  CB  . LYS A 1 61  ? -7.111  -8.502  -13.103 1.00 46.47  ? 59  LYS A CB  1 
ATOM   354 C  CG  . LYS A 1 61  ? -7.253  -9.516  -14.238 1.00 47.66  ? 59  LYS A CG  1 
ATOM   355 C  CD  . LYS A 1 61  ? -8.523  -10.356 -14.099 1.00 52.85  ? 59  LYS A CD  1 
ATOM   356 C  CE  . LYS A 1 61  ? -9.753  -9.685  -14.722 1.00 62.83  ? 59  LYS A CE  1 
ATOM   357 N  NZ  . LYS A 1 61  ? -9.757  -9.730  -16.217 1.00 62.27  ? 59  LYS A NZ  1 
ATOM   358 N  N   . GLY A 1 62  ? -5.750  -5.847  -14.134 1.00 45.15  ? 60  GLY A N   1 
ATOM   359 C  CA  . GLY A 1 62  ? -5.411  -4.887  -15.180 1.00 42.14  ? 60  GLY A CA  1 
ATOM   360 C  C   . GLY A 1 62  ? -3.951  -4.490  -15.160 1.00 41.55  ? 60  GLY A C   1 
ATOM   361 O  O   . GLY A 1 62  ? -3.335  -4.338  -16.211 1.00 46.02  ? 60  GLY A O   1 
ATOM   362 N  N   . LEU A 1 63  ? -3.393  -4.338  -13.962 1.00 39.80  ? 61  LEU A N   1 
ATOM   363 C  CA  . LEU A 1 63  ? -1.973  -4.031  -13.809 1.00 37.75  ? 61  LEU A CA  1 
ATOM   364 C  C   . LEU A 1 63  ? -1.099  -5.285  -13.910 1.00 38.72  ? 61  LEU A C   1 
ATOM   365 O  O   . LEU A 1 63  ? 0.127   -5.185  -13.938 1.00 40.49  ? 61  LEU A O   1 
ATOM   366 C  CB  . LEU A 1 63  ? -1.712  -3.328  -12.476 1.00 35.42  ? 61  LEU A CB  1 
ATOM   367 C  CG  . LEU A 1 63  ? -2.235  -1.910  -12.244 1.00 33.19  ? 61  LEU A CG  1 
ATOM   368 C  CD1 . LEU A 1 63  ? -2.376  -1.675  -10.765 1.00 30.06  ? 61  LEU A CD1 1 
ATOM   369 C  CD2 . LEU A 1 63  ? -1.339  -0.854  -12.862 1.00 30.32  ? 61  LEU A CD2 1 
ATOM   370 N  N   . SER A 1 64  ? -1.749  -6.450  -13.973 1.00 40.35  ? 62  SER A N   1 
ATOM   371 C  CA  . SER A 1 64  ? -1.110  -7.773  -13.950 1.00 40.71  ? 62  SER A CA  1 
ATOM   372 C  C   . SER A 1 64  ? -0.175  -7.970  -12.738 1.00 41.26  ? 62  SER A C   1 
ATOM   373 O  O   . SER A 1 64  ? 0.922   -8.525  -12.856 1.00 39.75  ? 62  SER A O   1 
ATOM   374 C  CB  . SER A 1 64  ? -0.430  -8.098  -15.286 1.00 41.71  ? 62  SER A CB  1 
ATOM   375 O  OG  . SER A 1 64  ? 0.797   -7.411  -15.421 1.00 50.64  ? 62  SER A OG  1 
ATOM   376 N  N   . LEU A 1 65  ? -0.644  -7.503  -11.579 1.00 40.10  ? 63  LEU A N   1 
ATOM   377 C  CA  . LEU A 1 65  ? 0.072   -7.610  -10.312 1.00 36.44  ? 63  LEU A CA  1 
ATOM   378 C  C   . LEU A 1 65  ? -0.718  -8.471  -9.336  1.00 37.31  ? 63  LEU A C   1 
ATOM   379 O  O   . LEU A 1 65  ? -1.942  -8.577  -9.439  1.00 34.96  ? 63  LEU A O   1 
ATOM   380 C  CB  . LEU A 1 65  ? 0.296   -6.224  -9.698  1.00 34.19  ? 63  LEU A CB  1 
ATOM   381 C  CG  . LEU A 1 65  ? 1.100   -5.201  -10.502 1.00 34.49  ? 63  LEU A CG  1 
ATOM   382 C  CD1 . LEU A 1 65  ? 1.049   -3.842  -9.844  1.00 30.64  ? 63  LEU A CD1 1 
ATOM   383 C  CD2 . LEU A 1 65  ? 2.536   -5.656  -10.692 1.00 37.19  ? 63  LEU A CD2 1 
ATOM   384 N  N   . SER A 1 66  ? -0.007  -9.094  -8.396  1.00 37.86  ? 64  SER A N   1 
ATOM   385 C  CA  . SER A 1 66  ? -0.638  -9.861  -7.329  1.00 37.36  ? 64  SER A CA  1 
ATOM   386 C  C   . SER A 1 66  ? -1.147  -8.904  -6.266  1.00 36.16  ? 64  SER A C   1 
ATOM   387 O  O   . SER A 1 66  ? -0.629  -7.799  -6.129  1.00 37.65  ? 64  SER A O   1 
ATOM   388 C  CB  . SER A 1 66  ? 0.347   -10.852 -6.711  1.00 37.43  ? 64  SER A CB  1 
ATOM   389 O  OG  . SER A 1 66  ? 0.593   -11.938 -7.580  1.00 41.82  ? 64  SER A OG  1 
ATOM   390 N  N   . LEU A 1 67  ? -2.170  -9.323  -5.526  1.00 33.98  ? 65  LEU A N   1 
ATOM   391 C  CA  . LEU A 1 67  ? -2.704  -8.519  -4.436  1.00 29.26  ? 65  LEU A CA  1 
ATOM   392 C  C   . LEU A 1 67  ? -2.631  -9.287  -3.130  1.00 29.28  ? 65  LEU A C   1 
ATOM   393 O  O   . LEU A 1 67  ? -3.007  -10.444 -3.078  1.00 32.12  ? 65  LEU A O   1 
ATOM   394 C  CB  . LEU A 1 67  ? -4.148  -8.108  -4.730  1.00 24.53  ? 65  LEU A CB  1 
ATOM   395 C  CG  . LEU A 1 67  ? -4.857  -7.230  -3.699  1.00 28.14  ? 65  LEU A CG  1 
ATOM   396 C  CD1 . LEU A 1 67  ? -4.285  -5.812  -3.650  1.00 26.91  ? 65  LEU A CD1 1 
ATOM   397 C  CD2 . LEU A 1 67  ? -6.345  -7.202  -3.987  1.00 30.08  ? 65  LEU A CD2 1 
ATOM   398 N  N   . GLU A 1 68  ? -2.129  -8.648  -2.082  1.00 30.79  ? 66  GLU A N   1 
ATOM   399 C  CA  . GLU A 1 68  ? -2.216  -9.230  -0.752  1.00 34.10  ? 66  GLU A CA  1 
ATOM   400 C  C   . GLU A 1 68  ? -3.230  -8.477  0.096   1.00 29.04  ? 66  GLU A C   1 
ATOM   401 O  O   . GLU A 1 68  ? -3.072  -7.292  0.361   1.00 28.24  ? 66  GLU A O   1 
ATOM   402 C  CB  . GLU A 1 68  ? -0.854  -9.286  -0.057  1.00 32.53  ? 66  GLU A CB  1 
ATOM   403 C  CG  . GLU A 1 68  ? -0.894  -10.042 1.267   1.00 41.01  ? 66  GLU A CG  1 
ATOM   404 C  CD  . GLU A 1 68  ? 0.466   -10.157 1.936   1.00 44.70  ? 66  GLU A CD  1 
ATOM   405 O  OE1 . GLU A 1 68  ? 1.479   -10.275 1.216   1.00 52.75  ? 66  GLU A OE1 1 
ATOM   406 O  OE2 . GLU A 1 68  ? 0.522   -10.152 3.187   1.00 54.62  ? 66  GLU A OE2 1 
ATOM   407 N  N   . ILE A 1 69  ? -4.286  -9.172  0.496   1.00 29.92  ? 67  ILE A N   1 
ATOM   408 C  CA  . ILE A 1 69  ? -5.253  -8.623  1.437   1.00 30.94  ? 67  ILE A CA  1 
ATOM   409 C  C   . ILE A 1 69  ? -4.769  -9.010  2.832   1.00 33.09  ? 67  ILE A C   1 
ATOM   410 O  O   . ILE A 1 69  ? -4.951  -10.146 3.276   1.00 34.42  ? 67  ILE A O   1 
ATOM   411 C  CB  . ILE A 1 69  ? -6.686  -9.128  1.164   1.00 31.07  ? 67  ILE A CB  1 
ATOM   412 C  CG1 . ILE A 1 69  ? -7.034  -8.937  -0.317  1.00 29.52  ? 67  ILE A CG1 1 
ATOM   413 C  CG2 . ILE A 1 69  ? -7.697  -8.417  2.086   1.00 29.06  ? 67  ILE A CG2 1 
ATOM   414 C  CD1 . ILE A 1 69  ? -8.145  -9.825  -0.820  1.00 33.97  ? 67  ILE A CD1 1 
ATOM   415 N  N   . VAL A 1 70  ? -4.124  -8.053  3.492   1.00 31.75  ? 68  VAL A N   1 
ATOM   416 C  CA  . VAL A 1 70  ? -3.416  -8.287  4.744   1.00 32.05  ? 68  VAL A CA  1 
ATOM   417 C  C   . VAL A 1 70  ? -4.396  -8.335  5.913   1.00 33.95  ? 68  VAL A C   1 
ATOM   418 O  O   . VAL A 1 70  ? -5.195  -7.420  6.080   1.00 36.86  ? 68  VAL A O   1 
ATOM   419 C  CB  . VAL A 1 70  ? -2.354  -7.183  4.979   1.00 30.09  ? 68  VAL A CB  1 
ATOM   420 C  CG1 . VAL A 1 70  ? -1.583  -7.443  6.237   1.00 24.80  ? 68  VAL A CG1 1 
ATOM   421 C  CG2 . VAL A 1 70  ? -1.399  -7.107  3.803   1.00 28.67  ? 68  VAL A CG2 1 
ATOM   422 N  N   . ALA A 1 71  ? -4.333  -9.410  6.701   1.00 35.63  ? 69  ALA A N   1 
ATOM   423 C  CA  . ALA A 1 71  ? -5.177  -9.593  7.889   1.00 36.21  ? 69  ALA A CA  1 
ATOM   424 C  C   . ALA A 1 71  ? -4.964  -8.489  8.920   1.00 40.14  ? 69  ALA A C   1 
ATOM   425 O  O   . ALA A 1 71  ? -3.866  -7.944  9.029   1.00 45.65  ? 69  ALA A O   1 
ATOM   426 C  CB  . ALA A 1 71  ? -4.914  -10.952 8.516   1.00 34.15  ? 69  ALA A CB  1 
ATOM   427 N  N   . GLN A 1 72  ? -6.017  -8.172  9.673   1.00 42.99  ? 70  GLN A N   1 
ATOM   428 C  CA  . GLN A 1 72  ? -5.995  -7.088  10.664  1.00 43.56  ? 70  GLN A CA  1 
ATOM   429 C  C   . GLN A 1 72  ? -4.977  -7.314  11.786  1.00 42.94  ? 70  GLN A C   1 
ATOM   430 O  O   . GLN A 1 72  ? -4.385  -6.360  12.284  1.00 45.04  ? 70  GLN A O   1 
ATOM   431 C  CB  . GLN A 1 72  ? -7.400  -6.867  11.241  1.00 46.09  ? 70  GLN A CB  1 
ATOM   432 C  CG  . GLN A 1 72  ? -7.621  -5.511  11.928  1.00 53.14  ? 70  GLN A CG  1 
ATOM   433 C  CD  . GLN A 1 72  ? -7.747  -4.349  10.947  1.00 61.64  ? 70  GLN A CD  1 
ATOM   434 O  OE1 . GLN A 1 72  ? -8.426  -4.450  9.922   1.00 67.99  ? 70  GLN A OE1 1 
ATOM   435 N  NE2 . GLN A 1 72  ? -7.100  -3.234  11.268  1.00 62.93  ? 70  GLN A NE2 1 
ATOM   436 N  N   . GLU A 1 73  ? -4.773  -8.579  12.155  1.00 44.40  ? 71  GLU A N   1 
ATOM   437 C  CA  . GLU A 1 73  ? -3.781  -8.991  13.154  1.00 45.85  ? 71  GLU A CA  1 
ATOM   438 C  C   . GLU A 1 73  ? -2.372  -8.656  12.704  1.00 43.97  ? 71  GLU A C   1 
ATOM   439 O  O   . GLU A 1 73  ? -1.534  -8.264  13.512  1.00 45.24  ? 71  GLU A O   1 
ATOM   440 C  CB  . GLU A 1 73  ? -3.865  -10.505 13.399  1.00 48.34  ? 71  GLU A CB  1 
ATOM   441 C  CG  . GLU A 1 73  ? -5.012  -10.961 14.303  1.00 64.39  ? 71  GLU A CG  1 
ATOM   442 C  CD  . GLU A 1 73  ? -6.371  -11.045 13.597  1.00 74.34  ? 71  GLU A CD  1 
ATOM   443 O  OE1 . GLU A 1 73  ? -7.379  -11.305 14.296  1.00 76.08  ? 71  GLU A OE1 1 
ATOM   444 O  OE2 . GLU A 1 73  ? -6.440  -10.863 12.358  1.00 72.59  ? 71  GLU A OE2 1 
ATOM   445 N  N   . ARG A 1 74  ? -2.131  -8.828  11.406  1.00 41.83  ? 72  ARG A N   1 
ATOM   446 C  CA  . ARG A 1 74  ? -0.837  -8.582  10.786  1.00 41.46  ? 72  ARG A CA  1 
ATOM   447 C  C   . ARG A 1 74  ? -0.608  -7.078  10.620  1.00 39.21  ? 72  ARG A C   1 
ATOM   448 O  O   . ARG A 1 74  ? 0.508   -6.596  10.798  1.00 39.48  ? 72  ARG A O   1 
ATOM   449 C  CB  . ARG A 1 74  ? -0.762  -9.326  9.445   1.00 42.69  ? 72  ARG A CB  1 
ATOM   450 C  CG  . ARG A 1 74  ? 0.571   -9.248  8.692   1.00 54.83  ? 72  ARG A CG  1 
ATOM   451 C  CD  . ARG A 1 74  ? 1.628   -10.203 9.234   1.00 65.60  ? 72  ARG A CD  1 
ATOM   452 N  NE  . ARG A 1 74  ? 2.547   -9.541  10.163  1.00 70.80  ? 72  ARG A NE  1 
ATOM   453 C  CZ  . ARG A 1 74  ? 3.724   -9.018  9.822   1.00 70.02  ? 72  ARG A CZ  1 
ATOM   454 N  NH1 . ARG A 1 74  ? 4.146   -9.072  8.560   1.00 64.19  ? 72  ARG A NH1 1 
ATOM   455 N  NH2 . ARG A 1 74  ? 4.483   -8.439  10.747  1.00 68.59  ? 72  ARG A NH2 1 
ATOM   456 N  N   . LEU A 1 75  ? -1.672  -6.348  10.291  1.00 37.16  ? 73  LEU A N   1 
ATOM   457 C  CA  . LEU A 1 75  ? -1.625  -4.895  10.186  1.00 33.50  ? 73  LEU A CA  1 
ATOM   458 C  C   . LEU A 1 75  ? -1.299  -4.265  11.518  1.00 35.03  ? 73  LEU A C   1 
ATOM   459 O  O   . LEU A 1 75  ? -0.438  -3.388  11.595  1.00 38.86  ? 73  LEU A O   1 
ATOM   460 C  CB  . LEU A 1 75  ? -2.962  -4.339  9.711   1.00 33.78  ? 73  LEU A CB  1 
ATOM   461 C  CG  . LEU A 1 75  ? -3.368  -4.452  8.244   1.00 36.67  ? 73  LEU A CG  1 
ATOM   462 C  CD1 . LEU A 1 75  ? -4.733  -3.830  8.063   1.00 37.43  ? 73  LEU A CD1 1 
ATOM   463 C  CD2 . LEU A 1 75  ? -2.375  -3.762  7.360   1.00 33.73  ? 73  LEU A CD2 1 
ATOM   464 N  N   . GLU A 1 76  ? -1.998  -4.714  12.561  1.00 35.24  ? 74  GLU A N   1 
ATOM   465 C  CA  . GLU A 1 76  ? -1.763  -4.241  13.921  1.00 35.89  ? 74  GLU A CA  1 
ATOM   466 C  C   . GLU A 1 76  ? -0.326  -4.492  14.386  1.00 34.60  ? 74  GLU A C   1 
ATOM   467 O  O   . GLU A 1 76  ? 0.296   -3.614  14.979  1.00 36.84  ? 74  GLU A O   1 
ATOM   468 C  CB  . GLU A 1 76  ? -2.762  -4.870  14.895  1.00 38.99  ? 74  GLU A CB  1 
ATOM   469 C  CG  . GLU A 1 76  ? -4.179  -4.287  14.829  1.00 52.20  ? 74  GLU A CG  1 
ATOM   470 C  CD  . GLU A 1 76  ? -4.282  -2.837  15.305  1.00 64.04  ? 74  GLU A CD  1 
ATOM   471 O  OE1 . GLU A 1 76  ? -3.450  -2.394  16.137  1.00 66.34  ? 74  GLU A OE1 1 
ATOM   472 O  OE2 . GLU A 1 76  ? -5.219  -2.141  14.849  1.00 67.37  ? 74  GLU A OE2 1 
ATOM   473 N  N   . ALA A 1 77  ? 0.192   -5.680  14.091  1.00 34.20  ? 75  ALA A N   1 
ATOM   474 C  CA  . ALA A 1 77  ? 1.565   -6.058  14.423  1.00 35.79  ? 75  ALA A CA  1 
ATOM   475 C  C   . ALA A 1 77  ? 2.582   -5.112  13.805  1.00 36.84  ? 75  ALA A C   1 
ATOM   476 O  O   . ALA A 1 77  ? 3.475   -4.632  14.494  1.00 40.97  ? 75  ALA A O   1 
ATOM   477 C  CB  . ALA A 1 77  ? 1.838   -7.488  13.981  1.00 34.32  ? 75  ALA A CB  1 
ATOM   478 N  N   . VAL A 1 78  ? 2.416   -4.844  12.510  1.00 40.08  ? 76  VAL A N   1 
ATOM   479 C  CA  . VAL A 1 78  ? 3.287   -3.955  11.729  1.00 36.70  ? 76  VAL A CA  1 
ATOM   480 C  C   . VAL A 1 78  ? 3.254   -2.525  12.260  1.00 37.65  ? 76  VAL A C   1 
ATOM   481 O  O   . VAL A 1 78  ? 4.304   -1.910  12.463  1.00 38.48  ? 76  VAL A O   1 
ATOM   482 C  CB  . VAL A 1 78  ? 2.915   -4.019  10.224  1.00 34.90  ? 76  VAL A CB  1 
ATOM   483 C  CG1 . VAL A 1 78  ? 3.479   -2.851  9.440   1.00 31.96  ? 76  VAL A CG1 1 
ATOM   484 C  CG2 . VAL A 1 78  ? 3.417   -5.310  9.644   1.00 37.39  ? 76  VAL A CG2 1 
ATOM   485 N  N   . ALA A 1 79  ? 2.047   -2.025  12.518  1.00 38.80  ? 77  ALA A N   1 
ATOM   486 C  CA  . ALA A 1 79  ? 1.858   -0.702  13.106  1.00 38.62  ? 77  ALA A CA  1 
ATOM   487 C  C   . ALA A 1 79  ? 2.527   -0.579  14.470  1.00 37.77  ? 77  ALA A C   1 
ATOM   488 O  O   . ALA A 1 79  ? 3.141   0.444   14.763  1.00 42.53  ? 77  ALA A O   1 
ATOM   489 C  CB  . ALA A 1 79  ? 0.386   -0.366  13.201  1.00 36.30  ? 77  ALA A CB  1 
ATOM   490 N  N   . ALA A 1 80  ? 2.413   -1.628  15.283  1.00 39.65  ? 78  ALA A N   1 
ATOM   491 C  CA  . ALA A 1 80  ? 3.067   -1.700  16.591  1.00 37.54  ? 78  ALA A CA  1 
ATOM   492 C  C   . ALA A 1 80  ? 4.586   -1.689  16.471  1.00 38.30  ? 78  ALA A C   1 
ATOM   493 O  O   . ALA A 1 80  ? 5.240   -0.937  17.173  1.00 43.13  ? 78  ALA A O   1 
ATOM   494 C  CB  . ALA A 1 80  ? 2.603   -2.927  17.355  1.00 36.68  ? 78  ALA A CB  1 
ATOM   495 N  N   . GLU A 1 81  ? 5.128   -2.509  15.570  1.00 40.36  ? 79  GLU A N   1 
ATOM   496 C  CA  . GLU A 1 81  ? 6.573   -2.567  15.292  1.00 44.43  ? 79  GLU A CA  1 
ATOM   497 C  C   . GLU A 1 81  ? 7.175   -1.224  14.864  1.00 45.19  ? 79  GLU A C   1 
ATOM   498 O  O   . GLU A 1 81  ? 8.271   -0.858  15.301  1.00 46.85  ? 79  GLU A O   1 
ATOM   499 C  CB  . GLU A 1 81  ? 6.876   -3.623  14.220  1.00 45.56  ? 79  GLU A CB  1 
ATOM   500 C  CG  . GLU A 1 81  ? 6.805   -5.068  14.707  1.00 56.96  ? 79  GLU A CG  1 
ATOM   501 C  CD  . GLU A 1 81  ? 6.481   -6.064  13.594  1.00 68.54  ? 79  GLU A CD  1 
ATOM   502 O  OE1 . GLU A 1 81  ? 5.822   -7.085  13.889  1.00 71.14  ? 79  GLU A OE1 1 
ATOM   503 O  OE2 . GLU A 1 81  ? 6.877   -5.833  12.427  1.00 75.77  ? 79  GLU A OE2 1 
ATOM   504 N  N   . THR A 1 82  ? 6.446   -0.487  14.028  1.00 44.04  ? 80  THR A N   1 
ATOM   505 C  CA  . THR A 1 82  ? 6.928   0.781   13.484  1.00 43.00  ? 80  THR A CA  1 
ATOM   506 C  C   . THR A 1 82  ? 6.884   1.918   14.504  1.00 46.27  ? 80  THR A C   1 
ATOM   507 O  O   . THR A 1 82  ? 7.427   2.994   14.264  1.00 48.31  ? 80  THR A O   1 
ATOM   508 C  CB  . THR A 1 82  ? 6.148   1.198   12.216  1.00 41.29  ? 80  THR A CB  1 
ATOM   509 O  OG1 . THR A 1 82  ? 4.743   1.163   12.482  1.00 40.96  ? 80  THR A OG1 1 
ATOM   510 C  CG2 . THR A 1 82  ? 6.462   0.267   11.058  1.00 36.21  ? 80  THR A CG2 1 
HETATM 511 N  N   . MSE A 1 83  ? 6.240   1.668   15.639  1.00 48.70  ? 81  MSE A N   1 
HETATM 512 C  CA  . MSE A 1 83  ? 6.154   2.648   16.716  1.00 53.43  ? 81  MSE A CA  1 
HETATM 513 C  C   . MSE A 1 83  ? 7.071   2.314   17.887  1.00 49.45  ? 81  MSE A C   1 
HETATM 514 O  O   . MSE A 1 83  ? 7.204   3.109   18.820  1.00 49.49  ? 81  MSE A O   1 
HETATM 515 C  CB  . MSE A 1 83  ? 4.716   2.769   17.200  1.00 51.31  ? 81  MSE A CB  1 
HETATM 516 C  CG  . MSE A 1 83  ? 3.807   3.449   16.207  1.00 60.36  ? 81  MSE A CG  1 
HETATM 517 SE SE  . MSE A 1 83  ? 1.942   3.287   16.709  1.00 71.12  ? 81  MSE A SE  1 
HETATM 518 C  CE  . MSE A 1 83  ? 1.949   4.441   18.293  1.00 71.78  ? 81  MSE A CE  1 
ATOM   519 N  N   . THR A 1 84  ? 7.700   1.141   17.830  1.00 48.10  ? 82  THR A N   1 
ATOM   520 C  CA  . THR A 1 84  ? 8.599   0.699   18.888  1.00 44.43  ? 82  THR A CA  1 
ATOM   521 C  C   . THR A 1 84  ? 10.060  0.812   18.461  1.00 46.54  ? 82  THR A C   1 
ATOM   522 O  O   . THR A 1 84  ? 10.740  1.761   18.847  1.00 51.02  ? 82  THR A O   1 
ATOM   523 C  CB  . THR A 1 84  ? 8.285   -0.742  19.385  1.00 42.72  ? 82  THR A CB  1 
ATOM   524 O  OG1 . THR A 1 84  ? 8.369   -1.662  18.294  1.00 44.91  ? 82  THR A OG1 1 
ATOM   525 C  CG2 . THR A 1 84  ? 6.903   -0.823  20.008  1.00 40.64  ? 82  THR A CG2 1 
ATOM   526 N  N   . PHE A 1 85  ? 10.536  -0.142  17.661  1.00 43.99  ? 83  PHE A N   1 
ATOM   527 C  CA  . PHE A 1 85  ? 11.957  -0.215  17.318  1.00 44.74  ? 83  PHE A CA  1 
ATOM   528 C  C   . PHE A 1 85  ? 12.219  -0.056  15.827  1.00 48.37  ? 83  PHE A C   1 
ATOM   529 O  O   . PHE A 1 85  ? 13.345  0.237   15.428  1.00 53.12  ? 83  PHE A O   1 
ATOM   530 C  CB  . PHE A 1 85  ? 12.581  -1.534  17.792  1.00 41.16  ? 83  PHE A CB  1 
ATOM   531 C  CG  . PHE A 1 85  ? 12.182  -1.941  19.181  1.00 39.34  ? 83  PHE A CG  1 
ATOM   532 C  CD1 . PHE A 1 85  ? 11.415  -3.086  19.386  1.00 35.82  ? 83  PHE A CD1 1 
ATOM   533 C  CD2 . PHE A 1 85  ? 12.573  -1.192  20.287  1.00 36.47  ? 83  PHE A CD2 1 
ATOM   534 C  CE1 . PHE A 1 85  ? 11.041  -3.475  20.669  1.00 31.37  ? 83  PHE A CE1 1 
ATOM   535 C  CE2 . PHE A 1 85  ? 12.195  -1.574  21.571  1.00 33.31  ? 83  PHE A CE2 1 
ATOM   536 C  CZ  . PHE A 1 85  ? 11.433  -2.718  21.757  1.00 31.97  ? 83  PHE A CZ  1 
ATOM   537 N  N   . SER A 1 86  ? 11.188  -0.269  15.012  1.00 49.35  ? 84  SER A N   1 
ATOM   538 C  CA  . SER A 1 86  ? 11.310  -0.140  13.561  1.00 50.64  ? 84  SER A CA  1 
ATOM   539 C  C   . SER A 1 86  ? 10.767  1.201   13.085  1.00 50.08  ? 84  SER A C   1 
ATOM   540 O  O   . SER A 1 86  ? 10.097  1.273   12.061  1.00 51.90  ? 84  SER A O   1 
ATOM   541 C  CB  . SER A 1 86  ? 10.585  -1.287  12.847  1.00 50.62  ? 84  SER A CB  1 
ATOM   542 O  OG  . SER A 1 86  ? 11.164  -2.537  13.168  1.00 58.86  ? 84  SER A OG  1 
ATOM   543 N  N   . GLN A 1 87  ? 11.078  2.263   13.822  1.00 50.40  ? 85  GLN A N   1 
ATOM   544 C  CA  . GLN A 1 87  ? 10.563  3.597   13.525  1.00 52.38  ? 85  GLN A CA  1 
ATOM   545 C  C   . GLN A 1 87  ? 11.165  4.196   12.256  1.00 53.90  ? 85  GLN A C   1 
ATOM   546 O  O   . GLN A 1 87  ? 10.615  5.134   11.684  1.00 53.77  ? 85  GLN A O   1 
ATOM   547 C  CB  . GLN A 1 87  ? 10.782  4.531   14.713  1.00 53.27  ? 85  GLN A CB  1 
ATOM   548 C  CG  . GLN A 1 87  ? 10.288  3.972   16.034  1.00 57.08  ? 85  GLN A CG  1 
ATOM   549 C  CD  . GLN A 1 87  ? 10.260  5.003   17.139  1.00 61.81  ? 85  GLN A CD  1 
ATOM   550 O  OE1 . GLN A 1 87  ? 10.437  6.198   16.899  1.00 65.74  ? 85  GLN A OE1 1 
ATOM   551 N  NE2 . GLN A 1 87  ? 10.028  4.546   18.363  1.00 65.05  ? 85  GLN A NE2 1 
ATOM   552 N  N   . ALA A 1 88  ? 12.289  3.631   11.814  1.00 55.57  ? 86  ALA A N   1 
ATOM   553 C  CA  . ALA A 1 88  ? 12.947  4.037   10.574  1.00 54.82  ? 86  ALA A CA  1 
ATOM   554 C  C   . ALA A 1 88  ? 12.201  3.563   9.315   1.00 54.52  ? 86  ALA A C   1 
ATOM   555 O  O   . ALA A 1 88  ? 12.561  3.941   8.197   1.00 55.03  ? 86  ALA A O   1 
ATOM   556 C  CB  . ALA A 1 88  ? 14.393  3.549   10.566  1.00 53.55  ? 86  ALA A CB  1 
ATOM   557 N  N   . SER A 1 89  ? 11.165  2.744   9.501   1.00 52.71  ? 87  SER A N   1 
ATOM   558 C  CA  . SER A 1 89  ? 10.356  2.241   8.392   1.00 53.07  ? 87  SER A CA  1 
ATOM   559 C  C   . SER A 1 89  ? 9.384   3.280   7.838   1.00 51.06  ? 87  SER A C   1 
ATOM   560 O  O   . SER A 1 89  ? 8.946   3.169   6.697   1.00 48.49  ? 87  SER A O   1 
ATOM   561 C  CB  . SER A 1 89  ? 9.593   0.979   8.801   1.00 54.68  ? 87  SER A CB  1 
ATOM   562 O  OG  . SER A 1 89  ? 10.481  -0.048  9.207   1.00 61.85  ? 87  SER A OG  1 
ATOM   563 N  N   . LEU A 1 90  ? 9.038   4.280   8.642   1.00 52.69  ? 88  LEU A N   1 
ATOM   564 C  CA  . LEU A 1 90  ? 8.177   5.358   8.162   1.00 57.33  ? 88  LEU A CA  1 
ATOM   565 C  C   . LEU A 1 90  ? 8.874   6.707   8.140   1.00 59.59  ? 88  LEU A C   1 
ATOM   566 O  O   . LEU A 1 90  ? 9.749   6.977   8.959   1.00 63.77  ? 88  LEU A O   1 
ATOM   567 C  CB  . LEU A 1 90  ? 6.846   5.431   8.931   1.00 57.99  ? 88  LEU A CB  1 
ATOM   568 C  CG  . LEU A 1 90  ? 6.651   4.931   10.364  1.00 60.05  ? 88  LEU A CG  1 
ATOM   569 C  CD1 . LEU A 1 90  ? 7.394   5.774   11.386  1.00 67.68  ? 88  LEU A CD1 1 
ATOM   570 C  CD2 . LEU A 1 90  ? 5.179   4.941   10.676  1.00 58.37  ? 88  LEU A CD2 1 
ATOM   571 N  N   . ASP A 1 91  ? 8.477   7.548   7.189   1.00 62.56  ? 89  ASP A N   1 
ATOM   572 C  CA  . ASP A 1 91  ? 9.068   8.874   7.021   1.00 64.74  ? 89  ASP A CA  1 
ATOM   573 C  C   . ASP A 1 91  ? 8.223   9.995   7.629   1.00 65.51  ? 89  ASP A C   1 
ATOM   574 O  O   . ASP A 1 91  ? 8.371   11.163  7.266   1.00 68.49  ? 89  ASP A O   1 
ATOM   575 C  CB  . ASP A 1 91  ? 9.388   9.155   5.543   1.00 67.67  ? 89  ASP A CB  1 
ATOM   576 C  CG  . ASP A 1 91  ? 8.264   8.739   4.591   1.00 70.44  ? 89  ASP A CG  1 
ATOM   577 O  OD1 . ASP A 1 91  ? 8.518   8.730   3.365   1.00 76.67  ? 89  ASP A OD1 1 
ATOM   578 O  OD2 . ASP A 1 91  ? 7.141   8.424   5.046   1.00 69.17  ? 89  ASP A OD2 1 
ATOM   579 N  N   . HIS A 1 92  ? 7.341   9.627   8.557   1.00 63.86  ? 90  HIS A N   1 
ATOM   580 C  CA  . HIS A 1 92  ? 6.563   10.590  9.338   1.00 61.51  ? 90  HIS A CA  1 
ATOM   581 C  C   . HIS A 1 92  ? 6.466   10.145  10.801  1.00 60.98  ? 90  HIS A C   1 
ATOM   582 O  O   . HIS A 1 92  ? 6.991   9.095   11.168  1.00 59.50  ? 90  HIS A O   1 
ATOM   583 C  CB  . HIS A 1 92  ? 5.179   10.826  8.712   1.00 61.73  ? 90  HIS A CB  1 
ATOM   584 C  CG  . HIS A 1 92  ? 4.296   9.618   8.702   1.00 59.34  ? 90  HIS A CG  1 
ATOM   585 N  ND1 . HIS A 1 92  ? 3.278   9.433   9.612   1.00 59.95  ? 90  HIS A ND1 1 
ATOM   586 C  CD2 . HIS A 1 92  ? 4.274   8.536   7.889   1.00 57.62  ? 90  HIS A CD2 1 
ATOM   587 C  CE1 . HIS A 1 92  ? 2.670   8.287   9.362   1.00 55.68  ? 90  HIS A CE1 1 
ATOM   588 N  NE2 . HIS A 1 92  ? 3.256   7.724   8.323   1.00 56.49  ? 90  HIS A NE2 1 
ATOM   589 N  N   . SER A 1 93  ? 5.805   10.946  11.632  1.00 63.22  ? 91  SER A N   1 
ATOM   590 C  CA  . SER A 1 93  ? 5.778   10.706  13.076  1.00 65.21  ? 91  SER A CA  1 
ATOM   591 C  C   . SER A 1 93  ? 4.674   9.746   13.525  1.00 64.15  ? 91  SER A C   1 
ATOM   592 O  O   . SER A 1 93  ? 3.530   9.843   13.079  1.00 65.83  ? 91  SER A O   1 
ATOM   593 C  CB  . SER A 1 93  ? 5.654   12.032  13.835  1.00 67.61  ? 91  SER A CB  1 
ATOM   594 O  OG  . SER A 1 93  ? 6.752   12.887  13.563  1.00 75.06  ? 91  SER A OG  1 
ATOM   595 N  N   . GLY A 1 94  ? 5.038   8.818   14.408  1.00 62.05  ? 92  GLY A N   1 
ATOM   596 C  CA  . GLY A 1 94  ? 4.071   7.987   15.116  1.00 57.24  ? 92  GLY A CA  1 
ATOM   597 C  C   . GLY A 1 94  ? 3.547   6.780   14.365  1.00 54.17  ? 92  GLY A C   1 
ATOM   598 O  O   . GLY A 1 94  ? 4.322   5.933   13.915  1.00 55.33  ? 92  GLY A O   1 
ATOM   599 N  N   . SER A 1 95  ? 2.222   6.717   14.244  1.00 48.65  ? 93  SER A N   1 
ATOM   600 C  CA  . SER A 1 95  ? 1.507   5.568   13.690  1.00 44.55  ? 93  SER A CA  1 
ATOM   601 C  C   . SER A 1 95  ? 1.417   5.610   12.172  1.00 42.48  ? 93  SER A C   1 
ATOM   602 O  O   . SER A 1 95  ? 1.144   6.668   11.605  1.00 45.62  ? 93  SER A O   1 
ATOM   603 C  CB  . SER A 1 95  ? 0.087   5.513   14.264  1.00 46.26  ? 93  SER A CB  1 
ATOM   604 O  OG  . SER A 1 95  ? -0.648  4.428   13.717  1.00 45.78  ? 93  SER A OG  1 
ATOM   605 N  N   . PRO A 1 96  ? 1.628   4.456   11.508  1.00 38.07  ? 94  PRO A N   1 
ATOM   606 C  CA  . PRO A 1 96  ? 1.422   4.420   10.066  1.00 35.97  ? 94  PRO A CA  1 
ATOM   607 C  C   . PRO A 1 96  ? -0.062  4.417   9.719   1.00 37.40  ? 94  PRO A C   1 
ATOM   608 O  O   . PRO A 1 96  ? -0.896  4.023   10.540  1.00 39.83  ? 94  PRO A O   1 
ATOM   609 C  CB  . PRO A 1 96  ? 2.064   3.094   9.654   1.00 33.63  ? 94  PRO A CB  1 
ATOM   610 C  CG  . PRO A 1 96  ? 1.956   2.243   10.843  1.00 31.40  ? 94  PRO A CG  1 
ATOM   611 C  CD  . PRO A 1 96  ? 2.059   3.147   12.033  1.00 36.44  ? 94  PRO A CD  1 
ATOM   612 N  N   . SER A 1 97  ? -0.389  4.867   8.513   1.00 34.98  ? 95  SER A N   1 
ATOM   613 C  CA  . SER A 1 97  ? -1.749  4.767   8.026   1.00 32.78  ? 95  SER A CA  1 
ATOM   614 C  C   . SER A 1 97  ? -2.040  3.329   7.608   1.00 34.36  ? 95  SER A C   1 
ATOM   615 O  O   . SER A 1 97  ? -1.128  2.505   7.487   1.00 34.40  ? 95  SER A O   1 
ATOM   616 C  CB  . SER A 1 97  ? -1.986  5.741   6.874   1.00 34.44  ? 95  SER A CB  1 
ATOM   617 O  OG  . SER A 1 97  ? -1.401  5.290   5.668   1.00 42.64  ? 95  SER A OG  1 
ATOM   618 N  N   . VAL A 1 98  ? -3.317  3.041   7.395   1.00 35.10  ? 96  VAL A N   1 
ATOM   619 C  CA  . VAL A 1 98  ? -3.780  1.704   7.047   1.00 32.27  ? 96  VAL A CA  1 
ATOM   620 C  C   . VAL A 1 98  ? -3.103  1.171   5.773   1.00 34.49  ? 96  VAL A C   1 
ATOM   621 O  O   . VAL A 1 98  ? -2.646  0.023   5.745   1.00 35.19  ? 96  VAL A O   1 
ATOM   622 C  CB  . VAL A 1 98  ? -5.322  1.680   6.921   1.00 32.23  ? 96  VAL A CB  1 
ATOM   623 C  CG1 . VAL A 1 98  ? -5.830  0.276   6.883   1.00 30.71  ? 96  VAL A CG1 1 
ATOM   624 C  CG2 . VAL A 1 98  ? -5.958  2.401   8.096   1.00 39.33  ? 96  VAL A CG2 1 
ATOM   625 N  N   . SER A 1 99  ? -3.009  2.020   4.747   1.00 33.68  ? 97  SER A N   1 
ATOM   626 C  CA  . SER A 1 99  ? -2.329  1.683   3.493   1.00 34.89  ? 97  SER A CA  1 
ATOM   627 C  C   . SER A 1 99  ? -0.828  1.512   3.667   1.00 35.10  ? 97  SER A C   1 
ATOM   628 O  O   . SER A 1 99  ? -0.221  0.677   2.993   1.00 39.73  ? 97  SER A O   1 
ATOM   629 C  CB  . SER A 1 99  ? -2.568  2.753   2.433   1.00 36.16  ? 97  SER A CB  1 
ATOM   630 O  OG  . SER A 1 99  ? -3.914  3.174   2.432   1.00 51.22  ? 97  SER A OG  1 
ATOM   631 N  N   . GLU A 1 100 ? -0.237  2.322   4.545   1.00 33.51  ? 98  GLU A N   1 
ATOM   632 C  CA  . GLU A 1 100 ? 1.192   2.259   4.829   1.00 33.42  ? 98  GLU A CA  1 
ATOM   633 C  C   . GLU A 1 100 ? 1.526   0.948   5.523   1.00 32.80  ? 98  GLU A C   1 
ATOM   634 O  O   . GLU A 1 100 ? 2.468   0.263   5.139   1.00 36.43  ? 98  GLU A O   1 
ATOM   635 C  CB  . GLU A 1 100 ? 1.635   3.455   5.677   1.00 32.02  ? 98  GLU A CB  1 
ATOM   636 C  CG  . GLU A 1 100 ? 1.755   4.762   4.901   1.00 33.90  ? 98  GLU A CG  1 
ATOM   637 C  CD  . GLU A 1 100 ? 1.917   5.991   5.792   1.00 39.14  ? 98  GLU A CD  1 
ATOM   638 O  OE1 . GLU A 1 100 ? 1.647   5.897   7.006   1.00 45.01  ? 98  GLU A OE1 1 
ATOM   639 O  OE2 . GLU A 1 100 ? 2.305   7.065   5.278   1.00 44.55  ? 98  GLU A OE2 1 
ATOM   640 N  N   . ALA A 1 101 ? 0.717   0.591   6.515   1.00 32.71  ? 99  ALA A N   1 
ATOM   641 C  CA  . ALA A 1 101 ? 0.872   -0.661  7.253   1.00 31.55  ? 99  ALA A CA  1 
ATOM   642 C  C   . ALA A 1 101 ? 0.612   -1.909  6.404   1.00 31.94  ? 99  ALA A C   1 
ATOM   643 O  O   . ALA A 1 101 ? 1.177   -2.964  6.679   1.00 33.71  ? 99  ALA A O   1 
ATOM   644 C  CB  . ALA A 1 101 ? -0.018  -0.653  8.484   1.00 30.28  ? 99  ALA A CB  1 
ATOM   645 N  N   . ALA A 1 102 ? -0.243  -1.781  5.385   1.00 34.68  ? 100 ALA A N   1 
ATOM   646 C  CA  . ALA A 1 102 ? -0.521  -2.868  4.429   1.00 29.63  ? 100 ALA A CA  1 
ATOM   647 C  C   . ALA A 1 102 ? 0.642   -3.115  3.485   1.00 28.39  ? 100 ALA A C   1 
ATOM   648 O  O   . ALA A 1 102 ? 1.007   -4.262  3.247   1.00 32.64  ? 100 ALA A O   1 
ATOM   649 C  CB  . ALA A 1 102 ? -1.787  -2.589  3.647   1.00 27.34  ? 100 ALA A CB  1 
ATOM   650 N  N   . ALA A 1 103 ? 1.212   -2.033  2.954   1.00 31.05  ? 101 ALA A N   1 
ATOM   651 C  CA  . ALA A 1 103 ? 2.384   -2.087  2.077   1.00 28.69  ? 101 ALA A CA  1 
ATOM   652 C  C   . ALA A 1 103 ? 3.606   -2.630  2.800   1.00 30.80  ? 101 ALA A C   1 
ATOM   653 O  O   . ALA A 1 103 ? 4.364   -3.399  2.222   1.00 34.90  ? 101 ALA A O   1 
ATOM   654 C  CB  . ALA A 1 103 ? 2.691   -0.721  1.505   1.00 25.09  ? 101 ALA A CB  1 
ATOM   655 N  N   . LEU A 1 104 ? 3.782   -2.231  4.060   1.00 32.17  ? 102 LEU A N   1 
ATOM   656 C  CA  . LEU A 1 104 ? 4.913   -2.674  4.870   1.00 30.87  ? 102 LEU A CA  1 
ATOM   657 C  C   . LEU A 1 104 ? 4.777   -4.123  5.287   1.00 33.44  ? 102 LEU A C   1 
ATOM   658 O  O   . LEU A 1 104 ? 5.776   -4.829  5.383   1.00 37.92  ? 102 LEU A O   1 
ATOM   659 C  CB  . LEU A 1 104 ? 5.084   -1.795  6.108   1.00 31.48  ? 102 LEU A CB  1 
ATOM   660 C  CG  . LEU A 1 104 ? 5.678   -0.394  5.924   1.00 34.73  ? 102 LEU A CG  1 
ATOM   661 C  CD1 . LEU A 1 104 ? 5.722   0.334   7.256   1.00 32.24  ? 102 LEU A CD1 1 
ATOM   662 C  CD2 . LEU A 1 104 ? 7.062   -0.439  5.295   1.00 27.79  ? 102 LEU A CD2 1 
ATOM   663 N  N   . ALA A 1 105 ? 3.544   -4.564  5.530   1.00 34.36  ? 103 ALA A N   1 
ATOM   664 C  CA  . ALA A 1 105 ? 3.283   -5.956  5.899   1.00 31.45  ? 103 ALA A CA  1 
ATOM   665 C  C   . ALA A 1 105 ? 3.582   -6.903  4.751   1.00 32.41  ? 103 ALA A C   1 
ATOM   666 O  O   . ALA A 1 105 ? 4.203   -7.946  4.947   1.00 35.02  ? 103 ALA A O   1 
ATOM   667 C  CB  . ALA A 1 105 ? 1.859   -6.126  6.351   1.00 31.74  ? 103 ALA A CB  1 
ATOM   668 N  N   . ALA A 1 106 ? 3.143   -6.525  3.554   1.00 34.22  ? 104 ALA A N   1 
ATOM   669 C  CA  . ALA A 1 106 ? 3.356   -7.327  2.359   1.00 33.71  ? 104 ALA A CA  1 
ATOM   670 C  C   . ALA A 1 106 ? 4.813   -7.316  1.922   1.00 36.01  ? 104 ALA A C   1 
ATOM   671 O  O   . ALA A 1 106 ? 5.302   -8.305  1.389   1.00 41.99  ? 104 ALA A O   1 
ATOM   672 C  CB  . ALA A 1 106 ? 2.470   -6.848  1.245   1.00 34.28  ? 104 ALA A CB  1 
ATOM   673 N  N   . ALA A 1 107 ? 5.477   -6.211  2.164   1.00 37.28  ? 105 ALA A N   1 
ATOM   674 C  CA  . ALA A 1 107 ? 6.872   -6.052  1.889   1.00 39.02  ? 105 ALA A CA  1 
ATOM   675 C  C   . ALA A 1 107 ? 7.717   -6.863  2.796   1.00 43.08  ? 105 ALA A C   1 
ATOM   676 O  O   . ALA A 1 107 ? 8.656   -7.457  2.384   1.00 45.84  ? 105 ALA A O   1 
ATOM   677 C  CB  . ALA A 1 107 ? 7.248   -4.656  2.004   1.00 35.32  ? 105 ALA A CB  1 
ATOM   678 N  N   . GLY A 1 108 ? 7.387   -6.880  4.058   1.00 47.40  ? 106 GLY A N   1 
ATOM   679 C  CA  . GLY A 1 108 ? 8.023   -7.811  4.932   1.00 50.86  ? 106 GLY A CA  1 
ATOM   680 C  C   . GLY A 1 108 ? 9.094   -7.124  5.683   1.00 52.62  ? 106 GLY A C   1 
ATOM   681 O  O   . GLY A 1 108 ? 9.048   -5.949  5.867   1.00 54.09  ? 106 GLY A O   1 
ATOM   682 N  N   . ALA A 1 109 ? 10.068  -7.874  6.131   1.00 57.79  ? 107 ALA A N   1 
ATOM   683 C  CA  . ALA A 1 109 ? 11.045  -7.353  7.049   1.00 58.03  ? 107 ALA A CA  1 
ATOM   684 C  C   . ALA A 1 109 ? 12.155  -6.900  6.194   1.00 57.35  ? 107 ALA A C   1 
ATOM   685 O  O   . ALA A 1 109 ? 12.251  -7.329  5.069   1.00 59.35  ? 107 ALA A O   1 
ATOM   686 C  CB  . ALA A 1 109 ? 11.498  -8.429  7.930   1.00 59.23  ? 107 ALA A CB  1 
ATOM   687 N  N   . GLY A 1 110 ? 13.005  -6.040  6.716   1.00 56.05  ? 108 GLY A N   1 
ATOM   688 C  CA  . GLY A 1 110 ? 12.637  -4.688  7.042   1.00 54.56  ? 108 GLY A CA  1 
ATOM   689 C  C   . GLY A 1 110 ? 12.433  -3.799  5.846   1.00 54.17  ? 108 GLY A C   1 
ATOM   690 O  O   . GLY A 1 110 ? 13.340  -3.208  5.334   1.00 57.24  ? 108 GLY A O   1 
ATOM   691 N  N   . ALA A 1 111 ? 11.204  -3.686  5.422   1.00 49.87  ? 109 ALA A N   1 
ATOM   692 C  CA  . ALA A 1 111 ? 10.841  -2.697  4.471   1.00 46.90  ? 109 ALA A CA  1 
ATOM   693 C  C   . ALA A 1 111 ? 10.850  -1.350  5.109   1.00 46.64  ? 109 ALA A C   1 
ATOM   694 O  O   . ALA A 1 111 ? 10.856  -1.225  6.307   1.00 48.20  ? 109 ALA A O   1 
ATOM   695 C  CB  . ALA A 1 111 ? 9.514   -3.000  3.958   1.00 45.78  ? 109 ALA A CB  1 
ATOM   696 N  N   . ARG A 1 112 ? 10.821  -0.342  4.273   1.00 43.13  ? 110 ARG A N   1 
ATOM   697 C  CA  . ARG A 1 112 ? 10.657  1.052   4.664   1.00 42.32  ? 110 ARG A CA  1 
ATOM   698 C  C   . ARG A 1 112 ? 9.793   1.773   3.634   1.00 39.85  ? 110 ARG A C   1 
ATOM   699 O  O   . ARG A 1 112 ? 9.691   1.336   2.486   1.00 39.67  ? 110 ARG A O   1 
ATOM   700 C  CB  . ARG A 1 112 ? 12.024  1.735   4.847   1.00 45.01  ? 110 ARG A CB  1 
ATOM   701 C  CG  . ARG A 1 112 ? 12.797  1.960   3.560   1.00 53.46  ? 110 ARG A CG  1 
ATOM   702 C  CD  . ARG A 1 112 ? 14.252  1.534   3.672   1.00 67.75  ? 110 ARG A CD  1 
ATOM   703 N  NE  . ARG A 1 112 ? 14.783  1.181   2.352   1.00 79.16  ? 110 ARG A NE  1 
ATOM   704 C  CZ  . ARG A 1 112 ? 14.868  -0.059  1.868   1.00 82.06  ? 110 ARG A CZ  1 
ATOM   705 N  NH1 . ARG A 1 112 ? 14.477  -1.102  2.595   1.00 82.20  ? 110 ARG A NH1 1 
ATOM   706 N  NH2 . ARG A 1 112 ? 15.356  -0.261  0.649   1.00 81.17  ? 110 ARG A NH2 1 
ATOM   707 N  N   . LEU A 1 113 ? 9.151   2.858   4.056   1.00 37.23  ? 111 LEU A N   1 
ATOM   708 C  CA  . LEU A 1 113 ? 8.395   3.707   3.146   1.00 36.10  ? 111 LEU A CA  1 
ATOM   709 C  C   . LEU A 1 113 ? 9.351   4.654   2.452   1.00 39.38  ? 111 LEU A C   1 
ATOM   710 O  O   . LEU A 1 113 ? 10.159  5.304   3.108   1.00 44.26  ? 111 LEU A O   1 
ATOM   711 C  CB  . LEU A 1 113 ? 7.345   4.507   3.908   1.00 34.72  ? 111 LEU A CB  1 
ATOM   712 C  CG  . LEU A 1 113 ? 6.224   3.745   4.609   1.00 32.77  ? 111 LEU A CG  1 
ATOM   713 C  CD1 . LEU A 1 113 ? 5.490   4.701   5.511   1.00 30.67  ? 111 LEU A CD1 1 
ATOM   714 C  CD2 . LEU A 1 113 ? 5.271   3.089   3.612   1.00 28.15  ? 111 LEU A CD2 1 
ATOM   715 N  N   . VAL A 1 114 ? 9.258   4.732   1.128   1.00 42.07  ? 112 VAL A N   1 
ATOM   716 C  CA  . VAL A 1 114 ? 10.219  5.503   0.333   1.00 44.02  ? 112 VAL A CA  1 
ATOM   717 C  C   . VAL A 1 114 ? 9.649   6.787   -0.270  1.00 48.85  ? 112 VAL A C   1 
ATOM   718 O  O   . VAL A 1 114 ? 10.396  7.639   -0.762  1.00 53.89  ? 112 VAL A O   1 
ATOM   719 C  CB  . VAL A 1 114 ? 10.860  4.644   -0.783  1.00 42.93  ? 112 VAL A CB  1 
ATOM   720 C  CG1 . VAL A 1 114 ? 11.636  3.485   -0.179  1.00 47.66  ? 112 VAL A CG1 1 
ATOM   721 C  CG2 . VAL A 1 114 ? 9.809   4.142   -1.763  1.00 40.91  ? 112 VAL A CG2 1 
ATOM   722 N  N   . ALA A 1 115 ? 8.327   6.920   -0.224  1.00 49.05  ? 113 ALA A N   1 
ATOM   723 C  CA  . ALA A 1 115 ? 7.642   8.059   -0.810  1.00 46.09  ? 113 ALA A CA  1 
ATOM   724 C  C   . ALA A 1 115 ? 6.613   8.568   0.195   1.00 47.78  ? 113 ALA A C   1 
ATOM   725 O  O   . ALA A 1 115 ? 6.168   7.801   1.049   1.00 48.27  ? 113 ALA A O   1 
ATOM   726 C  CB  . ALA A 1 115 ? 6.975   7.640   -2.102  1.00 45.11  ? 113 ALA A CB  1 
ATOM   727 N  N   . PRO A 1 116 ? 6.253   9.869   0.120   1.00 47.28  ? 114 PRO A N   1 
ATOM   728 C  CA  . PRO A 1 116 ? 5.182   10.372  0.974   1.00 45.33  ? 114 PRO A CA  1 
ATOM   729 C  C   . PRO A 1 116 ? 3.817   9.849   0.549   1.00 44.36  ? 114 PRO A C   1 
ATOM   730 O  O   . PRO A 1 116 ? 3.645   9.425   -0.596  1.00 42.35  ? 114 PRO A O   1 
ATOM   731 C  CB  . PRO A 1 116 ? 5.254   11.887  0.763   1.00 45.69  ? 114 PRO A CB  1 
ATOM   732 C  CG  . PRO A 1 116 ? 5.821   12.044  -0.589  1.00 46.04  ? 114 PRO A CG  1 
ATOM   733 C  CD  . PRO A 1 116 ? 6.827   10.943  -0.712  1.00 47.65  ? 114 PRO A CD  1 
ATOM   734 N  N   . ARG A 1 117 ? 2.869   9.883   1.484   1.00 45.81  ? 115 ARG A N   1 
ATOM   735 C  CA  . ARG A 1 117 ? 1.498   9.434   1.258   1.00 47.95  ? 115 ARG A CA  1 
ATOM   736 C  C   . ARG A 1 117 ? 0.890   10.160  0.066   1.00 44.71  ? 115 ARG A C   1 
ATOM   737 O  O   . ARG A 1 117 ? 0.904   11.389  -0.008  1.00 42.21  ? 115 ARG A O   1 
ATOM   738 C  CB  . ARG A 1 117 ? 0.658   9.655   2.518   1.00 52.22  ? 115 ARG A CB  1 
ATOM   739 C  CG  . ARG A 1 117 ? -0.683  8.919   2.558   1.00 60.62  ? 115 ARG A CG  1 
ATOM   740 C  CD  . ARG A 1 117 ? -1.868  9.839   2.240   1.00 67.10  ? 115 ARG A CD  1 
ATOM   741 N  NE  . ARG A 1 117 ? -1.755  11.155  2.868   1.00 68.67  ? 115 ARG A NE  1 
ATOM   742 C  CZ  . ARG A 1 117 ? -2.777  11.972  3.109   1.00 72.02  ? 115 ARG A CZ  1 
ATOM   743 N  NH1 . ARG A 1 117 ? -4.016  11.616  2.797   1.00 71.90  ? 115 ARG A NH1 1 
ATOM   744 N  NH2 . ARG A 1 117 ? -2.563  13.148  3.682   1.00 75.08  ? 115 ARG A NH2 1 
ATOM   745 N  N   . LEU A 1 118 ? 0.382   9.376   -0.875  1.00 42.78  ? 116 LEU A N   1 
ATOM   746 C  CA  . LEU A 1 118 ? -0.142  9.912   -2.114  1.00 39.39  ? 116 LEU A CA  1 
ATOM   747 C  C   . LEU A 1 118 ? -1.616  9.589   -2.255  1.00 36.34  ? 116 LEU A C   1 
ATOM   748 O  O   . LEU A 1 118 ? -2.018  8.450   -2.063  1.00 40.75  ? 116 LEU A O   1 
ATOM   749 C  CB  . LEU A 1 118 ? 0.635   9.345   -3.303  1.00 38.32  ? 116 LEU A CB  1 
ATOM   750 C  CG  . LEU A 1 118 ? 0.389   10.004  -4.660  1.00 39.67  ? 116 LEU A CG  1 
ATOM   751 C  CD1 . LEU A 1 118 ? 1.208   11.269  -4.819  1.00 42.95  ? 116 LEU A CD1 1 
ATOM   752 C  CD2 . LEU A 1 118 ? 0.711   9.045   -5.752  1.00 35.82  ? 116 LEU A CD2 1 
ATOM   753 N  N   . VAL A 1 119 ? -2.418  10.602  -2.562  1.00 32.02  ? 117 VAL A N   1 
ATOM   754 C  CA  . VAL A 1 119 ? -3.816  10.400  -2.927  1.00 29.27  ? 117 VAL A CA  1 
ATOM   755 C  C   . VAL A 1 119 ? -4.012  10.896  -4.361  1.00 31.71  ? 117 VAL A C   1 
ATOM   756 O  O   . VAL A 1 119 ? -3.626  12.012  -4.687  1.00 32.84  ? 117 VAL A O   1 
ATOM   757 C  CB  . VAL A 1 119 ? -4.783  11.126  -1.965  1.00 26.39  ? 117 VAL A CB  1 
ATOM   758 C  CG1 . VAL A 1 119 ? -6.209  10.680  -2.211  1.00 25.48  ? 117 VAL A CG1 1 
ATOM   759 C  CG2 . VAL A 1 119 ? -4.418  10.851  -0.526  1.00 21.13  ? 117 VAL A CG2 1 
ATOM   760 N  N   . VAL A 1 120 ? -4.564  10.040  -5.219  1.00 33.14  ? 118 VAL A N   1 
ATOM   761 C  CA  . VAL A 1 120 ? -4.877  10.393  -6.609  1.00 35.93  ? 118 VAL A CA  1 
ATOM   762 C  C   . VAL A 1 120 ? -6.361  10.145  -6.846  1.00 36.88  ? 118 VAL A C   1 
ATOM   763 O  O   . VAL A 1 120 ? -6.789  8.997   -6.967  1.00 40.41  ? 118 VAL A O   1 
ATOM   764 C  CB  . VAL A 1 120 ? -4.069  9.555   -7.635  1.00 36.27  ? 118 VAL A CB  1 
ATOM   765 C  CG1 . VAL A 1 120 ? -4.280  10.091  -9.039  1.00 39.90  ? 118 VAL A CG1 1 
ATOM   766 C  CG2 . VAL A 1 120 ? -2.590  9.532   -7.306  1.00 34.47  ? 118 VAL A CG2 1 
ATOM   767 N  N   . GLY A 1 121 ? -7.144  11.215  -6.929  1.00 38.33  ? 119 GLY A N   1 
ATOM   768 C  CA  . GLY A 1 121 ? -8.599  11.099  -6.851  1.00 40.45  ? 119 GLY A CA  1 
ATOM   769 C  C   . GLY A 1 121 ? -8.916  10.816  -5.396  1.00 44.87  ? 119 GLY A C   1 
ATOM   770 O  O   . GLY A 1 121 ? -8.478  11.554  -4.513  1.00 48.03  ? 119 GLY A O   1 
ATOM   771 N  N   . ASP A 1 122 ? -9.658  9.746   -5.132  1.00 46.41  ? 120 ASP A N   1 
ATOM   772 C  CA  . ASP A 1 122 ? -9.801  9.256   -3.755  1.00 48.33  ? 120 ASP A CA  1 
ATOM   773 C  C   . ASP A 1 122 ? -9.301  7.812   -3.603  1.00 43.93  ? 120 ASP A C   1 
ATOM   774 O  O   . ASP A 1 122 ? -9.933  6.966   -2.963  1.00 42.65  ? 120 ASP A O   1 
ATOM   775 C  CB  . ASP A 1 122 ? -11.219 9.471   -3.199  1.00 52.79  ? 120 ASP A CB  1 
ATOM   776 C  CG  . ASP A 1 122 ? -12.295 9.313   -4.251  1.00 59.94  ? 120 ASP A CG  1 
ATOM   777 O  OD1 . ASP A 1 122 ? -13.082 10.264  -4.443  1.00 58.64  ? 120 ASP A OD1 1 
ATOM   778 O  OD2 . ASP A 1 122 ? -12.348 8.241   -4.889  1.00 72.36  ? 120 ASP A OD2 1 
ATOM   779 N  N   . VAL A 1 123 ? -8.147  7.560   -4.217  1.00 37.87  ? 121 VAL A N   1 
ATOM   780 C  CA  . VAL A 1 123 ? -7.398  6.327   -4.040  1.00 35.03  ? 121 VAL A CA  1 
ATOM   781 C  C   . VAL A 1 123 ? -6.062  6.694   -3.398  1.00 32.89  ? 121 VAL A C   1 
ATOM   782 O  O   . VAL A 1 123 ? -5.301  7.492   -3.945  1.00 33.06  ? 121 VAL A O   1 
ATOM   783 C  CB  . VAL A 1 123 ? -7.160  5.586   -5.388  1.00 33.51  ? 121 VAL A CB  1 
ATOM   784 C  CG1 . VAL A 1 123 ? -6.424  4.275   -5.166  1.00 34.50  ? 121 VAL A CG1 1 
ATOM   785 C  CG2 . VAL A 1 123 ? -8.470  5.319   -6.107  1.00 32.13  ? 121 VAL A CG2 1 
ATOM   786 N  N   . THR A 1 124 ? -5.798  6.121   -2.227  1.00 31.81  ? 122 THR A N   1 
ATOM   787 C  CA  . THR A 1 124 ? -4.540  6.325   -1.513  1.00 29.12  ? 122 THR A CA  1 
ATOM   788 C  C   . THR A 1 124 ? -3.517  5.275   -1.923  1.00 29.26  ? 122 THR A C   1 
ATOM   789 O  O   . THR A 1 124 ? -3.833  4.094   -2.019  1.00 31.23  ? 122 THR A O   1 
ATOM   790 C  CB  . THR A 1 124 ? -4.743  6.277   0.008   1.00 28.27  ? 122 THR A CB  1 
ATOM   791 O  OG1 . THR A 1 124 ? -5.856  7.105   0.359   1.00 42.31  ? 122 THR A OG1 1 
ATOM   792 C  CG2 . THR A 1 124 ? -3.506  6.775   0.746   1.00 28.83  ? 122 THR A CG2 1 
ATOM   793 N  N   . VAL A 1 125 ? -2.294  5.725   -2.182  1.00 30.64  ? 123 VAL A N   1 
ATOM   794 C  CA  . VAL A 1 125 ? -1.204  4.853   -2.581  1.00 29.89  ? 123 VAL A CA  1 
ATOM   795 C  C   . VAL A 1 125 ? -0.006  5.097   -1.673  1.00 32.56  ? 123 VAL A C   1 
ATOM   796 O  O   . VAL A 1 125 ? 0.490   6.222   -1.585  1.00 33.81  ? 123 VAL A O   1 
ATOM   797 C  CB  . VAL A 1 125 ? -0.781  5.102   -4.045  1.00 31.96  ? 123 VAL A CB  1 
ATOM   798 C  CG1 . VAL A 1 125 ? 0.213   4.039   -4.503  1.00 32.76  ? 123 VAL A CG1 1 
ATOM   799 C  CG2 . VAL A 1 125 ? -2.000  5.132   -4.975  1.00 34.92  ? 123 VAL A CG2 1 
ATOM   800 N  N   . ALA A 1 126 ? 0.438   4.038   -0.996  1.00 31.92  ? 124 ALA A N   1 
ATOM   801 C  CA  . ALA A 1 126 ? 1.658   4.058   -0.183  1.00 29.61  ? 124 ALA A CA  1 
ATOM   802 C  C   . ALA A 1 126 ? 2.697   3.139   -0.800  1.00 30.96  ? 124 ALA A C   1 
ATOM   803 O  O   . ALA A 1 126 ? 2.410   1.981   -1.059  1.00 35.70  ? 124 ALA A O   1 
ATOM   804 C  CB  . ALA A 1 126 ? 1.360   3.613   1.228   1.00 22.89  ? 124 ALA A CB  1 
ATOM   805 N  N   . ILE A 1 127 ? 3.904   3.642   -1.030  1.00 31.41  ? 125 ILE A N   1 
ATOM   806 C  CA  . ILE A 1 127 ? 4.954   2.808   -1.620  1.00 32.72  ? 125 ILE A CA  1 
ATOM   807 C  C   . ILE A 1 127 ? 6.008   2.407   -0.588  1.00 30.99  ? 125 ILE A C   1 
ATOM   808 O  O   . ILE A 1 127 ? 6.587   3.258   0.085   1.00 28.92  ? 125 ILE A O   1 
ATOM   809 C  CB  . ILE A 1 127 ? 5.600   3.457   -2.888  1.00 34.75  ? 125 ILE A CB  1 
ATOM   810 C  CG1 . ILE A 1 127 ? 4.583   3.545   -4.028  1.00 34.37  ? 125 ILE A CG1 1 
ATOM   811 C  CG2 . ILE A 1 127 ? 6.795   2.648   -3.394  1.00 31.44  ? 125 ILE A CG2 1 
ATOM   812 C  CD1 . ILE A 1 127 ? 3.961   4.902   -4.194  1.00 40.57  ? 125 ILE A CD1 1 
ATOM   813 N  N   . ALA A 1 128 ? 6.227   1.100   -0.466  1.00 32.82  ? 126 ALA A N   1 
ATOM   814 C  CA  . ALA A 1 128 ? 7.293   0.559   0.371   1.00 36.04  ? 126 ALA A CA  1 
ATOM   815 C  C   . ALA A 1 128 ? 8.295   -0.229  -0.461  1.00 40.48  ? 126 ALA A C   1 
ATOM   816 O  O   . ALA A 1 128 ? 7.931   -0.842  -1.458  1.00 38.14  ? 126 ALA A O   1 
ATOM   817 C  CB  . ALA A 1 128 ? 6.718   -0.313  1.466   1.00 32.58  ? 126 ALA A CB  1 
HETATM 818 N  N   . MSE A 1 129 ? 9.561   -0.192  -0.050  1.00 49.22  ? 127 MSE A N   1 
HETATM 819 C  CA  . MSE A 1 129 ? 10.608  -1.033  -0.631  1.00 59.19  ? 127 MSE A CA  1 
HETATM 820 C  C   . MSE A 1 129 ? 11.251  -1.883  0.447   1.00 58.80  ? 127 MSE A C   1 
HETATM 821 O  O   . MSE A 1 129 ? 11.408  -1.436  1.581   1.00 58.71  ? 127 MSE A O   1 
HETATM 822 C  CB  . MSE A 1 129 ? 11.675  -0.187  -1.315  1.00 59.70  ? 127 MSE A CB  1 
HETATM 823 C  CG  . MSE A 1 129 ? 11.564  -0.160  -2.817  1.00 67.28  ? 127 MSE A CG  1 
HETATM 824 SE SE  . MSE A 1 129 ? 12.077  1.566   -3.551  1.00 76.25  ? 127 MSE A SE  1 
HETATM 825 C  CE  . MSE A 1 129 ? 11.971  1.173   -5.459  1.00 69.56  ? 127 MSE A CE  1 
ATOM   826 N  N   . THR A 1 130 ? 11.629  -3.105  0.088   1.00 63.57  ? 128 THR A N   1 
ATOM   827 C  CA  . THR A 1 130 ? 12.194  -4.041  1.053   1.00 67.69  ? 128 THR A CA  1 
ATOM   828 C  C   . THR A 1 130 ? 13.720  -4.087  0.970   1.00 72.36  ? 128 THR A C   1 
ATOM   829 O  O   . THR A 1 130 ? 14.310  -3.491  0.068   1.00 72.02  ? 128 THR A O   1 
ATOM   830 C  CB  . THR A 1 130 ? 11.573  -5.450  0.906   1.00 66.50  ? 128 THR A CB  1 
ATOM   831 O  OG1 . THR A 1 130 ? 11.884  -6.233  2.065   1.00 67.62  ? 128 THR A OG1 1 
ATOM   832 C  CG2 . THR A 1 130 ? 12.074  -6.150  -0.348  1.00 66.30  ? 128 THR A CG2 1 
ATOM   833 N  N   . SER A 1 131 ? 14.335  -4.792  1.923   1.00 80.00  ? 129 SER A N   1 
ATOM   834 C  CA  . SER A 1 131 ? 15.797  -4.919  2.049   1.00 87.34  ? 129 SER A CA  1 
ATOM   835 C  C   . SER A 1 131 ? 16.528  -5.321  0.760   1.00 90.69  ? 129 SER A C   1 
ATOM   836 O  O   . SER A 1 131 ? 17.571  -4.748  0.436   1.00 90.82  ? 129 SER A O   1 
ATOM   837 C  CB  . SER A 1 131 ? 16.150  -5.903  3.173   1.00 88.65  ? 129 SER A CB  1 
ATOM   838 O  OG  . SER A 1 131 ? 15.568  -5.511  4.404   1.00 89.22  ? 129 SER A OG  1 
ATOM   839 N  N   . ASP A 1 132 ? 15.979  -6.296  0.036   1.00 95.19  ? 130 ASP A N   1 
ATOM   840 C  CA  . ASP A 1 132 ? 16.536  -6.722  -1.253  1.00 99.50  ? 130 ASP A CA  1 
ATOM   841 C  C   . ASP A 1 132 ? 15.824  -6.053  -2.432  1.00 100.28 ? 130 ASP A C   1 
ATOM   842 O  O   . ASP A 1 132 ? 16.180  -4.946  -2.844  1.00 100.15 ? 130 ASP A O   1 
ATOM   843 C  CB  . ASP A 1 132 ? 16.502  -8.253  -1.397  1.00 101.75 ? 130 ASP A CB  1 
ATOM   844 C  CG  . ASP A 1 132 ? 15.092  -8.827  -1.314  1.00 105.22 ? 130 ASP A CG  1 
ATOM   845 O  OD1 . ASP A 1 132 ? 14.562  -9.263  -2.361  1.00 105.97 ? 130 ASP A OD1 1 
ATOM   846 O  OD2 . ASP A 1 132 ? 14.516  -8.846  -0.204  1.00 107.37 ? 130 ASP A OD2 1 
HETATM 847 S  S   . SO4 B 2 .   ? -5.035  5.542   4.283   0.50 42.26  ? 201 SO4 A S   1 
HETATM 848 O  O1  . SO4 B 2 .   ? -5.606  4.215   4.080   0.50 36.93  ? 201 SO4 A O1  1 
HETATM 849 O  O2  . SO4 B 2 .   ? -3.622  5.541   3.930   0.50 41.99  ? 201 SO4 A O2  1 
HETATM 850 O  O3  . SO4 B 2 .   ? -5.732  6.510   3.445   0.50 43.05  ? 201 SO4 A O3  1 
HETATM 851 O  O4  . SO4 B 2 .   ? -5.182  5.924   5.684   0.50 44.61  ? 201 SO4 A O4  1 
HETATM 852 O  O   . HOH C 3 .   ? -5.609  -0.391  2.595   1.00 36.82  ? 301 HOH A O   1 
HETATM 853 O  O   . HOH C 3 .   ? -8.634  -0.257  1.919   1.00 59.06  ? 302 HOH A O   1 
HETATM 854 O  O   . HOH C 3 .   ? 3.362   -2.450  -12.877 1.00 39.11  ? 304 HOH A O   1 
HETATM 855 O  O   . HOH C 3 .   ? 2.145   -0.255  -14.143 1.00 50.86  ? 305 HOH A O   1 
HETATM 856 O  O   . HOH C 3 .   ? 2.740   -9.292  -8.738  1.00 33.08  ? 306 HOH A O   1 
HETATM 857 O  O   . HOH C 3 .   ? -8.509  -9.484  8.628   1.00 49.27  ? 307 HOH A O   1 
HETATM 858 O  O   . HOH C 3 .   ? -8.522  -10.964 10.627  1.00 48.78  ? 308 HOH A O   1 
HETATM 859 O  O   . HOH C 3 .   ? -3.955  -10.321 -8.902  1.00 42.45  ? 309 HOH A O   1 
HETATM 860 O  O   . HOH C 3 .   ? 3.475   -11.271 3.446   1.00 58.82  ? 310 HOH A O   1 
HETATM 861 O  O   . HOH C 3 .   ? 1.579   -10.632 5.686   1.00 58.07  ? 311 HOH A O   1 
HETATM 862 O  O   . HOH C 3 .   ? 4.201   6.053   0.803   1.00 44.16  ? 312 HOH A O   1 
HETATM 863 O  O   . HOH C 3 .   ? 8.356   5.025   -13.569 1.00 40.44  ? 313 HOH A O   1 
HETATM 864 O  O   . HOH C 3 .   ? 3.239   6.922   -1.599  1.00 43.82  ? 314 HOH A O   1 
# 
